data_7JVK
#
_entry.id   7JVK
#
_cell.length_a   76.437
_cell.length_b   155.275
_cell.length_c   88.271
_cell.angle_alpha   90.000
_cell.angle_beta   110.330
_cell.angle_gamma   90.000
#
_symmetry.space_group_name_H-M   'P 1 21 1'
#
loop_
_entity.id
_entity.type
_entity.pdbx_description
1 polymer 'L-ornithine N(5)-monooxygenase'
2 non-polymer 'FLAVIN-ADENINE DINUCLEOTIDE'
3 non-polymer 'TRIETHYLENE GLYCOL'
4 non-polymer 'ACETATE ION'
5 non-polymer 'CALCIUM ION'
6 water water
#
_entity_poly.entity_id   1
_entity_poly.type   'polypeptide(L)'
_entity_poly.pdbx_seq_one_letter_code
;MESVERKSESSYLGMRNMQPEQRLSLDPPRLRSTPQDELHDLLCVGFGPASLAIAIALHDALDPRLNKSASNIHAQPKIC
FLERQKQFAWHSGMLVPGSKAQISFIKDLATLRDPRSSFTFLNYLHQKGRLIHFTNLSTFLPARLEFEDYMRWCAQQFSD
VVAYGEEVVEVIPGKSDPSSSVVDFFTVRSRNVETGEISARRTRKVVIAIGGTAKMPSGLPQDPRIIHSSKYCTTLPALL
KDKSKPYNIAVLGSGQSAAEIFHDLQKRYPNSRTTLIMRDSAMRPSDDSPFVNEIFNPERVDKFYSQSAAERQRSLLADK
ATNYSVVRLELIEEIYNDMYLQRVKNPDETQWQHRILPERKITRVEHHGPQSRMRIHLKSSKPESEGAANDVKETLEVDA
LMVATGYNRNAHERLLSKVQHLRPTGQDQWKPHRDYRVEMDPSKVSSEAGIWLQGCNERTHGLSDSLLSVLAVRGGEMVQ
SIFGEQLERAAVQGHQLRAML
;
_entity_poly.pdbx_strand_id   A,B,C,D
#
loop_
_chem_comp.id
_chem_comp.type
_chem_comp.name
_chem_comp.formula
ACT non-polymer 'ACETATE ION' 'C2 H3 O2 -1'
CA non-polymer 'CALCIUM ION' 'Ca 2'
FAD non-polymer 'FLAVIN-ADENINE DINUCLEOTIDE' 'C27 H33 N9 O15 P2'
PGE non-polymer 'TRIETHYLENE GLYCOL' 'C6 H14 O4'
#
# COMPACT_ATOMS: atom_id res chain seq x y z
N ARG A 30 -2.98 40.68 -12.81
CA ARG A 30 -3.82 41.73 -12.25
C ARG A 30 -3.02 42.75 -11.42
N LEU A 31 -1.99 42.30 -10.69
CA LEU A 31 -1.15 43.26 -9.97
C LEU A 31 -0.41 44.14 -10.98
N ARG A 32 -0.63 45.45 -10.92
CA ARG A 32 0.05 46.33 -11.85
C ARG A 32 1.46 46.65 -11.35
N SER A 33 2.36 46.91 -12.30
CA SER A 33 3.74 47.21 -11.94
C SER A 33 3.84 48.60 -11.34
N THR A 34 4.86 48.78 -10.52
CA THR A 34 5.23 50.08 -10.00
C THR A 34 6.49 50.54 -10.70
N PRO A 35 6.55 51.80 -11.13
CA PRO A 35 7.78 52.27 -11.80
C PRO A 35 8.98 52.04 -10.93
N GLN A 36 10.06 51.58 -11.57
CA GLN A 36 11.27 51.15 -10.87
C GLN A 36 11.76 52.17 -9.85
N ASP A 37 11.78 53.46 -10.21
CA ASP A 37 12.38 54.47 -9.36
C ASP A 37 11.38 55.15 -8.43
N GLU A 38 10.18 54.61 -8.32
CA GLU A 38 9.20 55.11 -7.38
C GLU A 38 9.39 54.44 -6.02
N LEU A 39 8.96 55.11 -4.96
CA LEU A 39 9.05 54.55 -3.63
C LEU A 39 8.03 53.43 -3.45
N HIS A 40 8.51 52.21 -3.20
CA HIS A 40 7.65 51.04 -3.12
C HIS A 40 7.10 50.86 -1.72
N ASP A 41 5.96 50.17 -1.63
CA ASP A 41 5.46 49.72 -0.34
C ASP A 41 6.23 48.48 0.12
N LEU A 42 6.42 47.53 -0.77
CA LEU A 42 7.13 46.32 -0.43
C LEU A 42 7.99 45.89 -1.59
N LEU A 43 9.19 45.44 -1.25
CA LEU A 43 10.08 44.77 -2.21
C LEU A 43 10.46 43.43 -1.62
N CYS A 44 10.22 42.35 -2.38
CA CYS A 44 10.60 41.02 -1.93
C CYS A 44 11.89 40.61 -2.64
N VAL A 45 12.86 40.14 -1.88
CA VAL A 45 14.10 39.61 -2.44
C VAL A 45 13.90 38.12 -2.63
N GLY A 46 13.95 37.69 -3.89
CA GLY A 46 13.68 36.31 -4.24
C GLY A 46 12.28 36.11 -4.74
N PHE A 47 12.09 35.26 -5.75
CA PHE A 47 10.75 34.92 -6.20
C PHE A 47 10.64 33.42 -6.35
N GLY A 48 10.88 32.74 -5.24
CA GLY A 48 10.61 31.33 -5.12
C GLY A 48 9.26 31.15 -4.50
N PRO A 49 8.95 29.94 -4.03
CA PRO A 49 7.59 29.68 -3.50
C PRO A 49 7.19 30.59 -2.34
N ALA A 50 8.12 30.99 -1.47
CA ALA A 50 7.76 31.81 -0.32
C ALA A 50 7.27 33.19 -0.75
N SER A 51 8.00 33.85 -1.65
CA SER A 51 7.53 35.14 -2.16
C SER A 51 6.29 34.95 -3.03
N LEU A 52 6.27 33.90 -3.85
CA LEU A 52 5.11 33.64 -4.71
C LEU A 52 3.83 33.48 -3.89
N ALA A 53 3.93 32.80 -2.74
CA ALA A 53 2.79 32.67 -1.86
C ALA A 53 2.30 34.03 -1.39
N ILE A 54 3.23 34.96 -1.15
CA ILE A 54 2.87 36.32 -0.75
C ILE A 54 2.18 37.05 -1.89
N ALA A 55 2.75 36.97 -3.10
CA ALA A 55 2.10 37.58 -4.26
C ALA A 55 0.69 37.03 -4.43
N ILE A 56 0.52 35.72 -4.27
CA ILE A 56 -0.79 35.12 -4.44
C ILE A 56 -1.74 35.60 -3.36
N ALA A 57 -1.26 35.66 -2.12
CA ALA A 57 -2.13 36.11 -1.04
C ALA A 57 -2.48 37.59 -1.17
N LEU A 58 -1.57 38.41 -1.68
CA LEU A 58 -1.94 39.81 -1.93
C LEU A 58 -3.00 39.90 -3.01
N HIS A 59 -2.78 39.20 -4.12
CA HIS A 59 -3.80 39.14 -5.16
C HIS A 59 -5.16 38.75 -4.58
N ASP A 60 -5.19 37.71 -3.76
CA ASP A 60 -6.46 37.24 -3.21
C ASP A 60 -7.06 38.24 -2.24
N ALA A 61 -6.22 38.96 -1.51
CA ALA A 61 -6.77 39.94 -0.58
C ALA A 61 -7.46 41.08 -1.33
N LEU A 62 -7.00 41.38 -2.55
CA LEU A 62 -7.52 42.44 -3.40
C LEU A 62 -8.67 41.99 -4.29
N ASP A 63 -9.00 40.70 -4.31
CA ASP A 63 -10.07 40.13 -5.11
C ASP A 63 -11.42 40.26 -4.44
N PRO A 64 -12.33 41.06 -4.98
CA PRO A 64 -13.65 41.20 -4.35
C PRO A 64 -14.46 39.91 -4.30
N ARG A 65 -14.14 38.89 -5.10
CA ARG A 65 -14.82 37.61 -4.97
C ARG A 65 -14.45 36.91 -3.67
N LEU A 66 -13.19 36.97 -3.28
CA LEU A 66 -12.68 36.25 -2.12
C LEU A 66 -12.79 37.07 -0.84
N ASN A 67 -12.59 38.38 -0.92
CA ASN A 67 -12.70 39.26 0.25
C ASN A 67 -13.70 40.36 -0.06
N LYS A 68 -14.88 40.28 0.57
CA LYS A 68 -15.94 41.25 0.30
C LYS A 68 -15.47 42.67 0.53
N SER A 69 -14.74 42.89 1.62
CA SER A 69 -14.21 44.21 1.96
C SER A 69 -13.31 44.82 0.89
N ALA A 70 -12.89 44.05 -0.10
CA ALA A 70 -11.88 44.51 -1.06
C ALA A 70 -12.48 45.23 -2.26
N SER A 71 -13.79 45.12 -2.48
CA SER A 71 -14.41 45.85 -3.58
C SER A 71 -14.20 47.35 -3.44
N ASN A 72 -14.19 47.85 -2.21
CA ASN A 72 -13.93 49.26 -1.91
C ASN A 72 -12.45 49.49 -1.63
N ILE A 73 -11.59 48.95 -2.50
CA ILE A 73 -10.15 49.20 -2.47
C ILE A 73 -9.75 49.53 -3.91
N HIS A 74 -9.63 50.82 -4.21
CA HIS A 74 -9.31 51.26 -5.56
C HIS A 74 -7.84 51.64 -5.69
N ALA A 75 -6.97 51.11 -4.81
CA ALA A 75 -5.55 51.41 -4.80
C ALA A 75 -4.79 50.14 -4.42
N GLN A 76 -3.92 49.69 -5.32
CA GLN A 76 -3.07 48.54 -5.10
C GLN A 76 -1.74 48.95 -4.47
N PRO A 77 -1.22 48.19 -3.51
CA PRO A 77 0.10 48.49 -2.98
C PRO A 77 1.16 48.46 -4.07
N LYS A 78 2.19 49.29 -3.90
CA LYS A 78 3.31 49.34 -4.82
C LYS A 78 4.28 48.22 -4.44
N ILE A 79 4.27 47.13 -5.21
CA ILE A 79 4.99 45.92 -4.86
C ILE A 79 5.93 45.53 -5.99
N CYS A 80 7.04 44.92 -5.63
CA CYS A 80 8.09 44.55 -6.57
C CYS A 80 8.80 43.31 -6.04
N PHE A 81 9.16 42.39 -6.93
CA PHE A 81 9.91 41.18 -6.60
C PHE A 81 11.16 41.11 -7.46
N LEU A 82 12.31 40.82 -6.83
CA LEU A 82 13.59 40.65 -7.52
C LEU A 82 14.06 39.20 -7.37
N GLU A 83 14.21 38.53 -8.50
CA GLU A 83 14.60 37.11 -8.55
C GLU A 83 15.89 36.97 -9.37
N ARG A 84 16.89 36.28 -8.80
CA ARG A 84 18.17 36.24 -9.48
C ARG A 84 18.14 35.34 -10.71
N GLN A 85 17.33 34.27 -10.69
CA GLN A 85 17.22 33.41 -11.86
C GLN A 85 16.54 34.13 -13.01
N LYS A 86 16.78 33.62 -14.21
CA LYS A 86 16.29 34.25 -15.42
C LYS A 86 14.80 34.04 -15.62
N GLN A 87 14.21 33.06 -14.93
CA GLN A 87 12.76 32.84 -14.93
C GLN A 87 12.42 32.08 -13.66
N PHE A 88 11.12 31.90 -13.42
CA PHE A 88 10.73 31.12 -12.24
C PHE A 88 11.18 29.68 -12.40
N ALA A 89 11.79 29.12 -11.36
CA ALA A 89 12.24 27.74 -11.39
C ALA A 89 12.35 27.27 -9.95
N TRP A 90 11.98 26.02 -9.72
CA TRP A 90 11.92 25.44 -8.39
C TRP A 90 12.91 24.26 -8.33
N HIS A 91 14.07 24.51 -7.72
CA HIS A 91 15.10 23.48 -7.50
C HIS A 91 15.36 22.69 -8.77
N SER A 92 15.64 23.41 -9.85
CA SER A 92 15.73 22.76 -11.16
C SER A 92 16.91 21.81 -11.23
N GLY A 93 17.96 22.02 -10.43
CA GLY A 93 19.05 21.07 -10.35
C GLY A 93 18.63 19.71 -9.83
N MET A 94 17.46 19.63 -9.21
CA MET A 94 17.00 18.36 -8.64
C MET A 94 15.70 17.87 -9.26
N LEU A 95 15.35 18.36 -10.45
CA LEU A 95 14.20 17.83 -11.19
C LEU A 95 14.59 16.50 -11.81
N VAL A 96 14.80 15.51 -10.96
CA VAL A 96 15.30 14.23 -11.46
C VAL A 96 14.11 13.42 -11.97
N PRO A 97 14.31 12.59 -13.00
CA PRO A 97 13.20 11.80 -13.56
C PRO A 97 12.50 10.96 -12.49
N GLY A 98 11.17 11.07 -12.48
CA GLY A 98 10.35 10.33 -11.54
C GLY A 98 10.29 10.91 -10.15
N SER A 99 10.96 12.03 -9.86
CA SER A 99 10.90 12.58 -8.51
C SER A 99 9.52 13.17 -8.23
N LYS A 100 9.08 13.00 -6.99
CA LYS A 100 7.79 13.49 -6.54
C LYS A 100 7.99 14.68 -5.61
N ALA A 101 7.03 15.59 -5.62
CA ALA A 101 6.97 16.55 -4.53
C ALA A 101 6.73 15.80 -3.23
N GLN A 102 7.37 16.23 -2.15
CA GLN A 102 7.29 15.49 -0.90
C GLN A 102 6.12 15.94 -0.05
N ILE A 103 5.08 16.46 -0.67
CA ILE A 103 3.98 17.08 0.05
C ILE A 103 2.68 16.78 -0.66
N SER A 104 1.61 16.67 0.11
CA SER A 104 0.28 16.57 -0.47
C SER A 104 -0.06 17.85 -1.23
N PHE A 105 -0.68 17.69 -2.40
CA PHE A 105 -1.02 18.85 -3.21
C PHE A 105 -1.98 19.80 -2.51
N ILE A 106 -2.73 19.32 -1.50
CA ILE A 106 -3.60 20.22 -0.75
C ILE A 106 -2.77 21.33 -0.10
N LYS A 107 -1.50 21.05 0.19
CA LYS A 107 -0.56 22.05 0.71
C LYS A 107 0.10 22.87 -0.39
N ASP A 108 -0.66 23.27 -1.42
CA ASP A 108 -0.17 24.13 -2.48
C ASP A 108 -0.07 25.57 -2.00
N LEU A 109 0.07 26.54 -2.90
CA LEU A 109 0.29 27.91 -2.47
C LEU A 109 -0.98 28.65 -2.08
N ALA A 110 -2.15 28.02 -2.08
CA ALA A 110 -3.34 28.79 -1.72
C ALA A 110 -4.41 28.03 -0.94
N THR A 111 -4.54 26.72 -1.16
CA THR A 111 -5.76 26.01 -0.74
C THR A 111 -6.00 26.08 0.77
N LEU A 112 -4.97 25.83 1.58
CA LEU A 112 -5.18 25.86 3.02
C LEU A 112 -5.55 27.25 3.52
N ARG A 113 -5.28 28.29 2.73
CA ARG A 113 -5.75 29.61 3.12
C ARG A 113 -7.16 29.85 2.58
N ASP A 114 -7.39 29.49 1.33
CA ASP A 114 -8.73 29.65 0.75
C ASP A 114 -8.89 28.70 -0.45
N PRO A 115 -9.60 27.59 -0.29
CA PRO A 115 -9.74 26.64 -1.41
C PRO A 115 -10.41 27.22 -2.64
N ARG A 116 -11.10 28.35 -2.50
CA ARG A 116 -11.75 29.01 -3.63
C ARG A 116 -10.78 29.79 -4.49
N SER A 117 -9.56 30.00 -4.02
CA SER A 117 -8.59 30.80 -4.74
C SER A 117 -8.35 30.23 -6.14
N SER A 118 -8.12 31.14 -7.08
CA SER A 118 -7.79 30.69 -8.42
C SER A 118 -6.38 30.09 -8.51
N PHE A 119 -5.56 30.27 -7.49
CA PHE A 119 -4.20 29.77 -7.51
C PHE A 119 -4.06 28.40 -6.86
N THR A 120 -5.14 27.61 -6.75
CA THR A 120 -4.98 26.28 -6.19
C THR A 120 -4.40 25.33 -7.23
N PHE A 121 -3.75 24.27 -6.75
CA PHE A 121 -3.27 23.23 -7.64
C PHE A 121 -4.40 22.61 -8.45
N LEU A 122 -5.55 22.38 -7.83
CA LEU A 122 -6.65 21.75 -8.57
C LEU A 122 -7.16 22.68 -9.66
N ASN A 123 -7.25 23.97 -9.37
CA ASN A 123 -7.68 24.91 -10.41
C ASN A 123 -6.63 25.02 -11.50
N TYR A 124 -5.34 24.96 -11.15
CA TYR A 124 -4.30 24.88 -12.17
C TYR A 124 -4.51 23.70 -13.09
N LEU A 125 -4.75 22.52 -12.51
CA LEU A 125 -5.00 21.33 -13.32
C LEU A 125 -6.21 21.52 -14.23
N HIS A 126 -7.26 22.12 -13.69
CA HIS A 126 -8.44 22.38 -14.48
C HIS A 126 -8.12 23.30 -15.66
N GLN A 127 -7.35 24.37 -15.42
CA GLN A 127 -6.99 25.28 -16.50
C GLN A 127 -6.13 24.58 -17.56
N LYS A 128 -5.30 23.62 -17.17
CA LYS A 128 -4.48 22.91 -18.14
C LYS A 128 -5.25 21.79 -18.84
N GLY A 129 -6.51 21.55 -18.47
CA GLY A 129 -7.25 20.45 -19.06
C GLY A 129 -6.80 19.08 -18.59
N ARG A 130 -6.23 18.99 -17.39
CA ARG A 130 -5.64 17.77 -16.89
C ARG A 130 -6.28 17.26 -15.58
N LEU A 131 -7.35 17.91 -15.09
CA LEU A 131 -7.81 17.61 -13.74
C LEU A 131 -8.28 16.15 -13.62
N ILE A 132 -9.13 15.70 -14.54
CA ILE A 132 -9.59 14.32 -14.46
C ILE A 132 -8.43 13.35 -14.58
N HIS A 133 -7.45 13.68 -15.42
CA HIS A 133 -6.31 12.79 -15.61
C HIS A 133 -5.49 12.69 -14.35
N PHE A 134 -5.31 13.81 -13.65
CA PHE A 134 -4.60 13.75 -12.37
C PHE A 134 -5.40 12.93 -11.38
N THR A 135 -6.73 13.09 -11.37
CA THR A 135 -7.57 12.31 -10.46
C THR A 135 -7.34 10.81 -10.66
N ASN A 136 -7.25 10.36 -11.90
CA ASN A 136 -7.02 8.94 -12.15
C ASN A 136 -5.63 8.48 -11.72
N LEU A 137 -4.73 9.39 -11.33
CA LEU A 137 -3.46 8.98 -10.73
C LEU A 137 -3.63 8.42 -9.32
N SER A 138 -4.68 8.83 -8.60
CA SER A 138 -4.88 8.39 -7.21
C SER A 138 -3.64 8.65 -6.36
N THR A 139 -3.06 9.84 -6.52
CA THR A 139 -1.91 10.20 -5.74
C THR A 139 -2.08 11.59 -5.17
N PHE A 140 -1.56 11.79 -3.97
CA PHE A 140 -1.50 13.12 -3.40
C PHE A 140 -0.20 13.83 -3.71
N LEU A 141 0.82 13.10 -4.16
CA LEU A 141 2.13 13.67 -4.41
C LEU A 141 2.31 13.83 -5.90
N PRO A 142 2.19 15.04 -6.44
CA PRO A 142 2.52 15.23 -7.86
C PRO A 142 4.02 15.15 -8.10
N ALA A 143 4.36 14.81 -9.34
CA ALA A 143 5.75 14.90 -9.79
C ALA A 143 6.31 16.30 -9.54
N ARG A 144 7.59 16.37 -9.20
CA ARG A 144 8.22 17.67 -8.99
C ARG A 144 8.12 18.52 -10.22
N LEU A 145 8.30 17.90 -11.38
CA LEU A 145 8.20 18.61 -12.65
C LEU A 145 6.83 19.29 -12.77
N GLU A 146 5.78 18.59 -12.34
CA GLU A 146 4.43 19.13 -12.41
C GLU A 146 4.23 20.18 -11.34
N PHE A 147 4.73 19.93 -10.14
CA PHE A 147 4.54 20.94 -9.11
C PHE A 147 5.31 22.21 -9.45
N GLU A 148 6.48 22.09 -10.07
CA GLU A 148 7.17 23.27 -10.58
C GLU A 148 6.33 24.00 -11.62
N ASP A 149 5.68 23.25 -12.50
CA ASP A 149 4.89 23.90 -13.53
C ASP A 149 3.69 24.62 -12.94
N TYR A 150 3.05 24.00 -11.94
CA TYR A 150 1.98 24.67 -11.23
C TYR A 150 2.44 26.03 -10.71
N MET A 151 3.61 26.06 -10.04
CA MET A 151 4.08 27.33 -9.52
C MET A 151 4.57 28.26 -10.62
N ARG A 152 5.11 27.69 -11.70
CA ARG A 152 5.43 28.52 -12.86
C ARG A 152 4.16 29.14 -13.41
N TRP A 153 3.08 28.36 -13.47
CA TRP A 153 1.79 28.88 -13.92
C TRP A 153 1.28 30.01 -13.02
N CYS A 154 1.43 29.85 -11.69
CA CYS A 154 1.11 30.94 -10.77
C CYS A 154 1.97 32.17 -11.04
N ALA A 155 3.29 31.98 -11.16
CA ALA A 155 4.21 33.12 -11.24
C ALA A 155 3.95 33.97 -12.47
N GLN A 156 3.50 33.35 -13.57
CA GLN A 156 3.34 34.10 -14.81
C GLN A 156 2.29 35.19 -14.65
N GLN A 157 1.34 34.98 -13.74
CA GLN A 157 0.33 36.00 -13.51
C GLN A 157 0.87 37.19 -12.74
N PHE A 158 2.12 37.16 -12.29
CA PHE A 158 2.74 38.30 -11.65
C PHE A 158 3.89 38.84 -12.47
N SER A 159 3.89 38.57 -13.78
CA SER A 159 5.03 38.93 -14.63
C SER A 159 5.26 40.43 -14.65
N ASP A 160 4.24 41.24 -14.37
CA ASP A 160 4.42 42.68 -14.36
C ASP A 160 5.14 43.21 -13.12
N VAL A 161 5.28 42.42 -12.05
CA VAL A 161 5.91 42.93 -10.84
C VAL A 161 7.16 42.16 -10.45
N VAL A 162 7.64 41.25 -11.29
CA VAL A 162 8.84 40.48 -10.99
C VAL A 162 9.94 40.88 -11.96
N ALA A 163 11.06 41.37 -11.42
CA ALA A 163 12.26 41.62 -12.23
C ALA A 163 13.15 40.40 -12.07
N TYR A 164 13.23 39.59 -13.14
CA TYR A 164 14.06 38.41 -13.20
C TYR A 164 15.50 38.77 -13.58
N GLY A 165 16.40 37.84 -13.34
CA GLY A 165 17.80 38.13 -13.63
C GLY A 165 18.37 39.23 -12.78
N GLU A 166 17.80 39.46 -11.59
CA GLU A 166 18.28 40.50 -10.69
C GLU A 166 18.74 39.87 -9.38
N GLU A 167 20.03 39.91 -9.13
CA GLU A 167 20.62 39.39 -7.91
C GLU A 167 20.80 40.52 -6.91
N VAL A 168 19.98 40.52 -5.85
CA VAL A 168 20.12 41.53 -4.82
C VAL A 168 21.47 41.36 -4.15
N VAL A 169 22.19 42.47 -3.96
CA VAL A 169 23.53 42.44 -3.39
C VAL A 169 23.63 43.15 -2.03
N GLU A 170 22.79 44.16 -1.79
CA GLU A 170 22.83 44.81 -0.48
C GLU A 170 21.53 45.57 -0.25
N VAL A 171 21.25 45.81 1.04
CA VAL A 171 20.13 46.62 1.50
C VAL A 171 20.72 47.73 2.38
N ILE A 172 20.45 48.98 2.02
CA ILE A 172 21.09 50.11 2.71
C ILE A 172 20.03 51.03 3.30
N PRO A 173 20.33 51.72 4.40
CA PRO A 173 19.33 52.57 5.03
C PRO A 173 18.91 53.75 4.16
N GLY A 174 17.69 54.21 4.40
CA GLY A 174 17.17 55.38 3.73
C GLY A 174 16.63 56.38 4.72
N LYS A 175 17.07 57.63 4.61
CA LYS A 175 16.62 58.74 5.42
C LYS A 175 15.94 59.76 4.50
N SER A 176 14.61 59.73 4.44
CA SER A 176 13.87 60.64 3.58
C SER A 176 14.06 62.08 4.01
N ASP A 177 14.28 62.32 5.31
CA ASP A 177 14.52 63.65 5.83
C ASP A 177 16.01 63.80 6.14
N PRO A 178 16.77 64.59 5.37
CA PRO A 178 18.14 64.93 5.81
C PRO A 178 18.19 65.75 7.09
N SER A 179 17.06 66.27 7.57
CA SER A 179 16.98 66.94 8.86
C SER A 179 16.49 66.00 9.96
N SER A 180 16.68 64.70 9.78
CA SER A 180 16.27 63.69 10.74
C SER A 180 17.22 62.51 10.68
N SER A 181 17.53 61.94 11.85
CA SER A 181 18.38 60.78 11.95
C SER A 181 17.65 59.47 11.68
N VAL A 182 16.31 59.48 11.68
CA VAL A 182 15.54 58.26 11.62
C VAL A 182 15.54 57.71 10.21
N VAL A 183 15.72 56.38 10.11
CA VAL A 183 15.64 55.65 8.85
C VAL A 183 14.19 55.30 8.60
N ASP A 184 13.66 55.71 7.45
CA ASP A 184 12.26 55.45 7.13
C ASP A 184 12.10 54.80 5.78
N PHE A 185 13.20 54.40 5.13
CA PHE A 185 13.07 53.54 3.97
C PHE A 185 14.37 52.78 3.76
N PHE A 186 14.34 51.87 2.79
CA PHE A 186 15.51 51.12 2.40
C PHE A 186 15.71 51.17 0.88
N THR A 187 16.97 51.16 0.47
CA THR A 187 17.36 51.04 -0.92
C THR A 187 17.91 49.65 -1.14
N VAL A 188 17.34 48.92 -2.09
CA VAL A 188 17.78 47.58 -2.42
C VAL A 188 18.55 47.65 -3.72
N ARG A 189 19.81 47.22 -3.66
CA ARG A 189 20.70 47.23 -4.81
C ARG A 189 20.76 45.81 -5.36
N SER A 190 20.61 45.68 -6.68
CA SER A 190 20.68 44.38 -7.33
C SER A 190 21.59 44.47 -8.54
N ARG A 191 22.31 43.39 -8.79
CA ARG A 191 23.22 43.29 -9.91
C ARG A 191 22.55 42.43 -10.98
N ASN A 192 22.32 43.03 -12.15
CA ASN A 192 21.76 42.27 -13.26
C ASN A 192 22.73 41.16 -13.64
N VAL A 193 22.23 39.92 -13.70
CA VAL A 193 23.13 38.80 -13.87
C VAL A 193 23.74 38.76 -15.27
N GLU A 194 23.07 39.35 -16.27
CA GLU A 194 23.61 39.30 -17.63
C GLU A 194 24.48 40.50 -17.97
N THR A 195 24.15 41.69 -17.47
CA THR A 195 24.91 42.88 -17.82
C THR A 195 25.89 43.31 -16.73
N GLY A 196 25.67 42.89 -15.48
CA GLY A 196 26.45 43.39 -14.37
C GLY A 196 26.03 44.74 -13.85
N GLU A 197 25.07 45.40 -14.48
CA GLU A 197 24.65 46.73 -14.05
C GLU A 197 23.92 46.65 -12.71
N ILE A 198 24.25 47.60 -11.84
CA ILE A 198 23.64 47.71 -10.52
C ILE A 198 22.42 48.60 -10.63
N SER A 199 21.30 48.13 -10.09
CA SER A 199 20.09 48.96 -10.03
C SER A 199 19.68 49.13 -8.59
N ALA A 200 19.08 50.28 -8.28
CA ALA A 200 18.63 50.57 -6.93
C ALA A 200 17.13 50.82 -6.97
N ARG A 201 16.41 50.27 -5.99
CA ARG A 201 14.99 50.51 -5.84
C ARG A 201 14.71 50.85 -4.38
N ARG A 202 13.85 51.83 -4.16
CA ARG A 202 13.52 52.31 -2.84
C ARG A 202 12.21 51.69 -2.38
N THR A 203 12.16 51.30 -1.11
CA THR A 203 10.97 50.69 -0.56
C THR A 203 10.91 50.98 0.93
N ARG A 204 9.68 51.02 1.44
CA ARG A 204 9.49 51.14 2.88
C ARG A 204 9.74 49.82 3.58
N LYS A 205 9.32 48.71 2.96
CA LYS A 205 9.41 47.40 3.60
C LYS A 205 10.08 46.40 2.69
N VAL A 206 10.89 45.54 3.30
CA VAL A 206 11.64 44.52 2.57
C VAL A 206 11.25 43.17 3.12
N VAL A 207 11.13 42.20 2.22
CA VAL A 207 11.04 40.78 2.55
C VAL A 207 12.27 40.12 1.93
N ILE A 208 12.97 39.31 2.73
CA ILE A 208 14.09 38.49 2.27
C ILE A 208 13.59 37.05 2.24
N ALA A 209 13.43 36.50 1.05
CA ALA A 209 12.95 35.13 0.87
C ALA A 209 13.87 34.43 -0.14
N ILE A 210 15.09 34.14 0.29
CA ILE A 210 16.11 33.71 -0.65
C ILE A 210 16.50 32.25 -0.46
N GLY A 211 15.67 31.48 0.25
CA GLY A 211 15.93 30.06 0.39
C GLY A 211 17.28 29.81 1.04
N GLY A 212 18.01 28.83 0.49
CA GLY A 212 19.25 28.40 1.09
C GLY A 212 20.39 28.38 0.09
N THR A 213 21.61 28.41 0.61
CA THR A 213 22.80 28.23 -0.21
C THR A 213 23.39 26.85 0.06
N ALA A 214 24.08 26.32 -0.95
CA ALA A 214 24.64 24.97 -0.85
C ALA A 214 25.56 24.87 0.35
N LYS A 215 25.29 23.89 1.21
CA LYS A 215 26.14 23.59 2.35
C LYS A 215 27.18 22.60 1.85
N MET A 216 28.41 23.06 1.68
CA MET A 216 29.50 22.22 1.19
C MET A 216 30.41 21.87 2.34
N PRO A 217 30.83 20.61 2.45
CA PRO A 217 31.85 20.24 3.43
C PRO A 217 33.08 21.12 3.27
N SER A 218 33.62 21.56 4.39
CA SER A 218 34.81 22.40 4.34
C SER A 218 36.01 21.55 3.90
N GLY A 219 36.99 22.21 3.27
CA GLY A 219 38.18 21.50 2.84
C GLY A 219 38.15 20.96 1.44
N LEU A 220 37.01 20.97 0.77
CA LEU A 220 36.92 20.39 -0.56
C LEU A 220 37.67 21.29 -1.56
N PRO A 221 38.44 20.71 -2.47
CA PRO A 221 39.06 21.55 -3.51
C PRO A 221 37.99 22.01 -4.47
N GLN A 222 38.26 23.14 -5.12
CA GLN A 222 37.37 23.59 -6.17
C GLN A 222 37.65 22.73 -7.39
N ASP A 223 36.62 22.11 -7.89
CA ASP A 223 36.72 21.25 -9.06
C ASP A 223 35.31 21.18 -9.58
N PRO A 224 35.10 21.41 -10.88
CA PRO A 224 33.74 21.36 -11.42
C PRO A 224 33.10 19.99 -11.33
N ARG A 225 33.85 18.94 -11.02
CA ARG A 225 33.25 17.61 -10.86
C ARG A 225 32.76 17.35 -9.44
N ILE A 226 32.94 18.30 -8.52
CA ILE A 226 32.35 18.23 -7.19
C ILE A 226 31.12 19.11 -7.27
N ILE A 227 29.96 18.48 -7.30
CA ILE A 227 28.71 19.13 -7.67
C ILE A 227 27.72 18.99 -6.53
N HIS A 228 27.21 20.11 -6.04
CA HIS A 228 26.20 20.07 -5.01
C HIS A 228 24.90 19.56 -5.62
N SER A 229 24.09 18.92 -4.79
CA SER A 229 22.83 18.36 -5.29
C SER A 229 21.99 19.42 -6.00
N SER A 230 22.05 20.67 -5.56
CA SER A 230 21.30 21.75 -6.21
C SER A 230 21.71 21.99 -7.66
N LYS A 231 22.88 21.50 -8.08
CA LYS A 231 23.32 21.66 -9.47
C LYS A 231 23.37 20.33 -10.22
N TYR A 232 22.75 19.29 -9.67
CA TYR A 232 22.87 17.94 -10.24
C TYR A 232 22.40 17.88 -11.69
N CYS A 233 21.12 18.16 -11.91
CA CYS A 233 20.54 17.99 -13.26
C CYS A 233 21.12 18.96 -14.27
N THR A 234 21.68 20.07 -13.80
CA THR A 234 22.14 21.15 -14.64
C THR A 234 23.62 21.07 -14.97
N THR A 235 24.41 20.39 -14.15
CA THR A 235 25.86 20.33 -14.34
C THR A 235 26.37 18.95 -14.71
N LEU A 236 25.87 17.90 -14.06
CA LEU A 236 26.44 16.58 -14.28
C LEU A 236 26.26 16.05 -15.71
N PRO A 237 25.07 16.15 -16.35
CA PRO A 237 24.94 15.54 -17.69
C PRO A 237 25.92 16.08 -18.71
N ALA A 238 26.19 17.39 -18.67
CA ALA A 238 27.19 17.95 -19.58
C ALA A 238 28.59 17.48 -19.22
N LEU A 239 28.82 17.19 -17.95
CA LEU A 239 30.14 16.76 -17.51
C LEU A 239 30.40 15.31 -17.91
N LEU A 240 29.40 14.44 -17.78
CA LEU A 240 29.51 13.03 -18.13
C LEU A 240 28.54 12.82 -19.29
N LYS A 241 29.01 13.10 -20.52
CA LYS A 241 28.12 13.21 -21.66
C LYS A 241 27.74 11.84 -22.22
N ASP A 242 28.63 10.86 -22.18
CA ASP A 242 28.35 9.56 -22.78
C ASP A 242 27.66 8.71 -21.72
N LYS A 243 26.34 8.55 -21.85
CA LYS A 243 25.56 7.75 -20.91
C LYS A 243 26.05 6.31 -20.81
N SER A 244 26.87 5.84 -21.74
CA SER A 244 27.25 4.44 -21.72
C SER A 244 28.59 4.20 -21.06
N LYS A 245 29.37 5.24 -20.77
CA LYS A 245 30.72 5.01 -20.27
C LYS A 245 30.67 4.47 -18.84
N PRO A 246 31.65 3.65 -18.45
CA PRO A 246 31.67 3.09 -17.08
C PRO A 246 32.21 4.07 -16.05
N TYR A 247 31.52 5.21 -15.90
CA TYR A 247 31.97 6.21 -14.95
C TYR A 247 31.94 5.67 -13.52
N ASN A 248 32.84 6.15 -12.67
CA ASN A 248 32.73 6.00 -11.22
C ASN A 248 32.18 7.29 -10.64
N ILE A 249 31.06 7.22 -9.94
CA ILE A 249 30.39 8.40 -9.42
C ILE A 249 30.05 8.17 -7.95
N ALA A 250 30.54 9.05 -7.08
CA ALA A 250 30.21 8.99 -5.66
C ALA A 250 29.13 10.02 -5.33
N VAL A 251 28.31 9.70 -4.31
CA VAL A 251 27.27 10.57 -3.80
C VAL A 251 27.46 10.70 -2.30
N LEU A 252 27.52 11.92 -1.80
CA LEU A 252 27.73 12.16 -0.38
C LEU A 252 26.41 12.55 0.24
N GLY A 253 25.99 11.79 1.25
CA GLY A 253 24.77 12.10 1.98
C GLY A 253 23.87 10.91 2.23
N SER A 254 22.81 11.12 3.01
CA SER A 254 21.92 10.02 3.33
C SER A 254 20.48 10.47 3.34
N GLY A 255 20.18 11.69 2.88
CA GLY A 255 18.83 12.19 2.83
C GLY A 255 18.19 11.98 1.47
N GLN A 256 17.02 12.60 1.32
CA GLN A 256 16.17 12.37 0.14
C GLN A 256 16.92 12.67 -1.14
N SER A 257 17.62 13.81 -1.20
CA SER A 257 18.28 14.18 -2.44
C SER A 257 19.41 13.21 -2.75
N ALA A 258 20.16 12.80 -1.72
CA ALA A 258 21.22 11.83 -1.91
C ALA A 258 20.68 10.53 -2.48
N ALA A 259 19.58 10.03 -1.91
CA ALA A 259 19.01 8.77 -2.40
C ALA A 259 18.49 8.92 -3.83
N GLU A 260 17.86 10.06 -4.13
CA GLU A 260 17.38 10.25 -5.50
C GLU A 260 18.54 10.29 -6.48
N ILE A 261 19.61 10.98 -6.13
CA ILE A 261 20.75 11.07 -7.05
C ILE A 261 21.37 9.69 -7.22
N PHE A 262 21.63 8.99 -6.10
CA PHE A 262 22.19 7.64 -6.13
C PHE A 262 21.35 6.74 -7.03
N HIS A 263 20.04 6.73 -6.82
CA HIS A 263 19.15 5.88 -7.63
C HIS A 263 19.12 6.34 -9.08
N ASP A 264 19.03 7.65 -9.30
CA ASP A 264 18.93 8.14 -10.66
C ASP A 264 20.19 7.79 -11.47
N LEU A 265 21.36 7.91 -10.83
CA LEU A 265 22.60 7.68 -11.54
C LEU A 265 22.63 6.28 -12.13
N GLN A 266 22.13 5.31 -11.36
CA GLN A 266 22.20 3.92 -11.78
C GLN A 266 21.36 3.67 -13.03
N LYS A 267 20.30 4.46 -13.22
CA LYS A 267 19.46 4.38 -14.41
C LYS A 267 19.99 5.25 -15.55
N ARG A 268 20.53 6.44 -15.24
CA ARG A 268 20.99 7.32 -16.31
C ARG A 268 22.28 6.80 -16.95
N TYR A 269 23.18 6.23 -16.15
CA TYR A 269 24.46 5.68 -16.59
C TYR A 269 24.48 4.19 -16.25
N PRO A 270 23.91 3.35 -17.13
CA PRO A 270 23.67 1.96 -16.76
C PRO A 270 24.93 1.16 -16.47
N ASN A 271 26.08 1.57 -16.99
CA ASN A 271 27.35 0.90 -16.78
C ASN A 271 28.22 1.56 -15.72
N SER A 272 27.70 2.54 -14.99
CA SER A 272 28.52 3.21 -14.01
C SER A 272 28.70 2.31 -12.76
N ARG A 273 29.68 2.68 -11.93
CA ARG A 273 29.83 2.15 -10.59
C ARG A 273 29.59 3.32 -9.65
N THR A 274 28.46 3.29 -8.94
CA THR A 274 28.11 4.39 -8.04
C THR A 274 28.29 3.98 -6.60
N THR A 275 28.70 4.95 -5.79
CA THR A 275 28.94 4.73 -4.37
C THR A 275 28.28 5.84 -3.56
N LEU A 276 27.40 5.44 -2.66
CA LEU A 276 26.75 6.34 -1.71
C LEU A 276 27.54 6.30 -0.40
N ILE A 277 28.01 7.46 0.03
CA ILE A 277 28.78 7.61 1.27
C ILE A 277 27.87 8.29 2.28
N MET A 278 27.66 7.65 3.42
CA MET A 278 26.81 8.28 4.41
C MET A 278 27.46 8.16 5.77
N ARG A 279 27.30 9.22 6.55
CA ARG A 279 27.80 9.28 7.92
C ARG A 279 26.94 8.42 8.84
N ASP A 280 25.65 8.33 8.57
CA ASP A 280 24.74 7.49 9.36
C ASP A 280 24.96 6.01 9.05
N SER A 281 24.37 5.15 9.87
CA SER A 281 24.53 3.72 9.68
C SER A 281 23.60 3.16 8.62
N ALA A 282 22.55 3.89 8.27
CA ALA A 282 21.56 3.39 7.33
C ALA A 282 20.74 4.56 6.82
N MET A 283 20.28 4.43 5.59
CA MET A 283 19.22 5.29 5.10
C MET A 283 17.98 5.16 5.99
N ARG A 284 17.41 6.30 6.40
CA ARG A 284 16.29 6.24 7.33
C ARG A 284 15.00 6.79 6.72
N PRO A 285 13.86 6.22 7.09
CA PRO A 285 12.60 6.58 6.43
C PRO A 285 12.02 7.87 6.94
N SER A 286 11.28 8.52 6.06
CA SER A 286 10.51 9.69 6.45
C SER A 286 9.29 9.25 7.25
N ASP A 287 9.00 9.95 8.33
CA ASP A 287 7.83 9.66 9.13
C ASP A 287 6.59 10.20 8.41
N ASP A 288 5.73 9.31 7.92
CA ASP A 288 4.47 9.68 7.27
C ASP A 288 3.25 9.52 8.17
N SER A 289 3.46 9.26 9.46
CA SER A 289 2.34 8.98 10.35
C SER A 289 1.58 10.27 10.69
N PRO A 290 0.26 10.18 10.85
CA PRO A 290 -0.54 11.42 10.91
C PRO A 290 -0.36 12.27 12.16
N PHE A 291 -0.19 11.68 13.34
CA PHE A 291 -0.05 12.52 14.54
C PHE A 291 1.26 13.31 14.48
N VAL A 292 2.38 12.63 14.18
CA VAL A 292 3.68 13.30 14.07
C VAL A 292 3.61 14.44 13.05
N ASN A 293 3.03 14.18 11.88
CA ASN A 293 3.02 15.19 10.84
C ASN A 293 2.14 16.39 11.16
N GLU A 294 1.44 16.39 12.29
CA GLU A 294 0.76 17.60 12.72
C GLU A 294 1.75 18.73 13.05
N ILE A 295 3.04 18.42 13.24
CA ILE A 295 4.00 19.52 13.41
C ILE A 295 4.03 20.41 12.18
N PHE A 296 3.60 19.90 11.03
CA PHE A 296 3.55 20.72 9.83
C PHE A 296 2.23 21.46 9.65
N ASN A 297 1.26 21.27 10.55
CA ASN A 297 -0.01 22.00 10.42
C ASN A 297 0.26 23.50 10.50
N PRO A 298 -0.48 24.32 9.74
CA PRO A 298 -0.24 25.77 9.81
C PRO A 298 -0.46 26.32 11.20
N GLU A 299 -1.50 25.86 11.89
CA GLU A 299 -1.80 26.40 13.20
C GLU A 299 -0.81 25.94 14.26
N ARG A 300 0.09 25.02 13.93
CA ARG A 300 1.11 24.66 14.90
C ARG A 300 2.22 25.69 15.02
N VAL A 301 2.37 26.57 14.04
CA VAL A 301 3.37 27.64 14.13
C VAL A 301 3.17 28.44 15.42
N ASP A 302 1.93 28.78 15.76
CA ASP A 302 1.67 29.51 17.00
C ASP A 302 2.22 28.74 18.21
N LYS A 303 1.93 27.44 18.29
CA LYS A 303 2.41 26.63 19.41
C LYS A 303 3.93 26.57 19.42
N PHE A 304 4.55 26.30 18.27
CA PHE A 304 6.01 26.24 18.24
C PHE A 304 6.62 27.58 18.63
N TYR A 305 6.11 28.68 18.04
CA TYR A 305 6.71 30.01 18.27
C TYR A 305 6.61 30.40 19.72
N SER A 306 5.52 30.06 20.38
CA SER A 306 5.36 30.45 21.78
C SER A 306 6.20 29.63 22.74
N GLN A 307 6.85 28.56 22.27
CA GLN A 307 7.70 27.79 23.16
C GLN A 307 9.00 28.53 23.49
N SER A 308 9.59 28.16 24.63
CA SER A 308 10.89 28.72 25.02
C SER A 308 11.98 28.24 24.07
N ALA A 309 13.10 28.97 24.08
CA ALA A 309 14.23 28.61 23.23
C ALA A 309 14.71 27.18 23.49
N ALA A 310 14.87 26.81 24.77
CA ALA A 310 15.29 25.45 25.09
C ALA A 310 14.29 24.44 24.57
N GLU A 311 13.00 24.74 24.71
CA GLU A 311 11.97 23.80 24.29
C GLU A 311 11.86 23.72 22.78
N ARG A 312 12.05 24.84 22.06
CA ARG A 312 12.09 24.78 20.60
C ARG A 312 13.30 23.98 20.13
N GLN A 313 14.46 24.21 20.75
CA GLN A 313 15.65 23.44 20.39
C GLN A 313 15.43 21.95 20.61
N ARG A 314 14.85 21.59 21.76
CA ARG A 314 14.58 20.20 22.03
C ARG A 314 13.56 19.63 21.05
N SER A 315 12.51 20.39 20.75
CA SER A 315 11.47 19.91 19.85
C SER A 315 12.02 19.68 18.45
N LEU A 316 12.97 20.51 18.02
CA LEU A 316 13.63 20.30 16.73
C LEU A 316 14.39 18.98 16.71
N LEU A 317 14.99 18.61 17.85
CA LEU A 317 15.65 17.31 17.95
C LEU A 317 14.67 16.16 17.81
N ALA A 318 13.56 16.19 18.57
CA ALA A 318 12.64 15.07 18.60
C ALA A 318 11.86 14.88 17.31
N ASP A 319 12.09 15.69 16.28
CA ASP A 319 11.37 15.55 15.02
C ASP A 319 12.33 15.62 13.83
N LYS A 320 13.59 15.23 14.04
CA LYS A 320 14.59 15.32 12.99
C LYS A 320 14.22 14.45 11.79
N ALA A 321 13.53 13.33 12.03
CA ALA A 321 13.16 12.36 10.98
C ALA A 321 11.96 12.80 10.15
N THR A 322 11.88 14.08 9.78
CA THR A 322 10.76 14.57 9.00
C THR A 322 11.16 15.62 7.96
N ASN A 323 12.44 16.00 7.88
CA ASN A 323 12.89 17.03 6.94
C ASN A 323 13.37 16.40 5.63
N TYR A 324 14.43 16.96 5.06
CA TYR A 324 15.06 16.40 3.87
C TYR A 324 16.24 15.50 4.23
N SER A 325 16.50 15.29 5.53
CA SER A 325 17.56 14.42 6.03
C SER A 325 17.18 12.95 6.04
N VAL A 326 15.95 12.60 5.65
CA VAL A 326 15.49 11.22 5.59
C VAL A 326 14.91 10.96 4.20
N VAL A 327 14.47 9.72 3.97
CA VAL A 327 14.17 9.26 2.63
C VAL A 327 12.78 8.64 2.63
N ARG A 328 11.98 8.97 1.61
CA ARG A 328 10.69 8.31 1.42
C ARG A 328 10.85 6.79 1.38
N LEU A 329 10.06 6.10 2.21
CA LEU A 329 10.21 4.65 2.38
C LEU A 329 10.19 3.93 1.05
N GLU A 330 9.27 4.30 0.16
CA GLU A 330 9.17 3.62 -1.12
C GLU A 330 10.47 3.72 -1.91
N LEU A 331 11.20 4.83 -1.78
CA LEU A 331 12.47 4.94 -2.48
C LEU A 331 13.53 4.10 -1.79
N ILE A 332 13.57 4.11 -0.45
CA ILE A 332 14.48 3.21 0.27
C ILE A 332 14.26 1.77 -0.19
N GLU A 333 13.00 1.37 -0.31
CA GLU A 333 12.76 -0.02 -0.68
C GLU A 333 13.26 -0.33 -2.08
N GLU A 334 13.07 0.57 -3.03
CA GLU A 334 13.56 0.34 -4.39
C GLU A 334 15.07 0.20 -4.41
N ILE A 335 15.77 1.08 -3.69
CA ILE A 335 17.21 0.99 -3.60
C ILE A 335 17.63 -0.32 -2.95
N TYR A 336 16.95 -0.67 -1.84
CA TYR A 336 17.26 -1.94 -1.18
C TYR A 336 17.00 -3.12 -2.11
N ASN A 337 15.89 -3.09 -2.85
CA ASN A 337 15.63 -4.18 -3.78
C ASN A 337 16.75 -4.27 -4.84
N ASP A 338 17.19 -3.12 -5.37
CA ASP A 338 18.28 -3.11 -6.34
C ASP A 338 19.54 -3.73 -5.77
N MET A 339 19.92 -3.33 -4.55
CA MET A 339 21.07 -3.94 -3.92
C MET A 339 20.89 -5.45 -3.78
N TYR A 340 19.68 -5.90 -3.43
CA TYR A 340 19.44 -7.32 -3.30
C TYR A 340 19.66 -8.05 -4.61
N LEU A 341 19.22 -7.44 -5.72
CA LEU A 341 19.45 -8.07 -7.03
C LEU A 341 20.93 -8.28 -7.28
N GLN A 342 21.75 -7.31 -6.90
CA GLN A 342 23.19 -7.51 -6.98
C GLN A 342 23.63 -8.68 -6.10
N ARG A 343 22.99 -8.86 -4.96
CA ARG A 343 23.37 -9.97 -4.10
C ARG A 343 23.05 -11.29 -4.76
N VAL A 344 21.93 -11.35 -5.47
CA VAL A 344 21.58 -12.56 -6.20
C VAL A 344 22.67 -12.93 -7.19
N LYS A 345 23.20 -11.93 -7.90
CA LYS A 345 24.20 -12.20 -8.92
C LYS A 345 25.58 -12.46 -8.32
N ASN A 346 25.90 -11.82 -7.18
CA ASN A 346 27.22 -11.97 -6.59
C ASN A 346 27.13 -11.81 -5.08
N PRO A 347 27.43 -12.85 -4.29
CA PRO A 347 27.29 -12.73 -2.84
C PRO A 347 28.33 -11.81 -2.20
N ASP A 348 29.38 -11.43 -2.94
CA ASP A 348 30.47 -10.61 -2.41
C ASP A 348 30.14 -9.13 -2.62
N GLU A 349 29.74 -8.46 -1.55
CA GLU A 349 29.27 -7.08 -1.63
C GLU A 349 30.33 -6.15 -2.24
N THR A 350 31.61 -6.43 -2.01
CA THR A 350 32.67 -5.54 -2.49
C THR A 350 32.80 -5.58 -4.00
N GLN A 351 32.28 -6.61 -4.65
CA GLN A 351 32.32 -6.66 -6.11
C GLN A 351 31.07 -6.09 -6.77
N TRP A 352 30.14 -5.53 -6.00
CA TRP A 352 28.90 -5.01 -6.58
C TRP A 352 29.16 -3.76 -7.41
N GLN A 353 28.40 -3.63 -8.50
CA GLN A 353 28.44 -2.43 -9.32
C GLN A 353 28.14 -1.18 -8.49
N HIS A 354 27.07 -1.20 -7.71
CA HIS A 354 26.64 -0.05 -6.92
C HIS A 354 26.74 -0.41 -5.45
N ARG A 355 27.33 0.50 -4.64
CA ARG A 355 27.59 0.20 -3.25
C ARG A 355 27.17 1.35 -2.34
N ILE A 356 26.85 0.99 -1.10
CA ILE A 356 26.57 1.93 -0.03
C ILE A 356 27.63 1.73 1.05
N LEU A 357 28.28 2.82 1.44
CA LEU A 357 29.34 2.79 2.45
C LEU A 357 28.86 3.55 3.67
N PRO A 358 28.23 2.88 4.63
CA PRO A 358 27.67 3.57 5.78
C PRO A 358 28.75 3.87 6.82
N GLU A 359 28.42 4.79 7.71
CA GLU A 359 29.28 5.20 8.82
C GLU A 359 30.69 5.54 8.33
N ARG A 360 30.75 6.34 7.27
CA ARG A 360 32.01 6.83 6.73
C ARG A 360 31.96 8.35 6.69
N LYS A 361 33.13 8.97 6.74
CA LYS A 361 33.25 10.39 6.48
C LYS A 361 34.41 10.62 5.53
N ILE A 362 34.28 11.65 4.71
CA ILE A 362 35.36 12.03 3.82
C ILE A 362 36.41 12.78 4.61
N THR A 363 37.65 12.33 4.53
CA THR A 363 38.71 13.08 5.18
C THR A 363 39.43 13.99 4.21
N ARG A 364 39.39 13.67 2.92
CA ARG A 364 40.09 14.45 1.90
C ARG A 364 39.55 14.12 0.51
N VAL A 365 39.47 15.13 -0.36
CA VAL A 365 39.16 14.92 -1.77
C VAL A 365 40.33 15.50 -2.55
N GLU A 366 41.13 14.61 -3.10
CA GLU A 366 42.28 14.88 -3.94
C GLU A 366 41.92 15.01 -5.42
N HIS A 367 42.47 16.01 -6.09
CA HIS A 367 42.36 16.01 -7.55
C HIS A 367 43.71 16.39 -8.14
N HIS A 368 43.93 15.95 -9.39
CA HIS A 368 45.18 16.19 -10.08
C HIS A 368 44.97 16.85 -11.44
N GLY A 369 43.93 17.66 -11.58
CA GLY A 369 43.64 18.29 -12.83
C GLY A 369 42.52 17.54 -13.50
N PRO A 370 41.90 18.15 -14.50
CA PRO A 370 40.67 17.56 -15.07
C PRO A 370 40.94 16.33 -15.91
N GLN A 371 42.17 16.19 -16.40
CA GLN A 371 42.65 15.06 -17.18
C GLN A 371 42.65 13.77 -16.38
N SER A 372 42.33 13.85 -15.08
CA SER A 372 42.51 12.70 -14.20
C SER A 372 41.31 12.56 -13.30
N ARG A 373 41.26 11.43 -12.62
CA ARG A 373 40.19 11.14 -11.68
C ARG A 373 40.50 11.75 -10.32
N MET A 374 39.44 12.09 -9.60
CA MET A 374 39.56 12.48 -8.21
C MET A 374 39.62 11.25 -7.31
N ARG A 375 40.35 11.41 -6.20
CA ARG A 375 40.46 10.41 -5.16
C ARG A 375 39.70 10.91 -3.93
N ILE A 376 38.74 10.11 -3.48
CA ILE A 376 38.03 10.40 -2.25
C ILE A 376 38.59 9.49 -1.17
N HIS A 377 39.02 10.06 -0.06
CA HIS A 377 39.55 9.27 1.03
C HIS A 377 38.51 9.21 2.13
N LEU A 378 38.24 8.00 2.61
CA LEU A 378 37.16 7.74 3.55
C LEU A 378 37.73 7.21 4.85
N LYS A 379 37.11 7.63 5.95
CA LYS A 379 37.38 7.10 7.28
C LYS A 379 36.05 6.86 7.99
N SER A 380 36.10 6.02 9.02
CA SER A 380 34.92 5.81 9.85
C SER A 380 34.44 7.13 10.44
N SER A 381 33.13 7.26 10.59
CA SER A 381 32.57 8.43 11.25
C SER A 381 32.26 8.18 12.72
N LYS A 382 32.55 6.98 13.23
CA LYS A 382 32.35 6.72 14.65
C LYS A 382 33.40 7.47 15.46
N PRO A 383 33.09 7.84 16.71
CA PRO A 383 34.06 8.59 17.53
C PRO A 383 35.45 7.98 17.52
N GLU A 384 36.46 8.84 17.45
CA GLU A 384 37.85 8.45 17.31
C GLU A 384 38.28 7.47 18.40
N SER A 385 38.34 6.18 18.07
CA SER A 385 38.70 5.13 19.02
C SER A 385 39.38 3.94 18.33
N ASP A 391 38.39 1.45 12.59
CA ASP A 391 39.52 2.04 11.88
C ASP A 391 39.72 1.41 10.49
N VAL A 392 38.61 1.07 9.82
CA VAL A 392 38.63 0.45 8.50
C VAL A 392 38.21 1.50 7.47
N LYS A 393 39.19 2.00 6.72
CA LYS A 393 39.06 3.12 5.81
C LYS A 393 38.96 2.65 4.35
N GLU A 394 38.74 3.59 3.43
CA GLU A 394 38.56 3.26 2.02
C GLU A 394 39.02 4.41 1.12
N THR A 395 39.38 4.08 -0.12
CA THR A 395 39.70 5.08 -1.12
C THR A 395 38.90 4.80 -2.38
N LEU A 396 38.33 5.86 -2.95
CA LEU A 396 37.54 5.79 -4.16
C LEU A 396 38.16 6.67 -5.23
N GLU A 397 38.15 6.19 -6.47
CA GLU A 397 38.53 7.00 -7.62
C GLU A 397 37.29 7.23 -8.46
N VAL A 398 36.90 8.50 -8.60
CA VAL A 398 35.62 8.86 -9.19
C VAL A 398 35.80 9.91 -10.29
N ASP A 399 34.90 9.85 -11.27
CA ASP A 399 34.79 10.86 -12.32
C ASP A 399 33.99 12.10 -11.90
N ALA A 400 33.18 12.00 -10.85
CA ALA A 400 32.41 13.11 -10.31
C ALA A 400 31.97 12.74 -8.90
N LEU A 401 31.76 13.77 -8.08
CA LEU A 401 31.27 13.62 -6.72
C LEU A 401 30.05 14.51 -6.55
N MET A 402 28.89 13.89 -6.35
CA MET A 402 27.68 14.61 -6.00
C MET A 402 27.63 14.79 -4.48
N VAL A 403 27.31 15.99 -4.03
CA VAL A 403 27.35 16.34 -2.61
C VAL A 403 25.95 16.75 -2.21
N ALA A 404 25.24 15.87 -1.52
CA ALA A 404 23.83 16.06 -1.18
C ALA A 404 23.72 16.30 0.31
N THR A 405 24.28 17.44 0.72
CA THR A 405 24.46 17.78 2.13
C THR A 405 23.58 18.95 2.58
N GLY A 406 22.53 19.27 1.86
CA GLY A 406 21.65 20.31 2.35
C GLY A 406 22.16 21.72 2.13
N TYR A 407 21.60 22.64 2.90
CA TYR A 407 21.71 24.07 2.63
C TYR A 407 21.99 24.84 3.92
N ASN A 408 22.64 25.99 3.77
CA ASN A 408 22.65 27.00 4.81
C ASN A 408 21.58 28.03 4.46
N ARG A 409 20.95 28.59 5.50
CA ARG A 409 19.88 29.55 5.34
C ARG A 409 20.19 30.80 6.17
N ASN A 410 21.35 31.41 5.91
CA ASN A 410 21.67 32.66 6.57
C ASN A 410 22.27 33.69 5.62
N ALA A 411 22.03 33.55 4.32
CA ALA A 411 22.57 34.52 3.38
C ALA A 411 21.96 35.91 3.56
N HIS A 412 20.87 36.03 4.31
CA HIS A 412 20.34 37.35 4.62
C HIS A 412 21.31 38.17 5.48
N GLU A 413 22.21 37.53 6.23
CA GLU A 413 23.14 38.31 7.05
C GLU A 413 24.09 39.15 6.19
N ARG A 414 24.59 38.59 5.09
CA ARG A 414 25.41 39.37 4.16
C ARG A 414 24.60 40.49 3.52
N LEU A 415 23.38 40.15 3.04
CA LEU A 415 22.54 41.15 2.38
C LEU A 415 22.16 42.30 3.31
N LEU A 416 21.98 42.01 4.59
CA LEU A 416 21.48 43.00 5.54
C LEU A 416 22.60 43.63 6.35
N SER A 417 23.85 43.36 5.97
CA SER A 417 24.98 43.78 6.80
C SER A 417 25.03 45.30 6.96
N LYS A 418 24.65 46.05 5.93
CA LYS A 418 24.72 47.51 6.00
C LYS A 418 23.54 48.13 6.74
N VAL A 419 22.57 47.34 7.17
CA VAL A 419 21.49 47.83 8.01
C VAL A 419 21.50 47.20 9.39
N GLN A 420 22.50 46.38 9.71
CA GLN A 420 22.39 45.58 10.93
C GLN A 420 22.62 46.43 12.18
N HIS A 421 23.21 47.62 12.05
CA HIS A 421 23.37 48.55 13.16
C HIS A 421 22.05 49.13 13.64
N LEU A 422 20.96 48.90 12.91
CA LEU A 422 19.65 49.36 13.31
C LEU A 422 18.95 48.37 14.24
N ARG A 423 19.56 47.20 14.50
CA ARG A 423 19.02 46.26 15.46
C ARG A 423 19.12 46.83 16.88
N PRO A 424 18.22 46.38 17.77
CA PRO A 424 18.31 46.79 19.19
C PRO A 424 19.65 46.41 19.80
N THR A 425 20.06 47.20 20.80
CA THR A 425 21.34 46.99 21.50
C THR A 425 21.55 45.52 21.87
N GLY A 426 22.73 45.01 21.55
CA GLY A 426 23.17 43.70 22.01
C GLY A 426 22.70 42.51 21.20
N GLN A 427 21.84 42.72 20.19
CA GLN A 427 21.44 41.63 19.30
C GLN A 427 22.53 41.44 18.27
N ASP A 428 23.10 40.24 18.18
CA ASP A 428 24.06 39.94 17.10
C ASP A 428 23.45 39.03 16.06
N GLN A 429 22.15 38.79 16.13
CA GLN A 429 21.42 38.00 15.18
C GLN A 429 20.14 38.77 14.87
N TRP A 430 19.56 38.50 13.71
CA TRP A 430 18.26 39.07 13.39
C TRP A 430 17.18 38.30 14.12
N LYS A 431 16.30 39.01 14.84
CA LYS A 431 15.29 38.34 15.64
C LYS A 431 13.92 38.58 15.02
N PRO A 432 13.29 37.57 14.42
CA PRO A 432 11.96 37.77 13.85
C PRO A 432 10.88 37.59 14.90
N HIS A 433 9.88 38.49 14.87
CA HIS A 433 8.70 38.30 15.69
C HIS A 433 7.81 37.23 15.07
N ARG A 434 6.69 36.92 15.73
CA ARG A 434 5.77 35.90 15.24
C ARG A 434 5.38 36.15 13.78
N ASP A 435 5.22 37.41 13.40
CA ASP A 435 4.82 37.74 12.04
C ASP A 435 6.00 37.95 11.11
N TYR A 436 7.19 37.50 11.51
CA TYR A 436 8.40 37.38 10.67
C TYR A 436 9.08 38.71 10.47
N ARG A 437 8.54 39.79 11.05
CA ARG A 437 9.21 41.09 11.04
C ARG A 437 10.35 41.08 12.05
N VAL A 438 11.54 41.54 11.63
CA VAL A 438 12.67 41.53 12.56
C VAL A 438 12.59 42.73 13.48
N GLU A 439 13.12 42.55 14.70
CA GLU A 439 13.18 43.63 15.67
C GLU A 439 14.17 44.70 15.20
N MET A 440 13.76 45.96 15.33
CA MET A 440 14.58 47.12 15.04
C MET A 440 14.59 48.05 16.26
N ASP A 441 15.67 48.80 16.41
CA ASP A 441 15.69 49.89 17.37
C ASP A 441 14.67 50.96 16.95
N PRO A 442 13.62 51.19 17.74
CA PRO A 442 12.59 52.16 17.33
C PRO A 442 13.08 53.59 17.31
N SER A 443 14.15 53.90 18.04
CA SER A 443 14.70 55.25 17.96
C SER A 443 15.56 55.46 16.73
N LYS A 444 15.89 54.40 15.99
CA LYS A 444 16.65 54.53 14.76
C LYS A 444 15.81 54.32 13.51
N VAL A 445 14.73 53.55 13.60
CA VAL A 445 13.96 53.13 12.43
C VAL A 445 12.50 53.49 12.64
N SER A 446 11.91 54.18 11.67
CA SER A 446 10.47 54.42 11.71
C SER A 446 9.72 53.10 11.60
N SER A 447 8.59 53.02 12.30
CA SER A 447 7.73 51.84 12.23
C SER A 447 6.98 51.74 10.91
N GLU A 448 7.01 52.79 10.09
CA GLU A 448 6.42 52.66 8.76
C GLU A 448 7.36 51.92 7.82
N ALA A 449 8.54 51.54 8.29
CA ALA A 449 9.51 50.77 7.54
C ALA A 449 9.83 49.49 8.29
N GLY A 450 10.32 48.49 7.58
CA GLY A 450 10.72 47.25 8.24
C GLY A 450 11.23 46.24 7.25
N ILE A 451 11.71 45.12 7.81
CA ILE A 451 12.26 44.00 7.08
C ILE A 451 11.67 42.71 7.65
N TRP A 452 11.18 41.85 6.78
CA TRP A 452 10.66 40.54 7.14
C TRP A 452 11.56 39.47 6.54
N LEU A 453 11.69 38.35 7.25
CA LEU A 453 12.43 37.21 6.78
C LEU A 453 11.49 36.04 6.54
N GLN A 454 11.70 35.32 5.44
CA GLN A 454 10.92 34.14 5.08
C GLN A 454 11.85 32.99 4.77
N GLY A 455 11.55 31.82 5.34
CA GLY A 455 12.20 30.57 4.98
C GLY A 455 13.42 30.19 5.79
N CYS A 456 13.97 31.10 6.60
CA CYS A 456 15.20 30.87 7.37
C CYS A 456 14.92 30.91 8.86
N ASN A 457 13.68 30.64 9.27
CA ASN A 457 13.25 30.87 10.65
C ASN A 457 12.83 29.58 11.36
N GLU A 458 13.35 28.44 10.92
CA GLU A 458 13.10 27.17 11.59
C GLU A 458 13.28 27.26 13.11
N ARG A 459 14.33 27.96 13.57
CA ARG A 459 14.64 27.99 14.99
C ARG A 459 13.52 28.64 15.81
N THR A 460 12.82 29.61 15.23
CA THR A 460 11.72 30.27 15.92
C THR A 460 10.33 29.82 15.46
N HIS A 461 10.21 29.24 14.26
CA HIS A 461 8.89 28.96 13.70
C HIS A 461 8.64 27.50 13.32
N GLY A 462 9.64 26.64 13.41
CA GLY A 462 9.44 25.21 13.28
C GLY A 462 9.96 24.68 11.96
N LEU A 463 9.97 23.34 11.88
CA LEU A 463 10.47 22.62 10.71
C LEU A 463 9.74 23.00 9.42
N SER A 464 8.47 23.43 9.49
CA SER A 464 7.74 23.74 8.26
C SER A 464 8.19 25.05 7.60
N ASP A 465 9.04 25.85 8.25
CA ASP A 465 9.31 27.20 7.80
C ASP A 465 9.96 27.24 6.42
N SER A 466 10.85 26.29 6.15
CA SER A 466 11.57 26.26 4.89
C SER A 466 10.86 25.40 3.85
N LEU A 467 9.67 24.91 4.14
CA LEU A 467 8.98 23.97 3.25
C LEU A 467 7.82 24.67 2.57
N LEU A 468 7.13 23.94 1.69
CA LEU A 468 5.85 24.37 1.13
C LEU A 468 4.72 24.30 2.15
N SER A 469 4.97 23.64 3.29
CA SER A 469 3.90 23.20 4.18
C SER A 469 2.92 24.31 4.56
N VAL A 470 3.42 25.47 4.98
CA VAL A 470 2.51 26.48 5.52
C VAL A 470 2.51 27.77 4.68
N LEU A 471 3.01 27.70 3.44
CA LEU A 471 3.17 28.91 2.64
C LEU A 471 1.82 29.59 2.36
N ALA A 472 0.79 28.80 2.03
CA ALA A 472 -0.50 29.42 1.73
C ALA A 472 -0.99 30.26 2.90
N VAL A 473 -1.01 29.68 4.11
CA VAL A 473 -1.48 30.41 5.29
C VAL A 473 -0.49 31.52 5.66
N ARG A 474 0.81 31.22 5.62
CA ARG A 474 1.80 32.23 5.98
C ARG A 474 1.75 33.42 5.02
N GLY A 475 1.50 33.16 3.74
CA GLY A 475 1.34 34.24 2.79
C GLY A 475 0.23 35.17 3.19
N GLY A 476 -0.89 34.62 3.66
CA GLY A 476 -1.96 35.48 4.12
C GLY A 476 -1.55 36.29 5.32
N GLU A 477 -0.84 35.66 6.27
CA GLU A 477 -0.35 36.38 7.45
C GLU A 477 0.58 37.52 7.05
N MET A 478 1.46 37.28 6.08
CA MET A 478 2.40 38.30 5.63
C MET A 478 1.67 39.50 5.03
N VAL A 479 0.63 39.24 4.23
CA VAL A 479 -0.13 40.34 3.66
C VAL A 479 -0.78 41.16 4.76
N GLN A 480 -1.34 40.50 5.79
CA GLN A 480 -1.92 41.25 6.90
C GLN A 480 -0.84 42.01 7.66
N SER A 481 0.30 41.38 7.90
CA SER A 481 1.35 42.06 8.63
C SER A 481 1.85 43.26 7.85
N ILE A 482 2.05 43.10 6.54
CA ILE A 482 2.67 44.13 5.73
C ILE A 482 1.65 45.12 5.16
N PHE A 483 0.47 44.64 4.73
CA PHE A 483 -0.49 45.52 4.07
C PHE A 483 -1.79 45.71 4.84
N GLY A 484 -1.93 45.08 6.00
CA GLY A 484 -3.18 45.09 6.74
C GLY A 484 -3.73 46.48 6.98
N GLU A 485 -2.97 47.32 7.68
CA GLU A 485 -3.44 48.66 7.99
C GLU A 485 -3.77 49.41 6.71
N GLN A 486 -2.87 49.35 5.74
CA GLN A 486 -3.04 50.04 4.49
C GLN A 486 -4.31 49.61 3.76
N LEU A 487 -4.68 48.32 3.88
CA LEU A 487 -5.85 47.80 3.18
C LEU A 487 -7.17 48.17 3.85
N GLU A 488 -7.17 48.59 5.13
CA GLU A 488 -8.41 49.12 5.70
C GLU A 488 -8.79 50.44 5.04
N ARG A 489 -7.95 51.46 5.17
CA ARG A 489 -8.11 52.69 4.43
C ARG A 489 -8.07 52.43 2.91
N LEU B 31 -30.16 31.39 -3.68
CA LEU B 31 -31.36 31.18 -4.49
C LEU B 31 -32.60 31.47 -3.65
N ARG B 32 -33.49 32.32 -4.14
CA ARG B 32 -34.66 32.72 -3.35
C ARG B 32 -35.87 31.91 -3.76
N SER B 33 -36.76 31.68 -2.81
CA SER B 33 -37.90 30.82 -3.07
C SER B 33 -38.88 31.46 -4.06
N THR B 34 -39.48 30.62 -4.87
CA THR B 34 -40.63 30.94 -5.72
C THR B 34 -41.89 30.57 -4.98
N PRO B 35 -42.92 31.43 -4.96
CA PRO B 35 -44.19 31.03 -4.36
C PRO B 35 -44.69 29.73 -4.99
N GLN B 36 -45.17 28.84 -4.12
CA GLN B 36 -45.61 27.51 -4.54
C GLN B 36 -46.54 27.56 -5.75
N ASP B 37 -47.37 28.59 -5.82
CA ASP B 37 -48.47 28.70 -6.76
C ASP B 37 -48.07 29.31 -8.11
N GLU B 38 -46.88 29.85 -8.24
CA GLU B 38 -46.53 30.50 -9.48
C GLU B 38 -45.99 29.51 -10.49
N LEU B 39 -46.03 29.93 -11.75
CA LEU B 39 -45.38 29.19 -12.82
C LEU B 39 -43.87 29.23 -12.61
N HIS B 40 -43.25 28.05 -12.51
CA HIS B 40 -41.82 27.96 -12.31
C HIS B 40 -41.10 27.85 -13.66
N ASP B 41 -39.86 28.32 -13.69
CA ASP B 41 -39.01 28.00 -14.82
C ASP B 41 -38.57 26.55 -14.77
N LEU B 42 -38.28 26.02 -13.59
CA LEU B 42 -37.79 24.66 -13.49
C LEU B 42 -38.28 24.01 -12.20
N LEU B 43 -38.69 22.74 -12.30
CA LEU B 43 -38.96 21.92 -11.14
C LEU B 43 -38.15 20.65 -11.27
N CYS B 44 -37.36 20.32 -10.24
CA CYS B 44 -36.58 19.09 -10.21
C CYS B 44 -37.25 18.13 -9.24
N VAL B 45 -37.50 16.91 -9.71
CA VAL B 45 -38.06 15.84 -8.88
C VAL B 45 -36.90 15.06 -8.27
N GLY B 46 -36.85 15.02 -6.96
CA GLY B 46 -35.70 14.44 -6.26
C GLY B 46 -34.71 15.51 -5.83
N PHE B 47 -34.17 15.42 -4.62
CA PHE B 47 -33.05 16.27 -4.21
C PHE B 47 -31.95 15.38 -3.63
N GLY B 48 -31.46 14.48 -4.47
CA GLY B 48 -30.24 13.77 -4.19
C GLY B 48 -29.07 14.50 -4.82
N PRO B 49 -27.92 13.81 -4.90
CA PRO B 49 -26.73 14.42 -5.52
C PRO B 49 -26.97 14.96 -6.93
N ALA B 50 -27.72 14.25 -7.77
CA ALA B 50 -27.94 14.72 -9.14
C ALA B 50 -28.64 16.08 -9.15
N SER B 51 -29.76 16.19 -8.44
CA SER B 51 -30.43 17.50 -8.37
C SER B 51 -29.57 18.52 -7.66
N LEU B 52 -28.84 18.10 -6.61
CA LEU B 52 -28.06 19.06 -5.84
C LEU B 52 -26.94 19.68 -6.68
N ALA B 53 -26.29 18.86 -7.52
CA ALA B 53 -25.29 19.40 -8.44
C ALA B 53 -25.90 20.41 -9.40
N ILE B 54 -27.16 20.24 -9.77
CA ILE B 54 -27.80 21.24 -10.64
C ILE B 54 -28.03 22.54 -9.89
N ALA B 55 -28.51 22.45 -8.63
CA ALA B 55 -28.65 23.63 -7.80
C ALA B 55 -27.32 24.35 -7.62
N ILE B 56 -26.24 23.58 -7.44
CA ILE B 56 -24.92 24.17 -7.24
C ILE B 56 -24.46 24.88 -8.50
N ALA B 57 -24.65 24.25 -9.65
CA ALA B 57 -24.20 24.81 -10.91
C ALA B 57 -25.02 26.04 -11.30
N LEU B 58 -26.31 26.07 -10.95
CA LEU B 58 -27.05 27.30 -11.16
C LEU B 58 -26.52 28.39 -10.24
N HIS B 59 -26.30 28.06 -8.98
CA HIS B 59 -25.77 29.05 -8.06
C HIS B 59 -24.46 29.63 -8.57
N ASP B 60 -23.55 28.75 -9.04
CA ASP B 60 -22.27 29.23 -9.56
C ASP B 60 -22.46 30.05 -10.84
N ALA B 61 -23.38 29.64 -11.71
CA ALA B 61 -23.62 30.39 -12.95
C ALA B 61 -24.16 31.78 -12.66
N LEU B 62 -24.82 31.95 -11.52
CA LEU B 62 -25.35 33.25 -11.12
C LEU B 62 -24.35 34.11 -10.37
N ASP B 63 -23.20 33.57 -9.97
CA ASP B 63 -22.24 34.29 -9.16
C ASP B 63 -21.34 35.10 -10.08
N PRO B 64 -21.44 36.44 -10.06
CA PRO B 64 -20.68 37.24 -11.04
C PRO B 64 -19.20 37.08 -10.86
N ARG B 65 -18.78 36.66 -9.67
CA ARG B 65 -17.38 36.40 -9.40
C ARG B 65 -16.88 35.14 -10.10
N LEU B 66 -17.72 34.11 -10.23
CA LEU B 66 -17.33 32.87 -10.89
C LEU B 66 -17.51 32.89 -12.40
N ASN B 67 -18.33 33.80 -12.92
CA ASN B 67 -18.29 34.14 -14.34
C ASN B 67 -18.72 35.59 -14.49
N LYS B 68 -17.92 36.36 -15.24
CA LYS B 68 -18.13 37.80 -15.32
C LYS B 68 -19.48 38.14 -15.92
N SER B 69 -19.97 37.31 -16.86
CA SER B 69 -21.25 37.56 -17.52
C SER B 69 -22.36 37.90 -16.53
N ALA B 70 -22.46 37.13 -15.44
CA ALA B 70 -23.64 37.19 -14.56
C ALA B 70 -23.84 38.52 -13.87
N SER B 71 -22.89 39.47 -13.98
CA SER B 71 -23.05 40.76 -13.33
C SER B 71 -24.33 41.46 -13.79
N ASN B 72 -24.58 41.46 -15.10
CA ASN B 72 -25.80 42.02 -15.68
C ASN B 72 -26.89 40.93 -15.83
N ILE B 73 -27.12 40.20 -14.75
CA ILE B 73 -28.21 39.24 -14.63
C ILE B 73 -28.97 39.65 -13.37
N HIS B 74 -30.12 40.31 -13.54
CA HIS B 74 -30.84 40.93 -12.43
C HIS B 74 -32.06 40.14 -11.98
N ALA B 75 -32.39 39.03 -12.63
CA ALA B 75 -33.58 38.23 -12.34
C ALA B 75 -33.19 36.76 -12.17
N GLN B 76 -33.59 36.18 -11.04
CA GLN B 76 -33.21 34.79 -10.76
C GLN B 76 -34.24 33.84 -11.34
N PRO B 77 -33.82 32.73 -11.93
CA PRO B 77 -34.78 31.75 -12.40
C PRO B 77 -35.67 31.27 -11.27
N LYS B 78 -36.91 30.96 -11.60
CA LYS B 78 -37.86 30.42 -10.63
C LYS B 78 -37.71 28.91 -10.60
N ILE B 79 -37.04 28.41 -9.56
CA ILE B 79 -36.67 27.01 -9.44
C ILE B 79 -37.19 26.45 -8.12
N CYS B 80 -37.60 25.19 -8.13
CA CYS B 80 -37.85 24.49 -6.88
C CYS B 80 -37.49 23.02 -7.06
N PHE B 81 -37.29 22.35 -5.92
CA PHE B 81 -36.94 20.93 -5.88
C PHE B 81 -37.89 20.23 -4.93
N LEU B 82 -38.36 19.04 -5.33
CA LEU B 82 -39.19 18.20 -4.49
C LEU B 82 -38.43 16.94 -4.09
N GLU B 83 -38.47 16.59 -2.79
CA GLU B 83 -37.78 15.42 -2.26
C GLU B 83 -38.71 14.66 -1.32
N ARG B 84 -38.77 13.33 -1.44
CA ARG B 84 -39.71 12.60 -0.60
C ARG B 84 -39.19 12.42 0.82
N GLN B 85 -37.89 12.29 1.00
CA GLN B 85 -37.36 12.21 2.36
C GLN B 85 -37.54 13.54 3.08
N LYS B 86 -37.61 13.47 4.41
CA LYS B 86 -37.92 14.66 5.18
C LYS B 86 -36.75 15.62 5.31
N GLN B 87 -35.56 15.23 4.89
CA GLN B 87 -34.37 16.08 4.97
C GLN B 87 -33.38 15.47 4.00
N PHE B 88 -32.34 16.20 3.66
CA PHE B 88 -31.37 15.62 2.75
C PHE B 88 -30.74 14.41 3.40
N ALA B 89 -30.67 13.31 2.65
CA ALA B 89 -29.98 12.11 3.14
C ALA B 89 -29.56 11.31 1.92
N TRP B 90 -28.34 10.79 1.98
CA TRP B 90 -27.75 10.04 0.89
C TRP B 90 -27.69 8.58 1.31
N HIS B 91 -28.58 7.75 0.74
CA HIS B 91 -28.61 6.31 0.99
C HIS B 91 -28.44 6.00 2.48
N SER B 92 -29.25 6.68 3.31
CA SER B 92 -29.17 6.50 4.76
C SER B 92 -29.37 5.05 5.17
N GLY B 93 -30.20 4.30 4.46
CA GLY B 93 -30.32 2.89 4.73
C GLY B 93 -29.00 2.14 4.68
N MET B 94 -27.96 2.71 4.05
CA MET B 94 -26.68 2.02 3.94
C MET B 94 -25.53 2.80 4.56
N LEU B 95 -25.83 3.68 5.52
CA LEU B 95 -24.79 4.37 6.30
C LEU B 95 -24.23 3.44 7.37
N VAL B 96 -23.52 2.43 6.90
CA VAL B 96 -22.95 1.40 7.77
C VAL B 96 -21.72 2.00 8.44
N PRO B 97 -21.46 1.72 9.71
CA PRO B 97 -20.21 2.19 10.34
C PRO B 97 -18.99 1.80 9.53
N GLY B 98 -18.09 2.75 9.32
CA GLY B 98 -16.87 2.53 8.58
C GLY B 98 -17.02 2.44 7.08
N SER B 99 -18.22 2.60 6.55
CA SER B 99 -18.40 2.59 5.11
C SER B 99 -17.77 3.83 4.51
N LYS B 100 -17.25 3.68 3.30
CA LYS B 100 -16.48 4.71 2.62
C LYS B 100 -17.18 5.14 1.34
N ALA B 101 -16.98 6.40 0.97
CA ALA B 101 -17.24 6.78 -0.41
C ALA B 101 -16.42 5.88 -1.31
N GLN B 102 -16.97 5.60 -2.47
CA GLN B 102 -16.35 4.70 -3.43
C GLN B 102 -15.68 5.46 -4.56
N ILE B 103 -15.60 6.77 -4.45
CA ILE B 103 -15.12 7.64 -5.50
C ILE B 103 -14.20 8.68 -4.88
N SER B 104 -13.17 9.09 -5.61
CA SER B 104 -12.28 10.12 -5.12
C SER B 104 -13.06 11.39 -4.78
N PHE B 105 -12.65 12.07 -3.71
CA PHE B 105 -13.36 13.30 -3.33
C PHE B 105 -13.22 14.40 -4.38
N ILE B 106 -12.29 14.27 -5.32
CA ILE B 106 -12.19 15.29 -6.36
C ILE B 106 -13.45 15.28 -7.21
N LYS B 107 -14.14 14.15 -7.25
CA LYS B 107 -15.39 14.01 -7.98
C LYS B 107 -16.57 14.39 -7.12
N ASP B 108 -16.41 15.49 -6.37
CA ASP B 108 -17.47 16.09 -5.58
C ASP B 108 -18.43 16.79 -6.52
N LEU B 109 -19.33 17.59 -5.96
CA LEU B 109 -20.36 18.20 -6.77
C LEU B 109 -19.93 19.50 -7.46
N ALA B 110 -18.65 19.85 -7.47
CA ALA B 110 -18.32 21.13 -8.12
C ALA B 110 -16.94 21.18 -8.76
N THR B 111 -15.96 20.47 -8.17
CA THR B 111 -14.55 20.69 -8.52
C THR B 111 -14.25 20.43 -10.00
N LEU B 112 -14.74 19.32 -10.53
CA LEU B 112 -14.46 19.00 -11.93
C LEU B 112 -15.08 20.02 -12.89
N ARG B 113 -15.99 20.86 -12.43
CA ARG B 113 -16.49 21.95 -13.26
C ARG B 113 -15.84 23.28 -12.90
N ASP B 114 -15.50 23.50 -11.63
CA ASP B 114 -14.83 24.74 -11.27
C ASP B 114 -14.24 24.59 -9.88
N PRO B 115 -12.92 24.40 -9.77
CA PRO B 115 -12.32 24.22 -8.43
C PRO B 115 -12.52 25.41 -7.52
N ARG B 116 -12.81 26.59 -8.07
CA ARG B 116 -13.01 27.82 -7.32
C ARG B 116 -14.37 27.87 -6.62
N SER B 117 -15.29 27.01 -7.01
CA SER B 117 -16.64 27.03 -6.44
C SER B 117 -16.61 26.92 -4.93
N SER B 118 -17.48 27.67 -4.27
CA SER B 118 -17.54 27.54 -2.82
C SER B 118 -18.10 26.18 -2.38
N PHE B 119 -18.63 25.39 -3.31
CA PHE B 119 -19.26 24.11 -3.01
C PHE B 119 -18.34 22.90 -3.20
N THR B 120 -17.02 23.10 -3.30
CA THR B 120 -16.14 21.95 -3.40
C THR B 120 -16.04 21.24 -2.06
N PHE B 121 -15.63 19.97 -2.10
CA PHE B 121 -15.42 19.22 -0.86
C PHE B 121 -14.30 19.85 -0.01
N LEU B 122 -13.23 20.34 -0.64
CA LEU B 122 -12.18 20.96 0.17
C LEU B 122 -12.65 22.26 0.83
N ASN B 123 -13.52 23.03 0.19
CA ASN B 123 -13.97 24.25 0.85
C ASN B 123 -14.92 23.95 2.00
N TYR B 124 -15.82 22.98 1.83
CA TYR B 124 -16.60 22.45 2.94
C TYR B 124 -15.71 22.17 4.14
N LEU B 125 -14.64 21.40 3.93
CA LEU B 125 -13.72 21.07 5.01
C LEU B 125 -13.13 22.33 5.63
N HIS B 126 -12.74 23.29 4.79
CA HIS B 126 -12.22 24.56 5.30
C HIS B 126 -13.26 25.29 6.12
N GLN B 127 -14.51 25.37 5.62
CA GLN B 127 -15.57 26.00 6.40
C GLN B 127 -15.74 25.32 7.75
N LYS B 128 -15.55 24.01 7.79
CA LYS B 128 -15.72 23.27 9.03
C LYS B 128 -14.47 23.29 9.91
N GLY B 129 -13.37 23.93 9.49
CA GLY B 129 -12.15 23.88 10.28
C GLY B 129 -11.48 22.52 10.30
N ARG B 130 -11.76 21.68 9.30
CA ARG B 130 -11.27 20.32 9.24
C ARG B 130 -10.27 20.09 8.11
N LEU B 131 -9.90 21.12 7.35
CA LEU B 131 -9.16 20.90 6.10
C LEU B 131 -7.78 20.26 6.36
N ILE B 132 -6.95 20.88 7.21
CA ILE B 132 -5.65 20.29 7.52
C ILE B 132 -5.81 18.90 8.12
N HIS B 133 -6.87 18.67 8.90
CA HIS B 133 -7.06 17.38 9.54
C HIS B 133 -7.39 16.30 8.52
N PHE B 134 -8.22 16.60 7.52
CA PHE B 134 -8.48 15.65 6.45
C PHE B 134 -7.23 15.38 5.63
N THR B 135 -6.36 16.38 5.49
CA THR B 135 -5.18 16.20 4.66
C THR B 135 -4.26 15.16 5.26
N ASN B 136 -4.15 15.15 6.58
CA ASN B 136 -3.32 14.16 7.25
C ASN B 136 -3.86 12.74 7.16
N LEU B 137 -5.12 12.55 6.73
CA LEU B 137 -5.64 11.19 6.56
C LEU B 137 -5.00 10.48 5.40
N SER B 138 -4.51 11.25 4.41
CA SER B 138 -4.01 10.73 3.13
C SER B 138 -4.97 9.74 2.50
N THR B 139 -6.22 10.15 2.33
CA THR B 139 -7.14 9.30 1.60
C THR B 139 -7.94 10.11 0.60
N PHE B 140 -8.33 9.46 -0.49
CA PHE B 140 -9.25 10.08 -1.43
C PHE B 140 -10.69 9.67 -1.17
N LEU B 141 -10.92 8.65 -0.34
CA LEU B 141 -12.25 8.11 -0.07
C LEU B 141 -12.74 8.54 1.30
N PRO B 142 -13.50 9.63 1.41
CA PRO B 142 -14.05 9.99 2.72
C PRO B 142 -15.01 8.91 3.20
N ALA B 143 -15.13 8.82 4.53
CA ALA B 143 -16.24 8.06 5.10
C ALA B 143 -17.55 8.49 4.45
N ARG B 144 -18.45 7.53 4.23
CA ARG B 144 -19.76 7.88 3.69
C ARG B 144 -20.48 8.87 4.59
N LEU B 145 -20.33 8.70 5.92
CA LEU B 145 -20.92 9.65 6.85
C LEU B 145 -20.44 11.06 6.59
N GLU B 146 -19.16 11.23 6.24
CA GLU B 146 -18.62 12.56 6.04
C GLU B 146 -19.04 13.12 4.68
N PHE B 147 -19.03 12.29 3.64
CA PHE B 147 -19.41 12.79 2.33
C PHE B 147 -20.89 13.12 2.29
N GLU B 148 -21.71 12.36 3.00
CA GLU B 148 -23.10 12.79 3.21
C GLU B 148 -23.17 14.15 3.87
N ASP B 149 -22.41 14.37 4.95
CA ASP B 149 -22.49 15.66 5.63
C ASP B 149 -22.05 16.78 4.70
N TYR B 150 -21.04 16.53 3.88
CA TYR B 150 -20.62 17.54 2.90
C TYR B 150 -21.78 17.91 1.98
N MET B 151 -22.49 16.90 1.47
CA MET B 151 -23.61 17.21 0.59
C MET B 151 -24.76 17.82 1.37
N ARG B 152 -24.90 17.48 2.66
CA ARG B 152 -25.90 18.11 3.51
C ARG B 152 -25.58 19.58 3.73
N TRP B 153 -24.30 19.88 3.93
CA TRP B 153 -23.85 21.25 4.04
C TRP B 153 -24.18 22.02 2.75
N CYS B 154 -23.91 21.41 1.59
CA CYS B 154 -24.30 22.04 0.33
C CYS B 154 -25.81 22.27 0.28
N ALA B 155 -26.59 21.23 0.59
CA ALA B 155 -28.04 21.29 0.46
C ALA B 155 -28.66 22.40 1.32
N GLN B 156 -28.10 22.64 2.51
CA GLN B 156 -28.68 23.67 3.38
C GLN B 156 -28.63 25.05 2.77
N GLN B 157 -27.69 25.28 1.85
CA GLN B 157 -27.63 26.57 1.19
C GLN B 157 -28.78 26.75 0.19
N PHE B 158 -29.56 25.69 -0.09
CA PHE B 158 -30.72 25.78 -0.96
C PHE B 158 -32.04 25.51 -0.23
N SER B 159 -32.06 25.62 1.10
CA SER B 159 -33.23 25.17 1.84
C SER B 159 -34.48 25.93 1.42
N ASP B 160 -34.33 27.19 0.97
CA ASP B 160 -35.51 27.95 0.56
C ASP B 160 -36.16 27.42 -0.73
N VAL B 161 -35.49 26.59 -1.52
CA VAL B 161 -36.10 26.18 -2.79
C VAL B 161 -36.36 24.68 -2.85
N VAL B 162 -36.13 23.97 -1.74
CA VAL B 162 -36.39 22.53 -1.66
C VAL B 162 -37.63 22.30 -0.82
N ALA B 163 -38.59 21.57 -1.37
CA ALA B 163 -39.76 21.11 -0.62
C ALA B 163 -39.54 19.65 -0.25
N TYR B 164 -39.18 19.42 1.01
CA TYR B 164 -39.03 18.07 1.57
C TYR B 164 -40.38 17.50 1.99
N GLY B 165 -40.41 16.17 2.14
CA GLY B 165 -41.64 15.49 2.48
C GLY B 165 -42.62 15.37 1.34
N GLU B 166 -42.18 15.60 0.10
CA GLU B 166 -43.06 15.58 -1.06
C GLU B 166 -42.61 14.48 -2.02
N GLU B 167 -43.47 13.48 -2.21
CA GLU B 167 -43.27 12.40 -3.16
C GLU B 167 -44.04 12.71 -4.43
N VAL B 168 -43.31 13.01 -5.49
CA VAL B 168 -43.95 13.26 -6.78
C VAL B 168 -44.63 11.98 -7.26
N VAL B 169 -45.87 12.11 -7.71
CA VAL B 169 -46.62 10.93 -8.13
C VAL B 169 -47.01 11.00 -9.59
N GLU B 170 -47.13 12.20 -10.16
CA GLU B 170 -47.45 12.29 -11.58
C GLU B 170 -47.14 13.68 -12.12
N VAL B 171 -46.89 13.71 -13.42
CA VAL B 171 -46.63 14.93 -14.19
C VAL B 171 -47.68 14.97 -15.29
N ILE B 172 -48.41 16.07 -15.40
CA ILE B 172 -49.55 16.12 -16.31
C ILE B 172 -49.36 17.32 -17.24
N PRO B 173 -49.98 17.29 -18.43
CA PRO B 173 -49.82 18.42 -19.37
C PRO B 173 -50.50 19.67 -18.88
N GLY B 174 -49.97 20.81 -19.31
CA GLY B 174 -50.58 22.08 -18.98
C GLY B 174 -50.59 23.05 -20.14
N LYS B 175 -51.73 23.71 -20.36
CA LYS B 175 -51.92 24.66 -21.45
C LYS B 175 -52.36 26.00 -20.85
N SER B 176 -51.60 27.06 -21.15
CA SER B 176 -51.97 28.37 -20.65
C SER B 176 -53.34 28.77 -21.18
N ASP B 177 -53.56 28.53 -22.45
CA ASP B 177 -54.89 28.57 -22.97
C ASP B 177 -55.40 27.15 -23.11
N PRO B 178 -56.43 26.75 -22.37
CA PRO B 178 -56.95 25.38 -22.51
C PRO B 178 -57.41 25.01 -23.91
N SER B 179 -57.67 25.98 -24.78
CA SER B 179 -58.05 25.65 -26.16
C SER B 179 -56.87 25.62 -27.10
N SER B 180 -55.67 25.94 -26.64
CA SER B 180 -54.49 25.80 -27.47
C SER B 180 -54.21 24.32 -27.77
N SER B 181 -53.62 24.05 -28.94
CA SER B 181 -53.24 22.67 -29.26
C SER B 181 -51.88 22.29 -28.68
N VAL B 182 -51.25 23.20 -27.95
CA VAL B 182 -49.85 23.06 -27.56
C VAL B 182 -49.74 23.09 -26.05
N VAL B 183 -48.93 22.20 -25.51
CA VAL B 183 -48.62 22.19 -24.08
C VAL B 183 -47.49 23.20 -23.86
N ASP B 184 -47.72 24.18 -22.99
CA ASP B 184 -46.63 25.11 -22.66
C ASP B 184 -46.14 25.01 -21.22
N PHE B 185 -46.71 24.15 -20.38
CA PHE B 185 -46.13 23.88 -19.06
C PHE B 185 -46.59 22.52 -18.56
N PHE B 186 -46.07 22.12 -17.41
CA PHE B 186 -46.41 20.86 -16.78
C PHE B 186 -46.86 21.14 -15.37
N THR B 187 -47.84 20.36 -14.91
CA THR B 187 -48.27 20.40 -13.53
C THR B 187 -47.70 19.18 -12.81
N VAL B 188 -46.96 19.41 -11.74
CA VAL B 188 -46.32 18.32 -11.02
C VAL B 188 -47.05 18.10 -9.70
N ARG B 189 -47.59 16.90 -9.53
CA ARG B 189 -48.36 16.55 -8.34
C ARG B 189 -47.52 15.74 -7.39
N SER B 190 -47.55 16.10 -6.11
CA SER B 190 -46.78 15.39 -5.11
C SER B 190 -47.68 15.04 -3.92
N ARG B 191 -47.35 13.93 -3.28
CA ARG B 191 -48.06 13.44 -2.11
C ARG B 191 -47.25 13.80 -0.88
N ASN B 192 -47.85 14.55 0.03
CA ASN B 192 -47.26 14.82 1.33
C ASN B 192 -47.05 13.49 2.05
N VAL B 193 -45.79 13.16 2.35
CA VAL B 193 -45.51 11.85 2.93
C VAL B 193 -46.03 11.74 4.36
N GLU B 194 -46.35 12.84 5.01
CA GLU B 194 -46.86 12.81 6.38
C GLU B 194 -48.37 12.75 6.40
N THR B 195 -49.03 13.50 5.53
CA THR B 195 -50.49 13.58 5.52
C THR B 195 -51.14 12.91 4.33
N GLY B 196 -50.39 12.58 3.28
CA GLY B 196 -51.02 12.08 2.09
C GLY B 196 -51.72 13.11 1.24
N GLU B 197 -51.76 14.37 1.67
CA GLU B 197 -52.29 15.44 0.82
C GLU B 197 -51.56 15.46 -0.51
N ILE B 198 -52.31 15.70 -1.59
CA ILE B 198 -51.73 15.90 -2.90
C ILE B 198 -51.60 17.39 -3.15
N SER B 199 -50.44 17.80 -3.67
CA SER B 199 -50.10 19.18 -4.01
C SER B 199 -49.77 19.27 -5.49
N ALA B 200 -49.98 20.45 -6.06
CA ALA B 200 -49.68 20.67 -7.46
C ALA B 200 -48.82 21.92 -7.60
N ARG B 201 -47.85 21.86 -8.51
CA ARG B 201 -47.05 23.01 -8.89
C ARG B 201 -46.90 23.00 -10.40
N ARG B 202 -46.76 24.21 -10.96
CA ARG B 202 -46.69 24.40 -12.40
C ARG B 202 -45.29 24.87 -12.75
N THR B 203 -44.76 24.36 -13.86
CA THR B 203 -43.41 24.69 -14.27
C THR B 203 -43.30 24.53 -15.77
N ARG B 204 -42.50 25.41 -16.39
CA ARG B 204 -42.15 25.24 -17.79
C ARG B 204 -41.40 23.94 -18.00
N LYS B 205 -40.48 23.60 -17.10
CA LYS B 205 -39.49 22.58 -17.35
C LYS B 205 -39.35 21.66 -16.14
N VAL B 206 -39.15 20.37 -16.40
CA VAL B 206 -39.11 19.32 -15.38
C VAL B 206 -37.79 18.56 -15.50
N VAL B 207 -37.14 18.33 -14.37
CA VAL B 207 -36.03 17.37 -14.24
C VAL B 207 -36.51 16.21 -13.36
N ILE B 208 -36.32 14.98 -13.84
CA ILE B 208 -36.54 13.77 -13.04
C ILE B 208 -35.17 13.23 -12.63
N ALA B 209 -34.86 13.34 -11.36
CA ALA B 209 -33.56 12.96 -10.80
C ALA B 209 -33.81 12.12 -9.55
N ILE B 210 -34.42 10.96 -9.73
CA ILE B 210 -34.98 10.21 -8.61
C ILE B 210 -34.21 8.91 -8.31
N GLY B 211 -32.98 8.78 -8.79
CA GLY B 211 -32.17 7.60 -8.44
C GLY B 211 -32.80 6.29 -8.87
N GLY B 212 -32.78 5.31 -7.98
CA GLY B 212 -33.35 4.01 -8.30
C GLY B 212 -34.31 3.53 -7.24
N THR B 213 -35.11 2.55 -7.62
CA THR B 213 -35.94 1.83 -6.68
C THR B 213 -35.37 0.44 -6.50
N ALA B 214 -35.66 -0.16 -5.34
CA ALA B 214 -35.15 -1.48 -5.00
C ALA B 214 -35.53 -2.51 -6.05
N LYS B 215 -34.51 -3.17 -6.60
CA LYS B 215 -34.68 -4.33 -7.45
C LYS B 215 -34.69 -5.57 -6.56
N MET B 216 -35.80 -6.32 -6.59
CA MET B 216 -35.98 -7.53 -5.82
C MET B 216 -36.12 -8.73 -6.75
N PRO B 217 -35.29 -9.76 -6.61
CA PRO B 217 -35.47 -10.98 -7.44
C PRO B 217 -36.94 -11.40 -7.47
N SER B 218 -37.44 -11.66 -8.68
CA SER B 218 -38.87 -11.88 -8.88
C SER B 218 -39.41 -13.03 -8.04
N GLY B 219 -38.56 -14.00 -7.70
CA GLY B 219 -39.00 -15.20 -6.98
C GLY B 219 -39.19 -15.04 -5.49
N LEU B 220 -38.85 -13.88 -4.94
CA LEU B 220 -39.02 -13.70 -3.50
C LEU B 220 -40.44 -13.28 -3.18
N PRO B 221 -41.02 -13.82 -2.12
CA PRO B 221 -42.31 -13.30 -1.63
C PRO B 221 -42.12 -12.01 -0.84
N GLN B 222 -43.25 -11.37 -0.58
CA GLN B 222 -43.30 -10.22 0.31
C GLN B 222 -43.26 -10.70 1.76
N ASP B 223 -42.32 -10.16 2.54
CA ASP B 223 -42.27 -10.49 3.95
C ASP B 223 -41.51 -9.40 4.69
N PRO B 224 -41.96 -9.00 5.89
CA PRO B 224 -41.19 -8.00 6.66
C PRO B 224 -39.80 -8.47 7.02
N ARG B 225 -39.52 -9.77 6.99
CA ARG B 225 -38.22 -10.31 7.32
C ARG B 225 -37.29 -10.34 6.10
N ILE B 226 -37.78 -9.95 4.93
CA ILE B 226 -36.98 -9.88 3.71
C ILE B 226 -36.85 -8.41 3.38
N ILE B 227 -35.65 -7.87 3.59
CA ILE B 227 -35.41 -6.43 3.56
C ILE B 227 -34.36 -6.11 2.50
N HIS B 228 -34.65 -5.12 1.65
CA HIS B 228 -33.69 -4.67 0.67
C HIS B 228 -32.57 -3.88 1.36
N SER B 229 -31.38 -3.94 0.77
CA SER B 229 -30.22 -3.26 1.33
C SER B 229 -30.45 -1.77 1.52
N SER B 230 -31.27 -1.15 0.68
CA SER B 230 -31.54 0.28 0.85
C SER B 230 -32.24 0.58 2.16
N LYS B 231 -32.84 -0.44 2.80
CA LYS B 231 -33.53 -0.25 4.07
C LYS B 231 -32.77 -0.90 5.23
N TYR B 232 -31.48 -1.15 5.06
CA TYR B 232 -30.75 -1.98 6.01
C TYR B 232 -30.67 -1.32 7.38
N CYS B 233 -29.99 -0.17 7.45
CA CYS B 233 -29.75 0.54 8.71
C CYS B 233 -31.02 1.07 9.34
N THR B 234 -32.06 1.31 8.56
CA THR B 234 -33.26 1.94 9.06
C THR B 234 -34.38 0.96 9.35
N THR B 235 -34.31 -0.26 8.81
CA THR B 235 -35.38 -1.25 9.00
C THR B 235 -34.94 -2.48 9.78
N LEU B 236 -33.75 -3.03 9.51
CA LEU B 236 -33.35 -4.28 10.15
C LEU B 236 -33.26 -4.16 11.67
N PRO B 237 -32.66 -3.11 12.26
CA PRO B 237 -32.62 -3.05 13.73
C PRO B 237 -34.00 -3.03 14.36
N ALA B 238 -35.00 -2.53 13.64
CA ALA B 238 -36.35 -2.58 14.16
C ALA B 238 -36.84 -4.02 14.22
N LEU B 239 -36.50 -4.84 13.23
CA LEU B 239 -37.01 -6.21 13.22
C LEU B 239 -36.25 -7.10 14.20
N LEU B 240 -34.94 -6.89 14.34
CA LEU B 240 -34.07 -7.70 15.19
C LEU B 240 -33.47 -6.77 16.24
N LYS B 241 -34.10 -6.73 17.41
CA LYS B 241 -33.77 -5.78 18.45
C LYS B 241 -32.82 -6.34 19.49
N ASP B 242 -32.61 -7.64 19.51
CA ASP B 242 -31.84 -8.29 20.57
C ASP B 242 -30.44 -8.58 20.04
N LYS B 243 -29.52 -7.63 20.25
CA LYS B 243 -28.14 -7.80 19.80
C LYS B 243 -27.49 -9.05 20.37
N SER B 244 -28.06 -9.61 21.46
CA SER B 244 -27.51 -10.81 22.08
C SER B 244 -28.00 -12.10 21.42
N LYS B 245 -29.24 -12.13 20.93
CA LYS B 245 -29.82 -13.36 20.40
C LYS B 245 -29.04 -13.84 19.18
N PRO B 246 -28.69 -15.12 19.10
CA PRO B 246 -27.96 -15.62 17.93
C PRO B 246 -28.82 -15.73 16.67
N TYR B 247 -29.12 -14.60 16.05
CA TYR B 247 -29.92 -14.61 14.82
C TYR B 247 -29.19 -15.31 13.67
N ASN B 248 -29.93 -16.09 12.89
CA ASN B 248 -29.47 -16.57 11.59
C ASN B 248 -29.86 -15.52 10.56
N ILE B 249 -28.89 -14.79 10.03
CA ILE B 249 -29.18 -13.72 9.08
C ILE B 249 -28.52 -14.04 7.76
N ALA B 250 -29.33 -14.15 6.70
CA ALA B 250 -28.82 -14.38 5.35
C ALA B 250 -28.69 -13.07 4.59
N VAL B 251 -27.73 -13.03 3.67
CA VAL B 251 -27.50 -11.86 2.80
C VAL B 251 -27.41 -12.35 1.37
N LEU B 252 -28.26 -11.81 0.49
CA LEU B 252 -28.31 -12.22 -0.91
C LEU B 252 -27.57 -11.19 -1.77
N GLY B 253 -26.49 -11.63 -2.41
CA GLY B 253 -25.75 -10.72 -3.28
C GLY B 253 -24.24 -10.88 -3.20
N SER B 254 -23.51 -10.24 -4.13
CA SER B 254 -22.06 -10.25 -4.09
C SER B 254 -21.44 -8.88 -4.38
N GLY B 255 -22.25 -7.81 -4.43
CA GLY B 255 -21.74 -6.49 -4.71
C GLY B 255 -21.28 -5.78 -3.45
N GLN B 256 -20.98 -4.48 -3.61
CA GLN B 256 -20.43 -3.70 -2.52
C GLN B 256 -21.37 -3.67 -1.32
N SER B 257 -22.68 -3.57 -1.57
CA SER B 257 -23.63 -3.46 -0.46
C SER B 257 -23.81 -4.79 0.27
N ALA B 258 -23.91 -5.90 -0.47
CA ALA B 258 -23.95 -7.20 0.19
C ALA B 258 -22.74 -7.38 1.10
N ALA B 259 -21.57 -6.96 0.63
CA ALA B 259 -20.34 -7.14 1.38
C ALA B 259 -20.32 -6.26 2.63
N GLU B 260 -20.70 -4.99 2.47
CA GLU B 260 -20.76 -4.11 3.63
C GLU B 260 -21.76 -4.63 4.65
N ILE B 261 -22.87 -5.20 4.19
CA ILE B 261 -23.89 -5.68 5.12
C ILE B 261 -23.43 -6.97 5.79
N PHE B 262 -22.82 -7.86 5.01
CA PHE B 262 -22.29 -9.10 5.56
C PHE B 262 -21.26 -8.80 6.65
N HIS B 263 -20.32 -7.89 6.36
CA HIS B 263 -19.31 -7.53 7.35
C HIS B 263 -19.92 -6.82 8.54
N ASP B 264 -20.84 -5.88 8.29
CA ASP B 264 -21.40 -5.11 9.41
C ASP B 264 -22.23 -6.00 10.34
N LEU B 265 -22.98 -6.96 9.78
CA LEU B 265 -23.81 -7.85 10.60
C LEU B 265 -22.98 -8.57 11.64
N GLN B 266 -21.78 -8.98 11.27
CA GLN B 266 -20.96 -9.77 12.17
C GLN B 266 -20.52 -8.98 13.38
N LYS B 267 -20.47 -7.65 13.28
CA LYS B 267 -20.23 -6.84 14.46
C LYS B 267 -21.52 -6.39 15.14
N ARG B 268 -22.54 -6.04 14.35
CA ARG B 268 -23.77 -5.52 14.95
C ARG B 268 -24.52 -6.60 15.74
N TYR B 269 -24.49 -7.84 15.27
CA TYR B 269 -25.05 -8.97 16.01
C TYR B 269 -23.92 -9.96 16.25
N PRO B 270 -23.13 -9.76 17.30
CA PRO B 270 -21.93 -10.60 17.52
C PRO B 270 -22.21 -12.09 17.63
N ASN B 271 -23.38 -12.48 18.14
CA ASN B 271 -23.74 -13.88 18.33
C ASN B 271 -24.45 -14.47 17.12
N SER B 272 -24.67 -13.68 16.07
CA SER B 272 -25.46 -14.11 14.94
C SER B 272 -24.66 -15.10 14.08
N ARG B 273 -25.40 -15.83 13.26
CA ARG B 273 -24.85 -16.63 12.18
C ARG B 273 -25.29 -15.95 10.90
N THR B 274 -24.34 -15.37 10.18
CA THR B 274 -24.59 -14.75 8.89
C THR B 274 -24.13 -15.66 7.77
N THR B 275 -24.90 -15.68 6.69
CA THR B 275 -24.58 -16.44 5.50
C THR B 275 -24.77 -15.55 4.28
N LEU B 276 -23.73 -15.42 3.47
CA LEU B 276 -23.77 -14.65 2.23
C LEU B 276 -24.06 -15.61 1.08
N ILE B 277 -25.19 -15.41 0.40
CA ILE B 277 -25.60 -16.21 -0.75
C ILE B 277 -25.30 -15.41 -2.01
N MET B 278 -24.60 -16.03 -2.95
CA MET B 278 -24.25 -15.32 -4.18
C MET B 278 -24.26 -16.28 -5.36
N ARG B 279 -24.69 -15.76 -6.52
CA ARG B 279 -24.66 -16.49 -7.78
C ARG B 279 -23.24 -16.78 -8.23
N ASP B 280 -22.37 -15.80 -8.11
CA ASP B 280 -21.00 -15.92 -8.59
C ASP B 280 -20.24 -16.93 -7.75
N SER B 281 -19.10 -17.38 -8.29
CA SER B 281 -18.21 -18.22 -7.51
C SER B 281 -17.44 -17.44 -6.45
N ALA B 282 -17.33 -16.13 -6.60
CA ALA B 282 -16.51 -15.38 -5.67
C ALA B 282 -16.92 -13.91 -5.68
N MET B 283 -16.77 -13.29 -4.51
CA MET B 283 -16.76 -11.85 -4.39
C MET B 283 -15.66 -11.26 -5.27
N ARG B 284 -16.01 -10.29 -6.10
CA ARG B 284 -15.05 -9.80 -7.09
C ARG B 284 -14.71 -8.33 -6.84
N PRO B 285 -13.48 -7.92 -7.11
CA PRO B 285 -13.02 -6.60 -6.68
C PRO B 285 -13.34 -5.50 -7.68
N SER B 286 -13.50 -4.29 -7.15
CA SER B 286 -13.67 -3.14 -8.00
C SER B 286 -12.39 -2.94 -8.81
N ASP B 287 -12.54 -2.56 -10.07
CA ASP B 287 -11.38 -2.22 -10.88
C ASP B 287 -10.99 -0.78 -10.55
N ASP B 288 -9.84 -0.60 -9.90
CA ASP B 288 -9.34 0.73 -9.61
C ASP B 288 -8.23 1.16 -10.57
N SER B 289 -7.96 0.38 -11.61
CA SER B 289 -6.85 0.69 -12.50
C SER B 289 -7.20 1.91 -13.37
N PRO B 290 -6.20 2.74 -13.70
CA PRO B 290 -6.53 4.06 -14.26
C PRO B 290 -7.04 4.04 -15.70
N PHE B 291 -6.49 3.21 -16.60
CA PHE B 291 -6.96 3.22 -17.99
C PHE B 291 -8.42 2.79 -18.06
N VAL B 292 -8.74 1.68 -17.40
CA VAL B 292 -10.12 1.20 -17.35
C VAL B 292 -11.07 2.29 -16.85
N ASN B 293 -10.63 3.06 -15.86
CA ASN B 293 -11.56 3.99 -15.24
C ASN B 293 -11.72 5.30 -15.99
N GLU B 294 -11.00 5.49 -17.10
CA GLU B 294 -11.30 6.65 -17.94
C GLU B 294 -12.70 6.60 -18.54
N ILE B 295 -13.36 5.44 -18.53
CA ILE B 295 -14.75 5.42 -19.00
C ILE B 295 -15.63 6.33 -18.15
N PHE B 296 -15.21 6.63 -16.93
CA PHE B 296 -15.97 7.50 -16.05
C PHE B 296 -15.60 8.98 -16.17
N ASN B 297 -14.65 9.34 -17.03
CA ASN B 297 -14.28 10.74 -17.18
C ASN B 297 -15.46 11.54 -17.74
N PRO B 298 -15.65 12.80 -17.31
CA PRO B 298 -16.74 13.62 -17.88
C PRO B 298 -16.74 13.64 -19.39
N GLU B 299 -15.57 13.85 -20.00
CA GLU B 299 -15.50 14.08 -21.43
C GLU B 299 -15.76 12.81 -22.26
N ARG B 300 -15.88 11.63 -21.63
CA ARG B 300 -16.29 10.42 -22.34
C ARG B 300 -17.77 10.42 -22.69
N VAL B 301 -18.58 11.21 -21.99
CA VAL B 301 -20.01 11.20 -22.29
C VAL B 301 -20.25 11.51 -23.76
N ASP B 302 -19.58 12.55 -24.28
CA ASP B 302 -19.68 12.89 -25.69
C ASP B 302 -19.37 11.70 -26.59
N LYS B 303 -18.24 11.01 -26.33
CA LYS B 303 -17.85 9.88 -27.17
C LYS B 303 -18.87 8.75 -27.07
N PHE B 304 -19.24 8.39 -25.83
CA PHE B 304 -20.17 7.29 -25.62
C PHE B 304 -21.52 7.59 -26.27
N TYR B 305 -22.06 8.78 -26.05
CA TYR B 305 -23.41 9.09 -26.55
C TYR B 305 -23.48 8.99 -28.06
N SER B 306 -22.46 9.49 -28.75
CA SER B 306 -22.49 9.54 -30.20
C SER B 306 -22.24 8.17 -30.84
N GLN B 307 -21.92 7.16 -30.05
CA GLN B 307 -21.77 5.82 -30.59
C GLN B 307 -23.13 5.22 -30.97
N SER B 308 -23.08 4.19 -31.80
CA SER B 308 -24.26 3.48 -32.20
C SER B 308 -24.84 2.71 -31.02
N ALA B 309 -26.12 2.38 -31.14
CA ALA B 309 -26.77 1.57 -30.12
C ALA B 309 -26.03 0.25 -29.94
N ALA B 310 -25.55 -0.33 -31.03
CA ALA B 310 -24.88 -1.62 -30.95
C ALA B 310 -23.54 -1.51 -30.24
N GLU B 311 -22.80 -0.42 -30.49
CA GLU B 311 -21.51 -0.24 -29.82
C GLU B 311 -21.69 0.10 -28.34
N ARG B 312 -22.66 0.96 -28.02
CA ARG B 312 -22.92 1.32 -26.63
C ARG B 312 -23.31 0.09 -25.81
N GLN B 313 -24.19 -0.74 -26.37
CA GLN B 313 -24.61 -1.96 -25.71
C GLN B 313 -23.43 -2.91 -25.47
N ARG B 314 -22.58 -3.08 -26.49
CA ARG B 314 -21.36 -3.88 -26.34
C ARG B 314 -20.41 -3.26 -25.32
N SER B 315 -20.19 -1.94 -25.42
CA SER B 315 -19.32 -1.26 -24.47
C SER B 315 -19.75 -1.47 -23.03
N LEU B 316 -21.06 -1.50 -22.77
CA LEU B 316 -21.53 -1.57 -21.39
C LEU B 316 -21.21 -2.92 -20.75
N LEU B 317 -21.33 -4.01 -21.51
CA LEU B 317 -20.90 -5.30 -21.00
C LEU B 317 -19.38 -5.35 -20.85
N ALA B 318 -18.66 -4.84 -21.85
CA ALA B 318 -17.21 -5.06 -21.96
C ALA B 318 -16.39 -4.09 -21.11
N ASP B 319 -16.78 -2.81 -21.07
CA ASP B 319 -15.93 -1.78 -20.47
C ASP B 319 -15.62 -2.09 -19.02
N LYS B 320 -16.66 -2.35 -18.22
CA LYS B 320 -16.45 -2.59 -16.80
C LYS B 320 -17.65 -3.32 -16.21
N ALA B 321 -17.37 -4.24 -15.30
CA ALA B 321 -18.41 -4.82 -14.45
C ALA B 321 -19.24 -3.69 -13.85
N THR B 322 -20.56 -3.83 -13.96
CA THR B 322 -21.55 -2.81 -13.60
C THR B 322 -21.28 -2.11 -12.27
N ASN B 323 -21.83 -0.91 -12.12
CA ASN B 323 -21.62 -0.13 -10.91
C ASN B 323 -22.14 -0.88 -9.68
N TYR B 324 -21.33 -0.92 -8.63
CA TYR B 324 -21.64 -1.48 -7.30
C TYR B 324 -21.84 -2.99 -7.31
N SER B 325 -21.63 -3.65 -8.45
CA SER B 325 -21.70 -5.09 -8.51
C SER B 325 -20.44 -5.77 -8.03
N VAL B 326 -19.38 -5.01 -7.74
CA VAL B 326 -18.12 -5.56 -7.26
C VAL B 326 -17.81 -4.89 -5.92
N VAL B 327 -16.74 -5.36 -5.28
CA VAL B 327 -16.45 -4.96 -3.91
C VAL B 327 -15.07 -4.32 -3.87
N ARG B 328 -14.98 -3.18 -3.18
CA ARG B 328 -13.68 -2.56 -2.94
C ARG B 328 -12.69 -3.58 -2.35
N LEU B 329 -11.49 -3.63 -2.95
CA LEU B 329 -10.52 -4.66 -2.60
C LEU B 329 -10.27 -4.72 -1.09
N GLU B 330 -10.08 -3.55 -0.48
CA GLU B 330 -9.80 -3.52 0.95
C GLU B 330 -10.87 -4.27 1.75
N LEU B 331 -12.14 -4.10 1.38
CA LEU B 331 -13.22 -4.76 2.12
C LEU B 331 -13.24 -6.27 1.86
N ILE B 332 -12.91 -6.71 0.64
CA ILE B 332 -12.82 -8.15 0.43
C ILE B 332 -11.74 -8.76 1.32
N GLU B 333 -10.59 -8.09 1.42
CA GLU B 333 -9.49 -8.62 2.21
C GLU B 333 -9.86 -8.70 3.68
N GLU B 334 -10.54 -7.67 4.20
CA GLU B 334 -11.04 -7.71 5.58
C GLU B 334 -11.96 -8.89 5.79
N ILE B 335 -12.96 -9.05 4.92
CA ILE B 335 -13.85 -10.21 5.02
C ILE B 335 -13.05 -11.50 4.95
N TYR B 336 -12.13 -11.60 3.98
CA TYR B 336 -11.33 -12.81 3.83
C TYR B 336 -10.52 -13.09 5.09
N ASN B 337 -9.96 -12.05 5.69
CA ASN B 337 -9.15 -12.26 6.87
C ASN B 337 -10.01 -12.75 8.04
N ASP B 338 -11.22 -12.19 8.21
CA ASP B 338 -12.15 -12.69 9.21
C ASP B 338 -12.45 -14.18 9.00
N MET B 339 -12.69 -14.60 7.75
CA MET B 339 -12.97 -16.01 7.50
C MET B 339 -11.76 -16.88 7.86
N TYR B 340 -10.56 -16.41 7.55
CA TYR B 340 -9.36 -17.17 7.88
C TYR B 340 -9.25 -17.37 9.38
N LEU B 341 -9.52 -16.32 10.16
CA LEU B 341 -9.47 -16.44 11.60
C LEU B 341 -10.43 -17.52 12.09
N GLN B 342 -11.61 -17.64 11.45
CA GLN B 342 -12.48 -18.76 11.77
C GLN B 342 -11.80 -20.08 11.47
N ARG B 343 -11.06 -20.14 10.36
CA ARG B 343 -10.37 -21.37 10.02
C ARG B 343 -9.33 -21.73 11.07
N VAL B 344 -8.64 -20.72 11.59
CA VAL B 344 -7.68 -20.96 12.67
C VAL B 344 -8.39 -21.62 13.85
N LYS B 345 -9.56 -21.10 14.20
CA LYS B 345 -10.26 -21.63 15.37
C LYS B 345 -10.85 -22.99 15.09
N ASN B 346 -11.17 -23.29 13.84
CA ASN B 346 -11.90 -24.51 13.53
C ASN B 346 -11.79 -24.83 12.05
N PRO B 347 -11.10 -25.93 11.69
CA PRO B 347 -10.88 -26.24 10.27
C PRO B 347 -12.14 -26.65 9.51
N ASP B 348 -13.27 -26.83 10.20
CA ASP B 348 -14.49 -27.34 9.59
C ASP B 348 -15.36 -26.16 9.18
N GLU B 349 -15.29 -25.81 7.88
CA GLU B 349 -15.96 -24.60 7.42
C GLU B 349 -17.45 -24.64 7.75
N THR B 350 -18.05 -25.82 7.75
CA THR B 350 -19.47 -25.90 8.04
C THR B 350 -19.80 -25.60 9.49
N GLN B 351 -18.81 -25.55 10.36
CA GLN B 351 -19.04 -25.14 11.74
C GLN B 351 -18.91 -23.64 11.92
N TRP B 352 -18.56 -22.91 10.87
CA TRP B 352 -18.23 -21.50 11.06
C TRP B 352 -19.48 -20.70 11.38
N GLN B 353 -19.32 -19.72 12.25
CA GLN B 353 -20.43 -18.83 12.56
C GLN B 353 -20.85 -18.04 11.33
N HIS B 354 -19.90 -17.60 10.52
CA HIS B 354 -20.19 -16.76 9.36
C HIS B 354 -19.66 -17.44 8.11
N ARG B 355 -20.53 -17.62 7.12
CA ARG B 355 -20.23 -18.47 5.98
C ARG B 355 -20.61 -17.78 4.68
N ILE B 356 -19.92 -18.19 3.61
CA ILE B 356 -20.22 -17.77 2.25
C ILE B 356 -20.57 -19.01 1.45
N LEU B 357 -21.65 -18.92 0.69
CA LEU B 357 -22.16 -20.02 -0.13
C LEU B 357 -22.16 -19.53 -1.56
N PRO B 358 -21.05 -19.67 -2.27
CA PRO B 358 -20.99 -19.21 -3.65
C PRO B 358 -21.74 -20.16 -4.58
N GLU B 359 -22.05 -19.64 -5.78
CA GLU B 359 -22.69 -20.40 -6.85
C GLU B 359 -24.03 -20.98 -6.40
N ARG B 360 -24.86 -20.13 -5.79
CA ARG B 360 -26.16 -20.55 -5.30
C ARG B 360 -27.26 -19.62 -5.81
N LYS B 361 -28.46 -20.19 -5.99
CA LYS B 361 -29.67 -19.41 -6.17
C LYS B 361 -30.72 -19.86 -5.17
N ILE B 362 -31.54 -18.91 -4.73
CA ILE B 362 -32.71 -19.20 -3.91
C ILE B 362 -33.85 -19.61 -4.82
N THR B 363 -34.42 -20.79 -4.60
CA THR B 363 -35.52 -21.29 -5.41
C THR B 363 -36.87 -21.22 -4.71
N ARG B 364 -36.92 -21.39 -3.38
CA ARG B 364 -38.17 -21.23 -2.63
C ARG B 364 -37.87 -20.60 -1.27
N VAL B 365 -38.83 -19.81 -0.78
CA VAL B 365 -38.78 -19.25 0.56
C VAL B 365 -40.10 -19.58 1.27
N GLU B 366 -40.05 -20.50 2.24
CA GLU B 366 -41.20 -20.75 3.09
C GLU B 366 -41.24 -19.69 4.19
N HIS B 367 -42.38 -19.01 4.30
CA HIS B 367 -42.48 -17.88 5.22
C HIS B 367 -43.82 -17.81 5.96
N HIS B 368 -44.66 -18.84 5.89
CA HIS B 368 -45.93 -18.86 6.60
C HIS B 368 -45.86 -19.83 7.78
N GLY B 369 -46.83 -19.73 8.66
CA GLY B 369 -46.85 -20.54 9.85
C GLY B 369 -46.45 -19.74 11.07
N PRO B 370 -46.51 -20.36 12.25
CA PRO B 370 -46.18 -19.63 13.48
C PRO B 370 -44.69 -19.31 13.60
N GLN B 371 -43.83 -20.18 13.03
CA GLN B 371 -42.38 -20.05 13.21
C GLN B 371 -41.89 -18.66 12.83
N SER B 372 -41.01 -18.12 13.67
CA SER B 372 -40.45 -16.79 13.44
C SER B 372 -39.41 -16.79 12.32
N ARG B 373 -38.81 -17.94 12.01
CA ARG B 373 -37.81 -18.03 10.96
C ARG B 373 -38.45 -18.49 9.65
N MET B 374 -37.83 -18.11 8.54
CA MET B 374 -38.17 -18.58 7.21
C MET B 374 -37.17 -19.64 6.75
N ARG B 375 -37.63 -20.57 5.90
CA ARG B 375 -36.74 -21.55 5.31
C ARG B 375 -36.41 -21.12 3.87
N ILE B 376 -35.13 -20.94 3.60
CA ILE B 376 -34.61 -20.58 2.30
C ILE B 376 -34.12 -21.85 1.62
N HIS B 377 -34.62 -22.12 0.41
CA HIS B 377 -34.20 -23.27 -0.37
C HIS B 377 -33.21 -22.84 -1.44
N LEU B 378 -32.09 -23.56 -1.54
CA LEU B 378 -30.98 -23.19 -2.40
C LEU B 378 -30.69 -24.28 -3.42
N LYS B 379 -30.46 -23.87 -4.65
CA LYS B 379 -29.90 -24.72 -5.69
C LYS B 379 -28.64 -24.06 -6.24
N SER B 380 -27.84 -24.87 -6.92
CA SER B 380 -26.73 -24.32 -7.69
C SER B 380 -27.23 -23.29 -8.68
N SER B 381 -26.42 -22.25 -8.90
CA SER B 381 -26.80 -21.22 -9.85
C SER B 381 -26.32 -21.52 -11.27
N LYS B 382 -25.68 -22.67 -11.50
CA LYS B 382 -25.07 -23.00 -12.79
C LYS B 382 -26.08 -22.96 -13.95
N GLU B 394 -29.87 -27.76 -0.45
CA GLU B 394 -29.51 -27.00 0.76
C GLU B 394 -30.63 -26.10 1.28
N THR B 395 -30.63 -25.86 2.58
CA THR B 395 -31.66 -25.07 3.25
C THR B 395 -31.04 -24.31 4.40
N LEU B 396 -31.49 -23.07 4.58
CA LEU B 396 -31.20 -22.31 5.80
C LEU B 396 -32.51 -21.86 6.39
N GLU B 397 -32.59 -21.93 7.70
CA GLU B 397 -33.65 -21.29 8.47
C GLU B 397 -33.07 -20.00 9.05
N VAL B 398 -33.65 -18.85 8.66
CA VAL B 398 -33.09 -17.54 8.97
C VAL B 398 -34.15 -16.63 9.58
N ASP B 399 -33.69 -15.79 10.51
CA ASP B 399 -34.54 -14.75 11.08
C ASP B 399 -34.77 -13.58 10.16
N ALA B 400 -33.87 -13.35 9.20
CA ALA B 400 -34.00 -12.22 8.30
C ALA B 400 -33.19 -12.50 7.03
N LEU B 401 -33.65 -11.93 5.93
CA LEU B 401 -32.98 -12.03 4.64
C LEU B 401 -32.76 -10.63 4.10
N MET B 402 -31.50 -10.17 4.10
CA MET B 402 -31.12 -8.92 3.46
C MET B 402 -30.86 -9.18 1.99
N VAL B 403 -31.42 -8.36 1.12
CA VAL B 403 -31.35 -8.57 -0.32
C VAL B 403 -30.61 -7.38 -0.92
N ALA B 404 -29.37 -7.61 -1.34
CA ALA B 404 -28.52 -6.55 -1.85
C ALA B 404 -28.36 -6.73 -3.35
N THR B 405 -29.46 -6.55 -4.07
CA THR B 405 -29.50 -6.87 -5.49
C THR B 405 -29.69 -5.62 -6.35
N GLY B 406 -29.24 -4.47 -5.87
CA GLY B 406 -29.23 -3.32 -6.73
C GLY B 406 -30.60 -2.68 -6.91
N TYR B 407 -30.70 -1.87 -7.97
CA TYR B 407 -31.84 -0.98 -8.19
C TYR B 407 -32.31 -1.03 -9.63
N ASN B 408 -33.59 -0.75 -9.83
CA ASN B 408 -34.08 -0.38 -11.15
C ASN B 408 -34.12 1.13 -11.26
N ARG B 409 -33.93 1.63 -12.48
CA ARG B 409 -33.97 3.08 -12.66
C ARG B 409 -35.00 3.47 -13.73
N ASN B 410 -36.23 2.96 -13.60
CA ASN B 410 -37.33 3.25 -14.52
C ASN B 410 -38.52 3.91 -13.85
N ALA B 411 -38.37 4.47 -12.65
CA ALA B 411 -39.57 4.99 -11.98
C ALA B 411 -40.11 6.21 -12.71
N HIS B 412 -39.28 6.86 -13.55
CA HIS B 412 -39.73 7.99 -14.34
C HIS B 412 -40.81 7.59 -15.34
N GLU B 413 -40.82 6.33 -15.77
CA GLU B 413 -41.86 5.88 -16.68
C GLU B 413 -43.23 5.99 -16.01
N ARG B 414 -43.31 5.58 -14.74
CA ARG B 414 -44.56 5.75 -14.01
C ARG B 414 -44.91 7.23 -13.88
N LEU B 415 -43.94 8.05 -13.46
CA LEU B 415 -44.25 9.44 -13.15
C LEU B 415 -44.69 10.21 -14.39
N LEU B 416 -44.23 9.81 -15.58
CA LEU B 416 -44.47 10.57 -16.81
C LEU B 416 -45.52 9.93 -17.70
N SER B 417 -46.27 8.96 -17.20
CA SER B 417 -47.20 8.29 -18.11
C SER B 417 -48.29 9.23 -18.61
N LYS B 418 -48.68 10.23 -17.82
CA LYS B 418 -49.73 11.13 -18.27
C LYS B 418 -49.22 12.23 -19.20
N VAL B 419 -47.94 12.25 -19.56
CA VAL B 419 -47.45 13.16 -20.58
C VAL B 419 -46.77 12.43 -21.72
N GLN B 420 -46.88 11.09 -21.77
CA GLN B 420 -46.15 10.35 -22.78
C GLN B 420 -46.80 10.41 -24.16
N HIS B 421 -48.05 10.88 -24.25
CA HIS B 421 -48.64 11.13 -25.55
C HIS B 421 -48.02 12.33 -26.25
N LEU B 422 -47.22 13.13 -25.55
CA LEU B 422 -46.52 14.25 -26.17
C LEU B 422 -45.22 13.84 -26.83
N ARG B 423 -44.79 12.59 -26.64
CA ARG B 423 -43.63 12.09 -27.35
C ARG B 423 -43.87 12.06 -28.86
N PRO B 424 -42.81 12.01 -29.66
CA PRO B 424 -42.99 11.80 -31.11
C PRO B 424 -43.75 10.51 -31.40
N THR B 425 -44.49 10.52 -32.51
CA THR B 425 -45.39 9.42 -32.85
C THR B 425 -44.66 8.08 -32.83
N GLY B 426 -45.26 7.10 -32.19
CA GLY B 426 -44.73 5.75 -32.18
C GLY B 426 -43.65 5.46 -31.14
N GLN B 427 -43.27 6.42 -30.32
CA GLN B 427 -42.29 6.14 -29.28
C GLN B 427 -42.93 5.46 -28.08
N ASP B 428 -42.23 4.50 -27.50
CA ASP B 428 -42.72 3.85 -26.28
C ASP B 428 -41.74 3.99 -25.13
N GLN B 429 -40.67 4.75 -25.32
CA GLN B 429 -39.70 5.02 -24.28
C GLN B 429 -39.39 6.50 -24.34
N TRP B 430 -38.88 7.03 -23.24
CA TRP B 430 -38.37 8.39 -23.23
C TRP B 430 -36.94 8.40 -23.77
N LYS B 431 -36.67 9.29 -24.73
CA LYS B 431 -35.43 9.30 -25.49
C LYS B 431 -34.67 10.56 -25.18
N PRO B 432 -33.65 10.53 -24.34
CA PRO B 432 -32.91 11.76 -24.03
C PRO B 432 -31.90 12.11 -25.11
N HIS B 433 -31.83 13.40 -25.42
CA HIS B 433 -30.76 13.92 -26.26
C HIS B 433 -29.45 13.96 -25.46
N ARG B 434 -28.38 14.42 -26.11
CA ARG B 434 -27.10 14.52 -25.42
C ARG B 434 -27.20 15.39 -24.16
N ASP B 435 -27.96 16.49 -24.23
CA ASP B 435 -28.13 17.38 -23.09
C ASP B 435 -29.24 16.94 -22.15
N TYR B 436 -29.67 15.68 -22.22
CA TYR B 436 -30.56 14.97 -21.30
C TYR B 436 -32.03 15.38 -21.43
N ARG B 437 -32.35 16.31 -22.33
CA ARG B 437 -33.73 16.67 -22.63
C ARG B 437 -34.38 15.59 -23.48
N VAL B 438 -35.59 15.18 -23.13
CA VAL B 438 -36.24 14.10 -23.85
C VAL B 438 -36.89 14.65 -25.11
N GLU B 439 -36.90 13.82 -26.15
CA GLU B 439 -37.59 14.17 -27.38
C GLU B 439 -39.07 14.39 -27.11
N MET B 440 -39.61 15.45 -27.72
CA MET B 440 -41.04 15.76 -27.72
C MET B 440 -41.49 16.07 -29.14
N ASP B 441 -42.74 15.75 -29.43
CA ASP B 441 -43.38 16.21 -30.65
C ASP B 441 -43.46 17.73 -30.64
N PRO B 442 -42.74 18.41 -31.54
CA PRO B 442 -42.70 19.88 -31.51
C PRO B 442 -44.02 20.52 -31.88
N SER B 443 -44.94 19.79 -32.50
CA SER B 443 -46.27 20.32 -32.72
C SER B 443 -47.14 20.27 -31.48
N LYS B 444 -46.74 19.51 -30.44
CA LYS B 444 -47.52 19.32 -29.24
C LYS B 444 -46.95 20.02 -28.02
N VAL B 445 -45.66 20.34 -28.03
CA VAL B 445 -45.00 20.92 -26.86
C VAL B 445 -44.33 22.21 -27.28
N SER B 446 -44.61 23.28 -26.56
CA SER B 446 -43.87 24.52 -26.73
C SER B 446 -42.38 24.27 -26.57
N SER B 447 -41.58 25.00 -27.37
CA SER B 447 -40.14 24.94 -27.27
C SER B 447 -39.64 25.52 -25.96
N GLU B 448 -40.41 26.36 -25.29
CA GLU B 448 -40.03 26.85 -23.98
C GLU B 448 -40.42 25.88 -22.86
N ALA B 449 -40.92 24.69 -23.20
CA ALA B 449 -41.26 23.66 -22.23
C ALA B 449 -40.43 22.41 -22.51
N GLY B 450 -40.21 21.59 -21.48
CA GLY B 450 -39.45 20.36 -21.72
C GLY B 450 -39.28 19.56 -20.45
N ILE B 451 -38.79 18.33 -20.64
CA ILE B 451 -38.51 17.40 -19.55
C ILE B 451 -37.12 16.79 -19.77
N TRP B 452 -36.31 16.79 -18.72
CA TRP B 452 -34.98 16.19 -18.73
C TRP B 452 -34.96 14.99 -17.77
N LEU B 453 -34.08 14.03 -18.05
CA LEU B 453 -33.87 12.87 -17.20
C LEU B 453 -32.44 12.87 -16.67
N GLN B 454 -32.25 12.50 -15.40
CA GLN B 454 -30.92 12.44 -14.81
C GLN B 454 -30.76 11.13 -14.05
N GLY B 455 -29.64 10.45 -14.29
CA GLY B 455 -29.29 9.28 -13.52
C GLY B 455 -29.87 7.98 -14.02
N CYS B 456 -30.82 8.02 -14.94
CA CYS B 456 -31.39 6.80 -15.50
C CYS B 456 -30.95 6.57 -16.95
N ASN B 457 -29.89 7.24 -17.40
CA ASN B 457 -29.52 7.25 -18.82
C ASN B 457 -28.22 6.51 -19.10
N GLU B 458 -27.94 5.46 -18.33
CA GLU B 458 -26.74 4.66 -18.57
C GLU B 458 -26.66 4.18 -20.01
N ARG B 459 -27.78 3.70 -20.56
CA ARG B 459 -27.73 3.07 -21.86
C ARG B 459 -27.34 4.06 -22.96
N THR B 460 -27.64 5.36 -22.78
CA THR B 460 -27.25 6.37 -23.77
C THR B 460 -26.03 7.18 -23.38
N HIS B 461 -25.71 7.29 -22.09
CA HIS B 461 -24.69 8.21 -21.63
C HIS B 461 -23.54 7.58 -20.86
N GLY B 462 -23.60 6.30 -20.53
CA GLY B 462 -22.49 5.62 -19.90
C GLY B 462 -22.79 5.16 -18.47
N LEU B 463 -21.90 4.30 -18.00
CA LEU B 463 -21.94 3.81 -16.62
C LEU B 463 -21.89 4.95 -15.61
N SER B 464 -21.24 6.06 -15.95
CA SER B 464 -21.11 7.15 -15.01
C SER B 464 -22.45 7.85 -14.71
N ASP B 465 -23.52 7.51 -15.43
CA ASP B 465 -24.72 8.34 -15.37
C ASP B 465 -25.40 8.29 -14.01
N SER B 466 -25.45 7.11 -13.39
CA SER B 466 -26.09 6.90 -12.10
C SER B 466 -25.15 7.18 -10.91
N LEU B 467 -23.90 7.57 -11.15
CA LEU B 467 -22.90 7.70 -10.10
C LEU B 467 -22.64 9.18 -9.79
N LEU B 468 -21.72 9.43 -8.83
CA LEU B 468 -21.28 10.80 -8.58
C LEU B 468 -20.31 11.32 -9.63
N SER B 469 -19.82 10.42 -10.49
CA SER B 469 -18.64 10.66 -11.31
C SER B 469 -18.70 11.96 -12.10
N VAL B 470 -19.80 12.20 -12.82
CA VAL B 470 -19.83 13.36 -13.72
C VAL B 470 -20.84 14.41 -13.27
N LEU B 471 -21.26 14.40 -11.99
CA LEU B 471 -22.35 15.28 -11.57
C LEU B 471 -21.96 16.75 -11.65
N ALA B 472 -20.74 17.09 -11.27
CA ALA B 472 -20.36 18.49 -11.28
C ALA B 472 -20.38 19.03 -12.70
N VAL B 473 -19.77 18.30 -13.65
CA VAL B 473 -19.76 18.73 -15.04
C VAL B 473 -21.17 18.68 -15.63
N ARG B 474 -21.92 17.62 -15.31
CA ARG B 474 -23.26 17.51 -15.88
C ARG B 474 -24.19 18.59 -15.35
N GLY B 475 -24.01 18.96 -14.08
CA GLY B 475 -24.78 20.07 -13.53
C GLY B 475 -24.56 21.35 -14.30
N GLY B 476 -23.31 21.63 -14.66
CA GLY B 476 -23.02 22.76 -15.52
C GLY B 476 -23.69 22.64 -16.88
N GLU B 477 -23.65 21.44 -17.47
CA GLU B 477 -24.32 21.26 -18.76
C GLU B 477 -25.82 21.50 -18.63
N MET B 478 -26.43 20.97 -17.56
CA MET B 478 -27.87 21.07 -17.38
C MET B 478 -28.29 22.53 -17.29
N VAL B 479 -27.56 23.32 -16.50
CA VAL B 479 -27.85 24.74 -16.37
C VAL B 479 -27.83 25.43 -17.73
N GLN B 480 -26.80 25.16 -18.56
CA GLN B 480 -26.77 25.80 -19.87
C GLN B 480 -27.91 25.31 -20.76
N SER B 481 -28.18 24.00 -20.73
CA SER B 481 -29.29 23.46 -21.49
C SER B 481 -30.62 24.11 -21.08
N ILE B 482 -30.85 24.24 -19.78
CA ILE B 482 -32.17 24.67 -19.28
C ILE B 482 -32.28 26.19 -19.22
N PHE B 483 -31.24 26.88 -18.73
CA PHE B 483 -31.31 28.31 -18.48
C PHE B 483 -30.43 29.14 -19.40
N GLY B 484 -29.76 28.52 -20.38
CA GLY B 484 -28.82 29.20 -21.23
C GLY B 484 -29.35 30.48 -21.89
N GLU B 485 -30.40 30.33 -22.71
CA GLU B 485 -31.04 31.49 -23.31
C GLU B 485 -31.41 32.52 -22.25
N GLN B 486 -32.17 32.09 -21.24
CA GLN B 486 -32.58 32.96 -20.14
C GLN B 486 -31.40 33.72 -19.54
N LEU B 487 -30.25 33.05 -19.38
CA LEU B 487 -29.04 33.66 -18.85
C LEU B 487 -28.17 34.32 -19.92
N GLU B 488 -28.75 34.63 -21.07
CA GLU B 488 -28.20 35.64 -21.97
C GLU B 488 -29.07 36.88 -21.95
N ARG B 489 -30.36 36.71 -22.25
CA ARG B 489 -31.38 37.73 -22.06
C ARG B 489 -31.35 38.24 -20.62
N ARG C 30 20.65 -37.34 -6.03
CA ARG C 30 20.99 -38.70 -5.59
C ARG C 30 20.42 -39.74 -6.55
N LEU C 31 19.55 -39.29 -7.48
CA LEU C 31 18.95 -40.17 -8.47
C LEU C 31 20.02 -40.64 -9.45
N ARG C 32 20.21 -41.95 -9.54
CA ARG C 32 21.22 -42.49 -10.43
C ARG C 32 20.66 -42.59 -11.85
N SER C 33 21.56 -42.54 -12.82
CA SER C 33 21.20 -42.57 -14.22
C SER C 33 20.81 -43.96 -14.71
N THR C 34 19.99 -43.99 -15.76
CA THR C 34 19.63 -45.19 -16.49
C THR C 34 20.33 -45.18 -17.85
N PRO C 35 20.89 -46.30 -18.28
CA PRO C 35 21.53 -46.34 -19.61
C PRO C 35 20.55 -46.00 -20.73
N GLN C 36 21.05 -45.24 -21.70
CA GLN C 36 20.26 -44.79 -22.85
C GLN C 36 19.49 -45.95 -23.50
N ASP C 37 20.11 -47.13 -23.59
CA ASP C 37 19.46 -48.23 -24.31
C ASP C 37 18.65 -49.15 -23.40
N GLU C 38 18.42 -48.78 -22.15
CA GLU C 38 17.58 -49.59 -21.29
C GLU C 38 16.12 -49.18 -21.41
N LEU C 39 15.22 -50.12 -21.14
CA LEU C 39 13.81 -49.81 -21.12
C LEU C 39 13.52 -49.02 -19.86
N HIS C 40 13.03 -47.80 -20.02
CA HIS C 40 12.80 -46.87 -18.92
C HIS C 40 11.44 -47.09 -18.27
N ASP C 41 11.33 -46.69 -16.99
CA ASP C 41 10.01 -46.61 -16.37
C ASP C 41 9.29 -45.32 -16.79
N LEU C 42 9.99 -44.20 -16.80
CA LEU C 42 9.37 -42.96 -17.22
C LEU C 42 10.38 -42.12 -17.96
N LEU C 43 9.93 -41.48 -19.04
CA LEU C 43 10.72 -40.50 -19.74
C LEU C 43 9.90 -39.21 -19.82
N CYS C 44 10.47 -38.12 -19.32
CA CYS C 44 9.80 -36.84 -19.37
C CYS C 44 10.39 -36.00 -20.48
N VAL C 45 9.51 -35.46 -21.30
CA VAL C 45 9.88 -34.58 -22.40
C VAL C 45 9.85 -33.15 -21.89
N GLY C 46 11.01 -32.51 -21.86
CA GLY C 46 11.10 -31.16 -21.32
C GLY C 46 11.59 -31.20 -19.89
N PHE C 47 12.45 -30.25 -19.50
CA PHE C 47 12.86 -30.11 -18.11
C PHE C 47 12.74 -28.65 -17.71
N GLY C 48 11.53 -28.13 -17.81
CA GLY C 48 11.20 -26.86 -17.23
C GLY C 48 10.58 -27.10 -15.87
N PRO C 49 9.93 -26.07 -15.31
CA PRO C 49 9.35 -26.22 -13.97
C PRO C 49 8.42 -27.42 -13.81
N ALA C 50 7.64 -27.76 -14.84
CA ALA C 50 6.69 -28.86 -14.67
C ALA C 50 7.42 -30.20 -14.48
N SER C 51 8.44 -30.47 -15.29
CA SER C 51 9.18 -31.72 -15.09
C SER C 51 10.04 -31.68 -13.84
N LEU C 52 10.65 -30.52 -13.56
CA LEU C 52 11.47 -30.39 -12.36
C LEU C 52 10.65 -30.69 -11.11
N ALA C 53 9.40 -30.22 -11.06
CA ALA C 53 8.54 -30.54 -9.92
C ALA C 53 8.33 -32.04 -9.79
N ILE C 54 8.24 -32.77 -10.91
CA ILE C 54 8.13 -34.21 -10.85
C ILE C 54 9.41 -34.83 -10.30
N ALA C 55 10.57 -34.39 -10.81
CA ALA C 55 11.86 -34.92 -10.33
C ALA C 55 12.01 -34.69 -8.84
N ILE C 56 11.63 -33.51 -8.37
CA ILE C 56 11.73 -33.21 -6.94
C ILE C 56 10.79 -34.07 -6.13
N ALA C 57 9.56 -34.27 -6.63
CA ALA C 57 8.59 -35.07 -5.88
C ALA C 57 9.02 -36.53 -5.82
N LEU C 58 9.64 -37.04 -6.88
CA LEU C 58 10.19 -38.40 -6.82
C LEU C 58 11.33 -38.45 -5.82
N HIS C 59 12.25 -37.48 -5.89
CA HIS C 59 13.31 -37.41 -4.89
C HIS C 59 12.73 -37.46 -3.48
N ASP C 60 11.71 -36.65 -3.21
CA ASP C 60 11.14 -36.59 -1.87
C ASP C 60 10.46 -37.91 -1.51
N ALA C 61 9.83 -38.56 -2.49
CA ALA C 61 9.14 -39.82 -2.20
C ALA C 61 10.11 -40.91 -1.79
N LEU C 62 11.34 -40.88 -2.30
CA LEU C 62 12.36 -41.87 -1.98
C LEU C 62 13.15 -41.51 -0.72
N ASP C 63 12.99 -40.31 -0.19
CA ASP C 63 13.72 -39.80 0.94
C ASP C 63 13.10 -40.34 2.23
N PRO C 64 13.82 -41.18 2.98
CA PRO C 64 13.25 -41.75 4.21
C PRO C 64 12.95 -40.71 5.29
N ARG C 65 13.55 -39.53 5.25
CA ARG C 65 13.16 -38.48 6.21
C ARG C 65 11.75 -37.99 5.91
N LEU C 66 11.39 -37.91 4.64
CA LEU C 66 10.11 -37.33 4.29
C LEU C 66 8.99 -38.37 4.28
N ASN C 67 9.28 -39.57 3.81
CA ASN C 67 8.30 -40.65 3.78
C ASN C 67 8.90 -41.80 4.58
N LYS C 68 8.36 -42.05 5.77
CA LYS C 68 8.86 -43.16 6.59
C LYS C 68 8.77 -44.46 5.83
N SER C 69 7.70 -44.61 5.04
CA SER C 69 7.46 -45.75 4.17
C SER C 69 8.59 -45.96 3.17
N ALA C 70 9.50 -45.01 3.00
CA ALA C 70 10.52 -45.08 1.96
C ALA C 70 11.79 -45.80 2.41
N SER C 71 11.95 -46.04 3.71
CA SER C 71 13.14 -46.73 4.19
C SER C 71 13.28 -48.11 3.55
N ASN C 72 12.17 -48.80 3.33
CA ASN C 72 12.17 -50.12 2.70
C ASN C 72 11.93 -50.03 1.19
N ILE C 73 12.67 -49.16 0.51
CA ILE C 73 12.67 -49.08 -0.95
C ILE C 73 14.13 -49.07 -1.41
N HIS C 74 14.63 -50.23 -1.84
CA HIS C 74 16.02 -50.37 -2.27
C HIS C 74 16.15 -50.41 -3.80
N ALA C 75 15.17 -49.87 -4.52
CA ALA C 75 15.19 -49.86 -5.99
C ALA C 75 14.56 -48.56 -6.49
N GLN C 76 15.34 -47.78 -7.24
CA GLN C 76 14.93 -46.50 -7.84
C GLN C 76 14.35 -46.73 -9.24
N PRO C 77 13.25 -46.05 -9.57
CA PRO C 77 12.70 -46.16 -10.94
C PRO C 77 13.69 -45.67 -11.98
N LYS C 78 13.62 -46.26 -13.16
CA LYS C 78 14.47 -45.83 -14.27
C LYS C 78 13.83 -44.62 -14.91
N ILE C 79 14.38 -43.43 -14.66
CA ILE C 79 13.75 -42.19 -15.08
C ILE C 79 14.74 -41.35 -15.88
N CYS C 80 14.21 -40.62 -16.86
CA CYS C 80 15.07 -39.81 -17.71
C CYS C 80 14.31 -38.59 -18.21
N PHE C 81 15.03 -37.47 -18.30
CA PHE C 81 14.47 -36.20 -18.76
C PHE C 81 15.24 -35.72 -19.98
N LEU C 82 14.51 -35.33 -21.03
CA LEU C 82 15.10 -34.82 -22.26
C LEU C 82 14.75 -33.35 -22.38
N GLU C 83 15.77 -32.49 -22.38
CA GLU C 83 15.57 -31.04 -22.42
C GLU C 83 16.33 -30.44 -23.60
N ARG C 84 15.61 -29.63 -24.37
CA ARG C 84 16.19 -29.11 -25.60
C ARG C 84 17.30 -28.10 -25.32
N GLN C 85 17.13 -27.28 -24.29
CA GLN C 85 18.14 -26.30 -23.93
C GLN C 85 19.38 -26.99 -23.36
N LYS C 86 20.52 -26.28 -23.42
CA LYS C 86 21.78 -26.86 -23.01
C LYS C 86 21.93 -26.87 -21.49
N GLN C 87 21.16 -26.07 -20.79
CA GLN C 87 21.15 -26.06 -19.35
C GLN C 87 19.78 -25.58 -18.94
N PHE C 88 19.49 -25.68 -17.65
CA PHE C 88 18.18 -25.25 -17.20
C PHE C 88 18.04 -23.74 -17.39
N ALA C 89 16.88 -23.33 -17.91
CA ALA C 89 16.60 -21.92 -18.13
C ALA C 89 15.10 -21.71 -18.12
N TRP C 90 14.67 -20.57 -17.57
CA TRP C 90 13.26 -20.25 -17.42
C TRP C 90 12.94 -18.95 -18.17
N HIS C 91 12.36 -19.05 -19.36
CA HIS C 91 11.88 -17.90 -20.10
C HIS C 91 12.92 -16.79 -20.19
N SER C 92 14.12 -17.15 -20.67
CA SER C 92 15.20 -16.18 -20.64
C SER C 92 14.92 -14.98 -21.53
N GLY C 93 14.10 -15.15 -22.57
CA GLY C 93 13.74 -14.01 -23.39
C GLY C 93 12.97 -12.96 -22.64
N MET C 94 12.38 -13.32 -21.52
CA MET C 94 11.57 -12.37 -20.78
C MET C 94 12.12 -12.09 -19.40
N LEU C 95 13.41 -12.36 -19.19
CA LEU C 95 14.10 -11.96 -17.96
C LEU C 95 14.44 -10.47 -18.03
N VAL C 96 13.39 -9.65 -18.03
CA VAL C 96 13.57 -8.21 -18.17
C VAL C 96 13.98 -7.65 -16.81
N PRO C 97 14.76 -6.57 -16.78
CA PRO C 97 15.19 -5.97 -15.51
C PRO C 97 14.01 -5.63 -14.60
N GLY C 98 14.10 -6.08 -13.34
CA GLY C 98 13.08 -5.80 -12.33
C GLY C 98 11.82 -6.63 -12.41
N SER C 99 11.72 -7.56 -13.35
CA SER C 99 10.53 -8.38 -13.39
C SER C 99 10.52 -9.34 -12.21
N LYS C 100 9.33 -9.59 -11.70
CA LYS C 100 9.14 -10.49 -10.58
C LYS C 100 8.46 -11.74 -11.09
N ALA C 101 8.74 -12.86 -10.43
CA ALA C 101 7.86 -13.99 -10.63
C ALA C 101 6.50 -13.55 -10.14
N GLN C 102 5.45 -13.92 -10.87
CA GLN C 102 4.13 -13.39 -10.57
C GLN C 102 3.39 -14.24 -9.56
N ILE C 103 4.12 -14.86 -8.64
CA ILE C 103 3.55 -15.85 -7.75
C ILE C 103 4.19 -15.70 -6.37
N SER C 104 3.41 -15.98 -5.32
CA SER C 104 3.96 -16.04 -3.98
C SER C 104 5.00 -17.15 -3.90
N PHE C 105 6.10 -16.88 -3.18
CA PHE C 105 7.18 -17.86 -3.12
C PHE C 105 6.75 -19.15 -2.41
N ILE C 106 5.68 -19.11 -1.63
CA ILE C 106 5.17 -20.33 -1.01
C ILE C 106 4.76 -21.33 -2.08
N LYS C 107 4.39 -20.84 -3.27
CA LYS C 107 4.06 -21.69 -4.40
C LYS C 107 5.30 -22.11 -5.21
N ASP C 108 6.41 -22.36 -4.53
CA ASP C 108 7.61 -22.85 -5.18
C ASP C 108 7.36 -24.31 -5.54
N LEU C 109 8.44 -25.03 -5.89
CA LEU C 109 8.31 -26.38 -6.43
C LEU C 109 8.16 -27.48 -5.36
N ALA C 110 8.05 -27.16 -4.07
CA ALA C 110 7.95 -28.23 -3.08
C ALA C 110 7.04 -27.91 -1.89
N THR C 111 6.96 -26.64 -1.51
CA THR C 111 6.45 -26.26 -0.19
C THR C 111 5.00 -26.68 0.03
N LEU C 112 4.13 -26.46 -0.96
CA LEU C 112 2.74 -26.84 -0.80
C LEU C 112 2.56 -28.35 -0.74
N ARG C 113 3.54 -29.11 -1.19
CA ARG C 113 3.48 -30.54 -0.98
C ARG C 113 4.11 -30.92 0.34
N ASP C 114 5.28 -30.33 0.65
CA ASP C 114 5.95 -30.66 1.90
C ASP C 114 6.92 -29.54 2.29
N PRO C 115 6.57 -28.71 3.27
CA PRO C 115 7.47 -27.60 3.64
C PRO C 115 8.84 -28.04 4.16
N ARG C 116 8.98 -29.31 4.57
CA ARG C 116 10.26 -29.85 5.02
C ARG C 116 11.19 -30.21 3.88
N SER C 117 10.70 -30.18 2.64
CA SER C 117 11.54 -30.57 1.51
C SER C 117 12.77 -29.71 1.43
N SER C 118 13.89 -30.31 1.03
CA SER C 118 15.09 -29.52 0.84
C SER C 118 15.01 -28.63 -0.39
N PHE C 119 14.04 -28.84 -1.27
CA PHE C 119 13.91 -28.08 -2.50
C PHE C 119 12.99 -26.88 -2.36
N THR C 120 12.76 -26.39 -1.14
CA THR C 120 11.94 -25.19 -0.98
C THR C 120 12.76 -23.95 -1.32
N PHE C 121 12.05 -22.89 -1.70
CA PHE C 121 12.67 -21.60 -1.95
C PHE C 121 13.40 -21.09 -0.72
N LEU C 122 12.80 -21.26 0.46
CA LEU C 122 13.45 -20.76 1.66
C LEU C 122 14.73 -21.54 1.94
N ASN C 123 14.70 -22.85 1.74
CA ASN C 123 15.93 -23.62 1.94
C ASN C 123 16.97 -23.26 0.89
N TYR C 124 16.52 -23.01 -0.35
CA TYR C 124 17.45 -22.49 -1.35
C TYR C 124 18.11 -21.21 -0.87
N LEU C 125 17.30 -20.25 -0.41
CA LEU C 125 17.88 -19.00 0.10
C LEU C 125 18.85 -19.27 1.24
N HIS C 126 18.48 -20.20 2.11
CA HIS C 126 19.35 -20.55 3.22
C HIS C 126 20.69 -21.12 2.72
N GLN C 127 20.64 -22.00 1.73
CA GLN C 127 21.88 -22.53 1.18
C GLN C 127 22.71 -21.44 0.52
N LYS C 128 22.06 -20.40 0.00
CA LYS C 128 22.78 -19.31 -0.64
C LYS C 128 23.28 -18.25 0.34
N GLY C 129 22.97 -18.36 1.63
CA GLY C 129 23.31 -17.28 2.53
C GLY C 129 22.50 -16.01 2.34
N ARG C 130 21.29 -16.11 1.76
CA ARG C 130 20.48 -14.96 1.43
C ARG C 130 19.12 -14.93 2.13
N LEU C 131 18.82 -15.87 3.03
CA LEU C 131 17.48 -15.99 3.60
C LEU C 131 17.06 -14.75 4.37
N ILE C 132 17.91 -14.29 5.31
CA ILE C 132 17.59 -13.08 6.06
C ILE C 132 17.49 -11.88 5.12
N HIS C 133 18.34 -11.82 4.09
CA HIS C 133 18.30 -10.70 3.15
C HIS C 133 16.98 -10.70 2.37
N PHE C 134 16.49 -11.87 1.96
CA PHE C 134 15.19 -11.92 1.31
C PHE C 134 14.08 -11.52 2.26
N THR C 135 14.17 -11.95 3.53
CA THR C 135 13.16 -11.60 4.53
C THR C 135 13.02 -10.09 4.66
N ASN C 136 14.14 -9.36 4.67
CA ASN C 136 14.10 -7.91 4.77
C ASN C 136 13.51 -7.24 3.53
N LEU C 137 13.29 -7.97 2.44
CA LEU C 137 12.58 -7.38 1.31
C LEU C 137 11.10 -7.18 1.63
N SER C 138 10.55 -7.96 2.55
CA SER C 138 9.12 -7.90 2.85
C SER C 138 8.29 -8.07 1.58
N THR C 139 8.68 -9.04 0.75
CA THR C 139 7.95 -9.30 -0.48
C THR C 139 7.70 -10.80 -0.61
N PHE C 140 6.55 -11.16 -1.19
CA PHE C 140 6.25 -12.55 -1.53
C PHE C 140 6.68 -12.93 -2.94
N LEU C 141 6.97 -11.94 -3.79
CA LEU C 141 7.28 -12.17 -5.20
C LEU C 141 8.79 -12.01 -5.38
N PRO C 142 9.54 -13.09 -5.58
CA PRO C 142 10.96 -12.92 -5.89
C PRO C 142 11.16 -12.40 -7.31
N ALA C 143 12.29 -11.75 -7.52
CA ALA C 143 12.70 -11.40 -8.87
C ALA C 143 12.70 -12.63 -9.78
N ARG C 144 12.28 -12.45 -11.04
CA ARG C 144 12.27 -13.57 -11.98
C ARG C 144 13.66 -14.17 -12.14
N LEU C 145 14.67 -13.30 -12.21
CA LEU C 145 16.03 -13.79 -12.30
C LEU C 145 16.34 -14.68 -11.11
N GLU C 146 15.82 -14.31 -9.93
CA GLU C 146 16.12 -15.08 -8.73
C GLU C 146 15.38 -16.41 -8.74
N PHE C 147 14.12 -16.40 -9.19
CA PHE C 147 13.38 -17.65 -9.22
C PHE C 147 13.96 -18.61 -10.24
N GLU C 148 14.46 -18.08 -11.37
CA GLU C 148 15.16 -18.96 -12.30
C GLU C 148 16.35 -19.61 -11.62
N ASP C 149 17.11 -18.83 -10.84
CA ASP C 149 18.26 -19.39 -10.16
C ASP C 149 17.86 -20.40 -9.10
N TYR C 150 16.76 -20.12 -8.39
CA TYR C 150 16.24 -21.11 -7.46
C TYR C 150 15.99 -22.44 -8.16
N MET C 151 15.33 -22.38 -9.33
CA MET C 151 15.03 -23.61 -10.06
C MET C 151 16.27 -24.21 -10.71
N ARG C 152 17.22 -23.38 -11.14
CA ARG C 152 18.48 -23.91 -11.64
C ARG C 152 19.20 -24.69 -10.53
N TRP C 153 19.16 -24.16 -9.32
CA TRP C 153 19.77 -24.82 -8.17
C TRP C 153 19.11 -26.15 -7.85
N CYS C 154 17.77 -26.21 -7.89
CA CYS C 154 17.08 -27.48 -7.74
C CYS C 154 17.53 -28.46 -8.82
N ALA C 155 17.55 -28.00 -10.07
CA ALA C 155 17.81 -28.87 -11.21
C ALA C 155 19.20 -29.50 -11.14
N GLN C 156 20.17 -28.78 -10.55
CA GLN C 156 21.52 -29.30 -10.53
C GLN C 156 21.59 -30.61 -9.76
N GLN C 157 20.67 -30.85 -8.85
CA GLN C 157 20.63 -32.10 -8.13
C GLN C 157 20.09 -33.26 -8.99
N PHE C 158 19.58 -32.98 -10.20
CA PHE C 158 19.12 -34.04 -11.11
C PHE C 158 19.99 -34.16 -12.35
N SER C 159 21.24 -33.69 -12.27
CA SER C 159 22.08 -33.65 -13.44
C SER C 159 22.34 -35.04 -13.99
N ASP C 160 22.25 -36.08 -13.16
CA ASP C 160 22.51 -37.43 -13.65
C ASP C 160 21.36 -38.02 -14.45
N VAL C 161 20.16 -37.45 -14.41
CA VAL C 161 19.03 -38.04 -15.12
C VAL C 161 18.45 -37.08 -16.14
N VAL C 162 19.09 -35.95 -16.39
CA VAL C 162 18.62 -35.00 -17.38
C VAL C 162 19.61 -34.98 -18.53
N ALA C 163 19.13 -35.27 -19.72
CA ALA C 163 19.92 -35.11 -20.93
C ALA C 163 19.57 -33.76 -21.54
N TYR C 164 20.47 -32.80 -21.42
CA TYR C 164 20.28 -31.48 -21.99
C TYR C 164 20.66 -31.48 -23.45
N GLY C 165 20.21 -30.45 -24.19
CA GLY C 165 20.53 -30.43 -25.60
C GLY C 165 19.88 -31.55 -26.42
N GLU C 166 18.74 -32.08 -25.96
CA GLU C 166 17.99 -33.10 -26.70
C GLU C 166 16.60 -32.57 -27.03
N GLU C 167 16.35 -32.32 -28.32
CA GLU C 167 15.04 -31.84 -28.75
C GLU C 167 14.21 -33.02 -29.23
N VAL C 168 13.18 -33.36 -28.45
CA VAL C 168 12.31 -34.50 -28.77
C VAL C 168 11.53 -34.20 -30.04
N VAL C 169 11.50 -35.15 -30.96
CA VAL C 169 10.84 -34.96 -32.24
C VAL C 169 9.61 -35.84 -32.44
N GLU C 170 9.57 -37.05 -31.88
CA GLU C 170 8.36 -37.86 -32.00
C GLU C 170 8.39 -38.97 -30.96
N VAL C 171 7.20 -39.50 -30.69
CA VAL C 171 6.96 -40.65 -29.82
C VAL C 171 6.23 -41.70 -30.65
N ILE C 172 6.83 -42.88 -30.77
CA ILE C 172 6.29 -43.91 -31.65
C ILE C 172 5.91 -45.12 -30.80
N PRO C 173 4.87 -45.85 -31.18
CA PRO C 173 4.44 -46.98 -30.35
C PRO C 173 5.44 -48.13 -30.38
N GLY C 174 5.46 -48.91 -29.30
CA GLY C 174 6.27 -50.12 -29.19
C GLY C 174 5.50 -51.33 -28.66
N LYS C 175 5.61 -52.49 -29.33
CA LYS C 175 4.88 -53.69 -28.96
C LYS C 175 5.85 -54.82 -28.67
N SER C 176 5.77 -55.40 -27.47
CA SER C 176 6.57 -56.56 -27.08
C SER C 176 5.78 -57.50 -26.17
N SER C 181 0.82 -58.17 -30.01
CA SER C 181 -0.58 -57.75 -29.86
C SER C 181 -0.73 -56.26 -29.44
N VAL C 182 -0.75 -56.02 -28.14
CA VAL C 182 -0.96 -54.67 -27.60
C VAL C 182 0.36 -53.91 -27.58
N VAL C 183 0.27 -52.58 -27.54
CA VAL C 183 1.43 -51.71 -27.34
C VAL C 183 1.73 -51.59 -25.85
N ASP C 184 2.96 -51.92 -25.45
CA ASP C 184 3.30 -51.87 -24.03
C ASP C 184 4.53 -51.01 -23.72
N PHE C 185 5.07 -50.30 -24.70
CA PHE C 185 6.04 -49.25 -24.41
C PHE C 185 6.04 -48.25 -25.57
N PHE C 186 6.78 -47.17 -25.39
CA PHE C 186 6.93 -46.11 -26.38
C PHE C 186 8.41 -45.85 -26.61
N THR C 187 8.73 -45.48 -27.84
CA THR C 187 10.07 -45.05 -28.20
C THR C 187 10.03 -43.54 -28.41
N VAL C 188 10.87 -42.81 -27.67
CA VAL C 188 10.97 -41.36 -27.74
C VAL C 188 12.24 -41.03 -28.51
N ARG C 189 12.09 -40.39 -29.65
CA ARG C 189 13.21 -40.02 -30.51
C ARG C 189 13.51 -38.53 -30.33
N SER C 190 14.78 -38.20 -30.14
CA SER C 190 15.18 -36.81 -29.93
C SER C 190 16.41 -36.51 -30.77
N ARG C 191 16.51 -35.25 -31.15
CA ARG C 191 17.63 -34.74 -31.95
C ARG C 191 18.61 -34.00 -31.05
N ASN C 192 19.86 -34.43 -31.07
CA ASN C 192 20.91 -33.71 -30.36
C ASN C 192 21.14 -32.34 -30.99
N VAL C 193 21.07 -31.28 -30.19
CA VAL C 193 21.15 -29.93 -30.75
C VAL C 193 22.55 -29.61 -31.24
N GLU C 194 23.58 -30.31 -30.76
CA GLU C 194 24.93 -29.96 -31.18
C GLU C 194 25.35 -30.70 -32.45
N THR C 195 24.90 -31.94 -32.65
CA THR C 195 25.30 -32.70 -33.84
C THR C 195 24.20 -32.90 -34.86
N GLY C 196 22.94 -32.77 -34.48
CA GLY C 196 21.82 -33.16 -35.31
C GLY C 196 21.41 -34.63 -35.24
N GLU C 197 22.14 -35.47 -34.52
CA GLU C 197 21.82 -36.89 -34.51
C GLU C 197 20.54 -37.24 -33.74
N ILE C 198 19.76 -38.17 -34.30
CA ILE C 198 18.58 -38.69 -33.63
C ILE C 198 18.96 -39.91 -32.82
N SER C 199 18.61 -39.91 -31.54
CA SER C 199 18.75 -41.09 -30.68
C SER C 199 17.36 -41.47 -30.15
N ALA C 200 17.21 -42.74 -29.83
CA ALA C 200 15.93 -43.28 -29.39
C ALA C 200 16.09 -43.84 -27.98
N ARG C 201 15.05 -43.63 -27.18
CA ARG C 201 14.94 -44.18 -25.82
C ARG C 201 13.59 -44.85 -25.69
N ARG C 202 13.60 -46.04 -25.08
CA ARG C 202 12.40 -46.82 -24.88
C ARG C 202 11.95 -46.67 -23.45
N THR C 203 10.64 -46.49 -23.26
CA THR C 203 10.09 -46.26 -21.94
C THR C 203 8.68 -46.84 -21.88
N ARG C 204 8.26 -47.23 -20.69
CA ARG C 204 6.87 -47.65 -20.53
C ARG C 204 5.93 -46.44 -20.47
N LYS C 205 6.37 -45.37 -19.83
CA LYS C 205 5.51 -44.21 -19.61
C LYS C 205 6.20 -42.94 -20.06
N VAL C 206 5.41 -42.03 -20.63
CA VAL C 206 5.87 -40.76 -21.17
C VAL C 206 5.15 -39.63 -20.46
N VAL C 207 5.89 -38.55 -20.17
CA VAL C 207 5.33 -37.26 -19.79
C VAL C 207 5.77 -36.27 -20.84
N ILE C 208 4.82 -35.44 -21.31
CA ILE C 208 5.10 -34.33 -22.21
C ILE C 208 4.87 -33.06 -21.40
N ALA C 209 5.94 -32.35 -21.07
CA ALA C 209 5.86 -31.11 -20.30
C ALA C 209 6.72 -30.06 -21.02
N ILE C 210 6.23 -29.57 -22.15
CA ILE C 210 7.03 -28.76 -23.06
C ILE C 210 6.54 -27.31 -23.13
N GLY C 211 5.73 -26.86 -22.17
CA GLY C 211 5.30 -25.47 -22.14
C GLY C 211 4.54 -25.06 -23.40
N GLY C 212 4.85 -23.87 -23.91
CA GLY C 212 4.13 -23.34 -25.05
C GLY C 212 5.07 -22.89 -26.17
N THR C 213 4.50 -22.81 -27.35
CA THR C 213 5.19 -22.25 -28.50
C THR C 213 4.64 -20.86 -28.79
N ALA C 214 5.51 -19.99 -29.30
CA ALA C 214 5.13 -18.60 -29.54
C ALA C 214 3.92 -18.51 -30.47
N LYS C 215 2.89 -17.82 -30.00
CA LYS C 215 1.70 -17.57 -30.80
C LYS C 215 1.87 -16.25 -31.55
N MET C 216 1.98 -16.33 -32.88
CA MET C 216 2.07 -15.16 -33.76
C MET C 216 0.75 -14.97 -34.49
N PRO C 217 0.17 -13.77 -34.54
CA PRO C 217 -1.02 -13.55 -35.38
C PRO C 217 -0.71 -13.94 -36.82
N SER C 218 -1.64 -14.68 -37.43
CA SER C 218 -1.35 -15.25 -38.75
C SER C 218 -1.14 -14.20 -39.84
N GLY C 219 -1.54 -12.96 -39.62
CA GLY C 219 -1.29 -12.00 -40.69
C GLY C 219 0.13 -11.47 -40.76
N LEU C 220 0.94 -11.68 -39.72
CA LEU C 220 2.28 -11.09 -39.67
C LEU C 220 3.28 -11.88 -40.49
N PRO C 221 4.11 -11.24 -41.30
CA PRO C 221 5.19 -11.95 -42.00
C PRO C 221 6.38 -12.22 -41.09
N GLN C 222 7.18 -13.21 -41.50
CA GLN C 222 8.45 -13.49 -40.82
C GLN C 222 9.47 -12.44 -41.25
N ASP C 223 10.15 -11.83 -40.27
CA ASP C 223 11.12 -10.76 -40.49
C ASP C 223 11.96 -10.61 -39.23
N PRO C 224 13.26 -10.38 -39.34
CA PRO C 224 14.08 -10.24 -38.11
C PRO C 224 13.68 -9.05 -37.25
N ARG C 225 12.94 -8.09 -37.78
CA ARG C 225 12.47 -6.96 -37.00
C ARG C 225 11.14 -7.23 -36.32
N ILE C 226 10.53 -8.38 -36.59
CA ILE C 226 9.31 -8.84 -35.94
C ILE C 226 9.71 -9.95 -34.98
N ILE C 227 9.69 -9.66 -33.68
CA ILE C 227 10.25 -10.54 -32.65
C ILE C 227 9.18 -10.83 -31.62
N HIS C 228 8.95 -12.10 -31.35
CA HIS C 228 8.02 -12.50 -30.29
C HIS C 228 8.61 -12.24 -28.90
N SER C 229 7.72 -11.99 -27.94
CA SER C 229 8.14 -11.65 -26.58
C SER C 229 9.08 -12.70 -26.00
N SER C 230 8.89 -13.98 -26.37
CA SER C 230 9.78 -15.02 -25.86
C SER C 230 11.24 -14.81 -26.27
N LYS C 231 11.51 -13.96 -27.27
CA LYS C 231 12.87 -13.67 -27.70
C LYS C 231 13.28 -12.23 -27.44
N TYR C 232 12.55 -11.52 -26.57
CA TYR C 232 12.79 -10.10 -26.37
C TYR C 232 14.23 -9.85 -25.90
N CYS C 233 14.58 -10.37 -24.72
CA CYS C 233 15.87 -10.06 -24.09
C CYS C 233 17.03 -10.63 -24.85
N THR C 234 16.78 -11.67 -25.63
CA THR C 234 17.84 -12.41 -26.29
C THR C 234 18.09 -12.01 -27.74
N THR C 235 17.10 -11.42 -28.42
CA THR C 235 17.14 -11.11 -29.85
C THR C 235 17.11 -9.63 -30.17
N LEU C 236 16.31 -8.85 -29.44
CA LEU C 236 16.20 -7.43 -29.72
C LEU C 236 17.49 -6.64 -29.51
N PRO C 237 18.27 -6.86 -28.43
CA PRO C 237 19.51 -6.07 -28.29
C PRO C 237 20.47 -6.23 -29.44
N ALA C 238 20.52 -7.41 -30.06
CA ALA C 238 21.37 -7.60 -31.24
C ALA C 238 20.84 -6.83 -32.44
N LEU C 239 19.51 -6.68 -32.55
CA LEU C 239 18.96 -5.98 -33.69
C LEU C 239 19.08 -4.47 -33.54
N LEU C 240 18.81 -3.96 -32.36
CA LEU C 240 18.84 -2.52 -32.11
C LEU C 240 19.98 -2.28 -31.13
N LYS C 241 21.20 -2.12 -31.68
CA LYS C 241 22.40 -2.18 -30.86
C LYS C 241 22.69 -0.89 -30.10
N ASP C 242 22.39 0.26 -30.67
CA ASP C 242 22.76 1.54 -30.06
C ASP C 242 21.59 2.02 -29.19
N LYS C 243 21.71 1.79 -27.88
CA LYS C 243 20.66 2.16 -26.94
C LYS C 243 20.31 3.64 -27.02
N SER C 244 21.13 4.47 -27.65
CA SER C 244 20.87 5.90 -27.64
C SER C 244 20.09 6.38 -28.86
N LYS C 245 19.96 5.55 -29.88
CA LYS C 245 19.33 5.99 -31.11
C LYS C 245 17.82 6.16 -30.93
N PRO C 246 17.19 7.08 -31.68
CA PRO C 246 15.73 7.26 -31.62
C PRO C 246 14.97 6.24 -32.44
N TYR C 247 15.08 4.97 -32.06
CA TYR C 247 14.31 3.92 -32.73
C TYR C 247 12.81 4.17 -32.54
N ASN C 248 12.03 3.76 -33.53
CA ASN C 248 10.59 3.63 -33.39
C ASN C 248 10.30 2.16 -33.17
N ILE C 249 9.70 1.81 -32.03
CA ILE C 249 9.49 0.42 -31.67
C ILE C 249 8.03 0.24 -31.28
N ALA C 250 7.34 -0.68 -31.95
CA ALA C 250 5.95 -1.01 -31.62
C ALA C 250 5.90 -2.32 -30.84
N VAL C 251 4.87 -2.44 -29.99
CA VAL C 251 4.63 -3.64 -29.20
C VAL C 251 3.17 -4.05 -29.39
N LEU C 252 2.93 -5.30 -29.76
CA LEU C 252 1.58 -5.79 -30.07
C LEU C 252 1.08 -6.67 -28.92
N GLY C 253 -0.03 -6.28 -28.30
CA GLY C 253 -0.63 -7.02 -27.22
C GLY C 253 -1.00 -6.12 -26.08
N SER C 254 -1.67 -6.72 -25.08
CA SER C 254 -2.15 -5.96 -23.94
C SER C 254 -2.03 -6.70 -22.61
N GLY C 255 -1.34 -7.84 -22.58
CA GLY C 255 -1.17 -8.60 -21.36
C GLY C 255 0.14 -8.26 -20.67
N GLN C 256 0.47 -9.08 -19.67
CA GLN C 256 1.62 -8.81 -18.79
C GLN C 256 2.92 -8.63 -19.56
N SER C 257 3.19 -9.52 -20.49
CA SER C 257 4.46 -9.45 -21.21
C SER C 257 4.50 -8.22 -22.11
N ALA C 258 3.38 -7.90 -22.76
CA ALA C 258 3.33 -6.70 -23.60
C ALA C 258 3.66 -5.44 -22.79
N ALA C 259 3.06 -5.32 -21.60
CA ALA C 259 3.31 -4.15 -20.77
C ALA C 259 4.73 -4.12 -20.25
N GLU C 260 5.28 -5.28 -19.87
CA GLU C 260 6.66 -5.29 -19.41
C GLU C 260 7.61 -4.86 -20.53
N ILE C 261 7.37 -5.33 -21.74
CA ILE C 261 8.21 -4.95 -22.88
C ILE C 261 8.04 -3.47 -23.21
N PHE C 262 6.79 -3.02 -23.31
CA PHE C 262 6.52 -1.61 -23.57
C PHE C 262 7.22 -0.73 -22.53
N HIS C 263 7.07 -1.09 -21.26
CA HIS C 263 7.69 -0.30 -20.20
C HIS C 263 9.21 -0.44 -20.21
N ASP C 264 9.73 -1.66 -20.39
CA ASP C 264 11.18 -1.84 -20.39
C ASP C 264 11.84 -1.09 -21.55
N LEU C 265 11.19 -1.06 -22.71
CA LEU C 265 11.77 -0.41 -23.88
C LEU C 265 12.04 1.07 -23.62
N GLN C 266 11.14 1.74 -22.92
CA GLN C 266 11.31 3.18 -22.67
C GLN C 266 12.51 3.48 -21.80
N LYS C 267 12.91 2.54 -20.95
CA LYS C 267 14.11 2.68 -20.15
C LYS C 267 15.34 2.20 -20.90
N ARG C 268 15.21 1.12 -21.68
CA ARG C 268 16.38 0.57 -22.39
C ARG C 268 16.81 1.49 -23.53
N TYR C 269 15.85 2.08 -24.25
CA TYR C 269 16.13 3.01 -25.35
C TYR C 269 15.49 4.35 -25.02
N PRO C 270 16.17 5.18 -24.22
CA PRO C 270 15.49 6.36 -23.66
C PRO C 270 15.01 7.36 -24.70
N ASN C 271 15.59 7.36 -25.89
CA ASN C 271 15.19 8.26 -26.95
C ASN C 271 14.27 7.61 -27.96
N SER C 272 13.81 6.39 -27.69
CA SER C 272 12.96 5.68 -28.62
C SER C 272 11.55 6.25 -28.62
N ARG C 273 10.81 5.92 -29.66
CA ARG C 273 9.38 6.22 -29.71
C ARG C 273 8.70 4.86 -29.72
N THR C 274 8.06 4.52 -28.61
CA THR C 274 7.41 3.25 -28.42
C THR C 274 5.90 3.40 -28.56
N THR C 275 5.28 2.42 -29.19
CA THR C 275 3.84 2.47 -29.40
C THR C 275 3.27 1.10 -29.06
N LEU C 276 2.32 1.06 -28.13
CA LEU C 276 1.64 -0.18 -27.78
C LEU C 276 0.34 -0.29 -28.57
N ILE C 277 0.21 -1.37 -29.33
CA ILE C 277 -0.96 -1.63 -30.16
C ILE C 277 -1.76 -2.72 -29.48
N MET C 278 -3.04 -2.45 -29.18
CA MET C 278 -3.86 -3.46 -28.51
C MET C 278 -5.25 -3.49 -29.11
N ARG C 279 -5.82 -4.70 -29.14
CA ARG C 279 -7.18 -4.88 -29.62
C ARG C 279 -8.20 -4.38 -28.60
N ASP C 280 -7.91 -4.55 -27.31
CA ASP C 280 -8.81 -4.12 -26.26
C ASP C 280 -8.78 -2.60 -26.10
N SER C 281 -9.76 -2.08 -25.34
CA SER C 281 -9.83 -0.64 -25.16
C SER C 281 -8.88 -0.15 -24.07
N ALA C 282 -8.42 -1.03 -23.20
CA ALA C 282 -7.54 -0.60 -22.11
C ALA C 282 -6.82 -1.80 -21.55
N MET C 283 -5.59 -1.54 -21.11
CA MET C 283 -4.90 -2.49 -20.27
C MET C 283 -5.74 -2.80 -19.03
N ARG C 284 -5.92 -4.09 -18.74
CA ARG C 284 -6.80 -4.46 -17.64
C ARG C 284 -6.01 -5.13 -16.53
N PRO C 285 -6.37 -4.91 -15.27
CA PRO C 285 -5.53 -5.39 -14.18
C PRO C 285 -5.75 -6.87 -13.88
N SER C 286 -4.70 -7.51 -13.36
CA SER C 286 -4.89 -8.85 -12.86
C SER C 286 -5.63 -8.78 -11.53
N ASP C 287 -6.61 -9.65 -11.38
CA ASP C 287 -7.41 -9.73 -10.16
C ASP C 287 -6.57 -10.42 -9.08
N ASP C 288 -6.16 -9.65 -8.06
CA ASP C 288 -5.31 -10.14 -6.97
C ASP C 288 -6.08 -10.44 -5.70
N SER C 289 -7.40 -10.39 -5.76
CA SER C 289 -8.24 -10.51 -4.58
C SER C 289 -8.29 -11.97 -4.09
N PRO C 290 -8.42 -12.16 -2.77
CA PRO C 290 -8.17 -13.51 -2.21
C PRO C 290 -9.23 -14.56 -2.57
N PHE C 291 -10.51 -14.21 -2.63
CA PHE C 291 -11.50 -15.24 -2.97
C PHE C 291 -11.34 -15.70 -4.41
N VAL C 292 -11.20 -14.76 -5.33
CA VAL C 292 -11.01 -15.10 -6.75
C VAL C 292 -9.77 -15.96 -6.93
N ASN C 293 -8.66 -15.59 -6.28
CA ASN C 293 -7.41 -16.28 -6.47
C ASN C 293 -7.37 -17.66 -5.86
N GLU C 294 -8.41 -18.07 -5.15
CA GLU C 294 -8.49 -19.46 -4.74
C GLU C 294 -8.62 -20.43 -5.91
N ILE C 295 -8.94 -19.95 -7.12
CA ILE C 295 -8.94 -20.82 -8.28
C ILE C 295 -7.56 -21.40 -8.50
N PHE C 296 -6.53 -20.77 -7.97
CA PHE C 296 -5.18 -21.29 -8.08
C PHE C 296 -4.81 -22.27 -6.96
N ASN C 297 -5.68 -22.45 -5.97
CA ASN C 297 -5.38 -23.39 -4.89
C ASN C 297 -5.21 -24.79 -5.48
N PRO C 298 -4.26 -25.59 -4.96
CA PRO C 298 -4.09 -26.94 -5.51
C PRO C 298 -5.34 -27.81 -5.41
N GLU C 299 -6.06 -27.74 -4.29
CA GLU C 299 -7.23 -28.59 -4.12
C GLU C 299 -8.39 -28.17 -5.00
N ARG C 300 -8.28 -27.04 -5.70
CA ARG C 300 -9.32 -26.62 -6.65
C ARG C 300 -9.24 -27.33 -7.98
N VAL C 301 -8.10 -27.94 -8.32
CA VAL C 301 -8.02 -28.72 -9.55
C VAL C 301 -9.13 -29.76 -9.58
N ASP C 302 -9.36 -30.44 -8.45
CA ASP C 302 -10.46 -31.39 -8.36
C ASP C 302 -11.80 -30.73 -8.70
N LYS C 303 -12.05 -29.55 -8.15
CA LYS C 303 -13.33 -28.89 -8.38
C LYS C 303 -13.51 -28.58 -9.86
N PHE C 304 -12.50 -27.96 -10.46
CA PHE C 304 -12.60 -27.60 -11.85
C PHE C 304 -12.78 -28.83 -12.73
N TYR C 305 -12.01 -29.88 -12.46
CA TYR C 305 -11.99 -31.04 -13.34
C TYR C 305 -13.36 -31.70 -13.40
N SER C 306 -14.04 -31.78 -12.27
CA SER C 306 -15.30 -32.49 -12.19
C SER C 306 -16.46 -31.72 -12.82
N GLN C 307 -16.27 -30.44 -13.13
CA GLN C 307 -17.32 -29.69 -13.79
C GLN C 307 -17.49 -30.18 -15.23
N SER C 308 -18.69 -29.93 -15.77
CA SER C 308 -18.96 -30.25 -17.15
C SER C 308 -18.12 -29.37 -18.09
N ALA C 309 -17.98 -29.84 -19.32
CA ALA C 309 -17.26 -29.07 -20.33
C ALA C 309 -17.86 -27.68 -20.51
N ALA C 310 -19.20 -27.61 -20.57
CA ALA C 310 -19.85 -26.31 -20.67
C ALA C 310 -19.52 -25.42 -19.48
N GLU C 311 -19.49 -26.01 -18.28
CA GLU C 311 -19.21 -25.23 -17.08
C GLU C 311 -17.75 -24.85 -16.98
N ARG C 312 -16.86 -25.74 -17.42
CA ARG C 312 -15.44 -25.39 -17.42
C ARG C 312 -15.16 -24.22 -18.35
N GLN C 313 -15.77 -24.24 -19.55
CA GLN C 313 -15.62 -23.14 -20.50
C GLN C 313 -16.11 -21.82 -19.92
N ARG C 314 -17.30 -21.83 -19.32
CA ARG C 314 -17.84 -20.62 -18.70
C ARG C 314 -16.99 -20.16 -17.52
N SER C 315 -16.49 -21.12 -16.73
CA SER C 315 -15.68 -20.76 -15.56
C SER C 315 -14.37 -20.12 -15.97
N LEU C 316 -13.77 -20.59 -17.07
CA LEU C 316 -12.53 -19.97 -17.56
C LEU C 316 -12.77 -18.52 -17.98
N LEU C 317 -13.89 -18.25 -18.64
CA LEU C 317 -14.22 -16.88 -19.03
C LEU C 317 -14.45 -15.99 -17.82
N ALA C 318 -15.21 -16.47 -16.83
CA ALA C 318 -15.54 -15.63 -15.68
C ALA C 318 -14.36 -15.33 -14.78
N ASP C 319 -13.18 -15.83 -15.12
CA ASP C 319 -11.97 -15.61 -14.35
C ASP C 319 -10.84 -15.15 -15.25
N LYS C 320 -11.19 -14.61 -16.44
CA LYS C 320 -10.21 -14.12 -17.41
C LYS C 320 -9.27 -13.08 -16.78
N ALA C 321 -9.76 -12.35 -15.77
CA ALA C 321 -9.02 -11.33 -15.04
C ALA C 321 -7.83 -11.88 -14.26
N THR C 322 -7.48 -13.16 -14.43
CA THR C 322 -6.31 -13.72 -13.76
C THR C 322 -5.40 -14.55 -14.69
N ASN C 323 -5.61 -14.50 -16.01
CA ASN C 323 -4.70 -15.15 -16.95
C ASN C 323 -3.65 -14.14 -17.42
N TYR C 324 -2.76 -14.59 -18.32
CA TYR C 324 -1.67 -13.75 -18.81
C TYR C 324 -2.13 -12.65 -19.76
N SER C 325 -3.42 -12.52 -20.02
CA SER C 325 -3.92 -11.43 -20.83
C SER C 325 -4.09 -10.13 -20.05
N VAL C 326 -3.80 -10.11 -18.76
CA VAL C 326 -3.97 -8.89 -17.99
C VAL C 326 -2.64 -8.52 -17.35
N VAL C 327 -2.62 -7.40 -16.64
CA VAL C 327 -1.36 -6.77 -16.22
C VAL C 327 -1.41 -6.51 -14.72
N ARG C 328 -0.29 -6.77 -14.04
CA ARG C 328 -0.15 -6.41 -12.65
C ARG C 328 -0.50 -4.93 -12.45
N LEU C 329 -1.37 -4.67 -11.47
CA LEU C 329 -1.88 -3.33 -11.23
C LEU C 329 -0.74 -2.33 -11.08
N GLU C 330 0.28 -2.68 -10.31
CA GLU C 330 1.40 -1.77 -10.07
C GLU C 330 2.09 -1.40 -11.37
N LEU C 331 2.17 -2.33 -12.33
CA LEU C 331 2.79 -1.99 -13.60
C LEU C 331 1.86 -1.10 -14.43
N ILE C 332 0.55 -1.39 -14.45
CA ILE C 332 -0.37 -0.46 -15.12
C ILE C 332 -0.22 0.96 -14.56
N GLU C 333 -0.11 1.08 -13.23
CA GLU C 333 -0.04 2.41 -12.63
C GLU C 333 1.25 3.12 -13.02
N GLU C 334 2.35 2.39 -13.07
CA GLU C 334 3.63 2.93 -13.47
C GLU C 334 3.58 3.46 -14.91
N ILE C 335 3.01 2.65 -15.81
CA ILE C 335 2.86 3.04 -17.20
C ILE C 335 1.95 4.25 -17.33
N TYR C 336 0.82 4.23 -16.60
CA TYR C 336 -0.10 5.36 -16.65
C TYR C 336 0.56 6.63 -16.13
N ASN C 337 1.34 6.50 -15.05
CA ASN C 337 2.03 7.67 -14.51
C ASN C 337 3.04 8.22 -15.51
N ASP C 338 3.81 7.35 -16.16
CA ASP C 338 4.75 7.82 -17.18
C ASP C 338 4.01 8.57 -18.28
N MET C 339 2.88 8.02 -18.74
CA MET C 339 2.08 8.67 -19.76
C MET C 339 1.59 10.04 -19.30
N TYR C 340 1.15 10.13 -18.04
CA TYR C 340 0.68 11.40 -17.51
C TYR C 340 1.75 12.48 -17.55
N LEU C 341 2.98 12.09 -17.22
CA LEU C 341 4.08 13.05 -17.26
C LEU C 341 4.26 13.64 -18.66
N GLN C 342 4.09 12.81 -19.70
CA GLN C 342 4.11 13.33 -21.07
C GLN C 342 2.99 14.35 -21.26
N ARG C 343 1.84 14.09 -20.65
CA ARG C 343 0.71 15.01 -20.76
C ARG C 343 1.07 16.37 -20.16
N VAL C 344 1.82 16.37 -19.07
CA VAL C 344 2.27 17.63 -18.46
C VAL C 344 3.05 18.47 -19.45
N LYS C 345 3.94 17.82 -20.20
CA LYS C 345 4.81 18.50 -21.13
C LYS C 345 4.11 18.84 -22.45
N ASN C 346 3.18 17.99 -22.87
CA ASN C 346 2.50 18.12 -24.15
C ASN C 346 1.08 17.59 -23.99
N PRO C 347 0.08 18.45 -24.09
CA PRO C 347 -1.31 17.98 -23.89
C PRO C 347 -1.82 17.14 -25.04
N ASP C 348 -1.15 17.18 -26.19
CA ASP C 348 -1.61 16.48 -27.40
C ASP C 348 -1.06 15.06 -27.37
N GLU C 349 -1.92 14.12 -26.98
CA GLU C 349 -1.51 12.72 -26.82
C GLU C 349 -0.91 12.14 -28.10
N THR C 350 -1.38 12.60 -29.27
CA THR C 350 -0.90 11.97 -30.51
C THR C 350 0.55 12.31 -30.79
N GLN C 351 1.08 13.35 -30.16
CA GLN C 351 2.47 13.78 -30.30
C GLN C 351 3.40 13.18 -29.27
N TRP C 352 2.91 12.29 -28.40
CA TRP C 352 3.74 11.76 -27.31
C TRP C 352 4.83 10.83 -27.81
N GLN C 353 5.98 10.89 -27.14
CA GLN C 353 7.06 9.94 -27.41
C GLN C 353 6.56 8.50 -27.28
N HIS C 354 5.85 8.20 -26.21
CA HIS C 354 5.37 6.85 -25.96
C HIS C 354 3.85 6.87 -25.93
N ARG C 355 3.24 6.01 -26.73
CA ARG C 355 1.80 6.03 -26.91
C ARG C 355 1.21 4.64 -26.82
N ILE C 356 -0.06 4.59 -26.43
CA ILE C 356 -0.89 3.40 -26.46
C ILE C 356 -2.01 3.64 -27.46
N LEU C 357 -2.21 2.68 -28.36
CA LEU C 357 -3.23 2.77 -29.40
C LEU C 357 -4.28 1.69 -29.14
N PRO C 358 -5.36 2.01 -28.45
CA PRO C 358 -6.34 0.98 -28.11
C PRO C 358 -7.28 0.68 -29.28
N GLU C 359 -7.87 -0.50 -29.22
CA GLU C 359 -8.85 -0.97 -30.19
C GLU C 359 -8.34 -0.81 -31.63
N ARG C 360 -7.13 -1.32 -31.86
CA ARG C 360 -6.54 -1.31 -33.19
C ARG C 360 -6.18 -2.73 -33.58
N LYS C 361 -6.17 -2.97 -34.89
CA LYS C 361 -5.63 -4.20 -35.45
C LYS C 361 -4.67 -3.87 -36.58
N ILE C 362 -3.63 -4.69 -36.70
CA ILE C 362 -2.70 -4.61 -37.80
C ILE C 362 -3.36 -5.25 -39.01
N THR C 363 -3.42 -4.49 -40.11
CA THR C 363 -4.00 -4.99 -41.35
C THR C 363 -2.97 -5.26 -42.44
N ARG C 364 -1.78 -4.68 -42.35
CA ARG C 364 -0.76 -4.82 -43.38
C ARG C 364 0.59 -4.48 -42.78
N VAL C 365 1.61 -5.22 -43.21
CA VAL C 365 2.99 -4.98 -42.84
C VAL C 365 3.84 -4.95 -44.12
N GLU C 366 4.34 -3.75 -44.47
CA GLU C 366 5.32 -3.65 -45.54
C GLU C 366 6.70 -3.87 -44.92
N HIS C 367 7.44 -4.83 -45.47
CA HIS C 367 8.76 -5.06 -44.90
C HIS C 367 9.82 -5.41 -45.95
N HIS C 368 9.61 -5.04 -47.20
CA HIS C 368 10.55 -5.38 -48.26
C HIS C 368 11.20 -4.11 -48.76
N GLY C 369 12.39 -4.27 -49.32
CA GLY C 369 13.15 -3.12 -49.77
C GLY C 369 14.29 -2.84 -48.81
N PRO C 370 15.19 -1.94 -49.21
CA PRO C 370 16.37 -1.68 -48.39
C PRO C 370 16.06 -0.87 -47.14
N GLN C 371 14.91 -0.18 -47.11
CA GLN C 371 14.57 0.67 -45.97
C GLN C 371 14.60 -0.15 -44.70
N SER C 372 15.15 0.45 -43.65
CA SER C 372 15.39 -0.30 -42.43
C SER C 372 14.18 -0.28 -41.51
N ARG C 373 13.20 0.57 -41.79
CA ARG C 373 11.95 0.58 -41.06
C ARG C 373 10.90 -0.19 -41.84
N MET C 374 10.03 -0.86 -41.12
CA MET C 374 8.82 -1.44 -41.67
C MET C 374 7.69 -0.43 -41.52
N ARG C 375 6.72 -0.50 -42.43
CA ARG C 375 5.51 0.31 -42.27
C ARG C 375 4.37 -0.61 -41.85
N ILE C 376 3.77 -0.31 -40.71
CA ILE C 376 2.64 -1.06 -40.16
C ILE C 376 1.36 -0.29 -40.44
N HIS C 377 0.35 -0.98 -40.97
CA HIS C 377 -0.96 -0.39 -41.25
C HIS C 377 -1.93 -0.80 -40.17
N LEU C 378 -2.66 0.18 -39.63
CA LEU C 378 -3.55 -0.02 -38.50
C LEU C 378 -4.97 0.38 -38.88
N LYS C 379 -5.94 -0.40 -38.39
CA LYS C 379 -7.35 -0.04 -38.48
C LYS C 379 -8.01 -0.33 -37.14
N SER C 380 -9.16 0.31 -36.91
CA SER C 380 -9.95 0.00 -35.73
C SER C 380 -10.30 -1.47 -35.69
N SER C 381 -10.33 -2.03 -34.48
CA SER C 381 -10.74 -3.42 -34.27
C SER C 381 -12.21 -3.56 -33.90
N LYS C 382 -12.97 -2.47 -33.90
CA LYS C 382 -14.41 -2.55 -33.66
C LYS C 382 -15.13 -3.12 -34.88
N PRO C 383 -16.34 -3.69 -34.69
CA PRO C 383 -17.18 -4.00 -35.85
C PRO C 383 -17.94 -2.78 -36.35
N GLU C 394 -4.06 5.15 -40.94
CA GLU C 394 -3.13 5.14 -39.81
C GLU C 394 -1.99 4.16 -40.05
N THR C 395 -0.74 4.65 -40.04
CA THR C 395 0.43 3.84 -40.31
C THR C 395 1.56 4.24 -39.37
N LEU C 396 2.36 3.27 -38.97
CA LEU C 396 3.56 3.47 -38.16
C LEU C 396 4.77 3.02 -38.94
N GLU C 397 5.87 3.77 -38.83
CA GLU C 397 7.13 3.32 -39.39
C GLU C 397 8.06 2.98 -38.21
N VAL C 398 8.42 1.70 -38.11
CA VAL C 398 9.08 1.18 -36.93
C VAL C 398 10.35 0.42 -37.32
N ASP C 399 11.35 0.53 -36.44
CA ASP C 399 12.54 -0.28 -36.58
C ASP C 399 12.33 -1.71 -36.10
N ALA C 400 11.31 -1.94 -35.28
CA ALA C 400 11.04 -3.30 -34.83
C ALA C 400 9.62 -3.37 -34.27
N LEU C 401 9.05 -4.57 -34.34
CA LEU C 401 7.75 -4.87 -33.79
C LEU C 401 7.90 -6.07 -32.87
N MET C 402 7.74 -5.84 -31.56
CA MET C 402 7.63 -6.91 -30.60
C MET C 402 6.20 -7.43 -30.55
N VAL C 403 6.06 -8.75 -30.53
CA VAL C 403 4.77 -9.39 -30.65
C VAL C 403 4.57 -10.17 -29.36
N ALA C 404 3.73 -9.63 -28.47
CA ALA C 404 3.53 -10.19 -27.14
C ALA C 404 2.09 -10.72 -27.04
N THR C 405 1.83 -11.77 -27.82
CA THR C 405 0.49 -12.33 -28.00
C THR C 405 0.35 -13.72 -27.38
N GLY C 406 1.25 -14.10 -26.45
CA GLY C 406 1.09 -15.35 -25.74
C GLY C 406 1.56 -16.58 -26.51
N TYR C 407 1.04 -17.73 -26.09
CA TYR C 407 1.58 -19.02 -26.52
C TYR C 407 0.47 -19.97 -26.94
N ASN C 408 0.82 -20.89 -27.86
CA ASN C 408 0.03 -22.08 -28.11
C ASN C 408 0.57 -23.22 -27.27
N ARG C 409 -0.32 -24.09 -26.79
CA ARG C 409 0.07 -25.22 -25.94
C ARG C 409 -0.52 -26.51 -26.53
N ASN C 410 -0.22 -26.75 -27.79
CA ASN C 410 -0.65 -27.96 -28.47
C ASN C 410 0.49 -28.57 -29.29
N ALA C 411 1.74 -28.23 -28.95
CA ALA C 411 2.85 -28.82 -29.66
C ALA C 411 2.98 -30.32 -29.37
N HIS C 412 2.35 -30.81 -28.31
CA HIS C 412 2.38 -32.24 -28.04
C HIS C 412 1.64 -33.03 -29.12
N GLU C 413 0.69 -32.40 -29.80
CA GLU C 413 -0.04 -33.13 -30.83
C GLU C 413 0.87 -33.55 -31.97
N ARG C 414 1.82 -32.69 -32.35
CA ARG C 414 2.80 -33.07 -33.36
C ARG C 414 3.67 -34.22 -32.86
N LEU C 415 4.19 -34.10 -31.63
CA LEU C 415 5.05 -35.14 -31.08
C LEU C 415 4.33 -36.47 -30.98
N LEU C 416 3.02 -36.45 -30.73
CA LEU C 416 2.25 -37.65 -30.46
C LEU C 416 1.46 -38.15 -31.65
N SER C 417 1.69 -37.60 -32.84
CA SER C 417 0.85 -37.95 -33.99
C SER C 417 0.95 -39.44 -34.33
N LYS C 418 2.12 -40.05 -34.14
CA LYS C 418 2.28 -41.47 -34.48
C LYS C 418 1.74 -42.41 -33.42
N VAL C 419 1.25 -41.91 -32.29
CA VAL C 419 0.57 -42.78 -31.33
C VAL C 419 -0.92 -42.47 -31.23
N GLN C 420 -1.42 -41.52 -32.03
CA GLN C 420 -2.79 -41.07 -31.80
C GLN C 420 -3.82 -42.08 -32.24
N HIS C 421 -3.43 -43.06 -33.07
CA HIS C 421 -4.34 -44.14 -33.40
C HIS C 421 -4.64 -45.05 -32.22
N LEU C 422 -3.93 -44.90 -31.11
CA LEU C 422 -4.21 -45.71 -29.92
C LEU C 422 -5.30 -45.11 -29.04
N ARG C 423 -5.77 -43.90 -29.35
CA ARG C 423 -6.85 -43.30 -28.60
C ARG C 423 -8.13 -44.06 -28.84
N PRO C 424 -9.09 -43.97 -27.91
CA PRO C 424 -10.40 -44.58 -28.14
C PRO C 424 -11.03 -44.11 -29.45
N THR C 425 -11.86 -44.97 -30.03
CA THR C 425 -12.56 -44.70 -31.29
C THR C 425 -13.14 -43.29 -31.34
N GLY C 426 -12.89 -42.59 -32.44
CA GLY C 426 -13.55 -41.33 -32.64
C GLY C 426 -12.94 -40.15 -31.94
N GLN C 427 -11.91 -40.33 -31.13
CA GLN C 427 -11.25 -39.19 -30.48
C GLN C 427 -10.30 -38.51 -31.47
N ASP C 428 -10.49 -37.21 -31.68
CA ASP C 428 -9.56 -36.42 -32.47
C ASP C 428 -8.73 -35.48 -31.60
N GLN C 429 -8.85 -35.61 -30.28
CA GLN C 429 -8.05 -34.83 -29.35
C GLN C 429 -7.57 -35.75 -28.24
N TRP C 430 -6.47 -35.35 -27.61
CA TRP C 430 -5.98 -36.07 -26.45
C TRP C 430 -6.81 -35.68 -25.23
N LYS C 431 -7.33 -36.66 -24.50
CA LYS C 431 -8.20 -36.42 -23.36
C LYS C 431 -7.49 -36.84 -22.09
N PRO C 432 -7.01 -35.93 -21.26
CA PRO C 432 -6.33 -36.33 -20.02
C PRO C 432 -7.33 -36.60 -18.90
N HIS C 433 -7.07 -37.68 -18.15
CA HIS C 433 -7.83 -37.96 -16.95
C HIS C 433 -7.45 -36.96 -15.87
N ARG C 434 -8.12 -37.04 -14.71
CA ARG C 434 -7.79 -36.14 -13.59
C ARG C 434 -6.31 -36.21 -13.24
N ASP C 435 -5.70 -37.40 -13.35
CA ASP C 435 -4.30 -37.58 -13.03
C ASP C 435 -3.38 -37.36 -14.24
N TYR C 436 -3.88 -36.70 -15.29
CA TYR C 436 -3.13 -36.15 -16.43
C TYR C 436 -2.74 -37.25 -17.41
N ARG C 437 -3.10 -38.50 -17.14
CA ARG C 437 -2.90 -39.58 -18.08
C ARG C 437 -3.93 -39.48 -19.19
N VAL C 438 -3.48 -39.58 -20.46
CA VAL C 438 -4.41 -39.52 -21.59
C VAL C 438 -5.12 -40.87 -21.70
N GLU C 439 -6.39 -40.82 -22.15
CA GLU C 439 -7.15 -42.03 -22.39
C GLU C 439 -6.60 -42.79 -23.58
N MET C 440 -6.50 -44.10 -23.43
CA MET C 440 -6.09 -45.00 -24.48
C MET C 440 -7.14 -46.10 -24.63
N ASP C 441 -7.27 -46.62 -25.83
CA ASP C 441 -8.08 -47.79 -26.10
C ASP C 441 -7.49 -48.99 -25.35
N PRO C 442 -8.20 -49.58 -24.39
CA PRO C 442 -7.59 -50.64 -23.58
C PRO C 442 -7.27 -51.89 -24.35
N SER C 443 -7.92 -52.12 -25.48
CA SER C 443 -7.56 -53.26 -26.31
C SER C 443 -6.34 -52.97 -27.17
N LYS C 444 -5.87 -51.72 -27.23
CA LYS C 444 -4.69 -51.39 -27.99
C LYS C 444 -3.46 -51.09 -27.14
N VAL C 445 -3.65 -50.67 -25.88
CA VAL C 445 -2.55 -50.24 -25.02
C VAL C 445 -2.60 -51.04 -23.72
N SER C 446 -1.45 -51.60 -23.33
CA SER C 446 -1.31 -52.23 -22.03
C SER C 446 -1.52 -51.24 -20.90
N SER C 447 -2.08 -51.73 -19.81
CA SER C 447 -2.29 -50.86 -18.66
C SER C 447 -1.00 -50.46 -17.96
N GLU C 448 0.11 -51.14 -18.24
CA GLU C 448 1.39 -50.73 -17.68
C GLU C 448 2.06 -49.62 -18.50
N ALA C 449 1.44 -49.19 -19.60
CA ALA C 449 2.01 -48.15 -20.44
C ALA C 449 1.06 -46.96 -20.53
N GLY C 450 1.62 -45.78 -20.75
CA GLY C 450 0.77 -44.62 -20.91
C GLY C 450 1.57 -43.36 -21.17
N ILE C 451 0.82 -42.30 -21.41
CA ILE C 451 1.36 -40.98 -21.71
C ILE C 451 0.62 -39.97 -20.84
N TRP C 452 1.38 -39.10 -20.16
CA TRP C 452 0.85 -38.02 -19.35
C TRP C 452 1.20 -36.68 -20.00
N LEU C 453 0.31 -35.71 -19.84
CA LEU C 453 0.51 -34.34 -20.33
C LEU C 453 0.63 -33.37 -19.15
N GLN C 454 1.56 -32.43 -19.25
CA GLN C 454 1.71 -31.40 -18.22
C GLN C 454 1.71 -30.04 -18.88
N GLY C 455 0.95 -29.10 -18.31
CA GLY C 455 1.00 -27.70 -18.68
C GLY C 455 0.07 -27.31 -19.79
N CYS C 456 -0.54 -28.27 -20.49
CA CYS C 456 -1.39 -27.95 -21.63
C CYS C 456 -2.84 -28.36 -21.39
N ASN C 457 -3.25 -28.45 -20.14
CA ASN C 457 -4.56 -29.01 -19.80
C ASN C 457 -5.49 -27.98 -19.16
N GLU C 458 -5.28 -26.69 -19.46
CA GLU C 458 -6.19 -25.65 -18.96
C GLU C 458 -7.66 -26.01 -19.17
N ARG C 459 -8.00 -26.56 -20.33
CA ARG C 459 -9.40 -26.81 -20.67
C ARG C 459 -10.05 -27.79 -19.71
N THR C 460 -9.29 -28.76 -19.19
CA THR C 460 -9.80 -29.75 -18.24
C THR C 460 -9.35 -29.54 -16.80
N HIS C 461 -8.29 -28.77 -16.55
CA HIS C 461 -7.73 -28.69 -15.22
C HIS C 461 -7.64 -27.26 -14.66
N GLY C 462 -7.93 -26.23 -15.46
CA GLY C 462 -8.06 -24.89 -14.93
C GLY C 462 -6.88 -24.00 -15.28
N LEU C 463 -7.07 -22.70 -14.98
CA LEU C 463 -6.08 -21.68 -15.29
C LEU C 463 -4.72 -21.95 -14.65
N SER C 464 -4.69 -22.68 -13.54
CA SER C 464 -3.41 -22.89 -12.87
C SER C 464 -2.50 -23.89 -13.61
N ASP C 465 -3.02 -24.59 -14.63
CA ASP C 465 -2.34 -25.77 -15.17
C ASP C 465 -1.02 -25.40 -15.81
N SER C 466 -0.93 -24.23 -16.47
CA SER C 466 0.28 -23.80 -17.15
C SER C 466 1.19 -22.94 -16.26
N LEU C 467 0.84 -22.73 -15.00
CA LEU C 467 1.56 -21.81 -14.14
C LEU C 467 2.43 -22.59 -13.15
N LEU C 468 3.16 -21.85 -12.33
CA LEU C 468 3.86 -22.46 -11.20
C LEU C 468 2.92 -22.88 -10.08
N SER C 469 1.65 -22.44 -10.12
CA SER C 469 0.77 -22.45 -8.95
C SER C 469 0.67 -23.80 -8.25
N VAL C 470 0.45 -24.87 -9.00
CA VAL C 470 0.14 -26.15 -8.35
C VAL C 470 1.24 -27.20 -8.60
N LEU C 471 2.43 -26.77 -9.04
CA LEU C 471 3.46 -27.71 -9.47
C LEU C 471 3.94 -28.61 -8.33
N ALA C 472 4.13 -28.06 -7.13
CA ALA C 472 4.59 -28.89 -6.01
C ALA C 472 3.61 -30.03 -5.75
N VAL C 473 2.33 -29.70 -5.61
CA VAL C 473 1.35 -30.73 -5.30
C VAL C 473 1.17 -31.67 -6.50
N ARG C 474 1.09 -31.11 -7.70
CA ARG C 474 0.90 -31.93 -8.89
C ARG C 474 2.07 -32.89 -9.09
N GLY C 475 3.28 -32.41 -8.78
CA GLY C 475 4.45 -33.29 -8.85
C GLY C 475 4.26 -34.53 -8.00
N GLY C 476 3.73 -34.35 -6.79
CA GLY C 476 3.44 -35.49 -5.92
C GLY C 476 2.35 -36.39 -6.48
N GLU C 477 1.29 -35.80 -7.02
CA GLU C 477 0.24 -36.58 -7.67
C GLU C 477 0.80 -37.37 -8.84
N MET C 478 1.66 -36.74 -9.64
CA MET C 478 2.24 -37.44 -10.79
C MET C 478 3.08 -38.64 -10.35
N VAL C 479 3.89 -38.46 -9.30
CA VAL C 479 4.69 -39.55 -8.78
C VAL C 479 3.80 -40.68 -8.26
N GLN C 480 2.70 -40.35 -7.59
CA GLN C 480 1.77 -41.41 -7.19
C GLN C 480 1.17 -42.09 -8.40
N SER C 481 0.72 -41.31 -9.38
CA SER C 481 0.04 -41.89 -10.53
C SER C 481 0.98 -42.79 -11.34
N ILE C 482 2.21 -42.36 -11.56
CA ILE C 482 3.15 -43.08 -12.40
C ILE C 482 3.93 -44.15 -11.63
N PHE C 483 4.35 -43.86 -10.40
CA PHE C 483 5.23 -44.76 -9.66
C PHE C 483 4.62 -45.37 -8.41
N GLY C 484 3.39 -45.01 -8.07
CA GLY C 484 2.80 -45.44 -6.81
C GLY C 484 2.91 -46.93 -6.60
N GLU C 485 2.35 -47.72 -7.53
CA GLU C 485 2.39 -49.16 -7.40
C GLU C 485 3.83 -49.67 -7.34
N GLN C 486 4.69 -49.14 -8.21
CA GLN C 486 6.07 -49.60 -8.27
C GLN C 486 6.78 -49.37 -6.93
N LEU C 487 6.46 -48.27 -6.25
CA LEU C 487 7.13 -47.94 -5.00
C LEU C 487 6.60 -48.74 -3.80
N GLU C 488 5.37 -49.27 -3.88
CA GLU C 488 4.77 -50.03 -2.78
C GLU C 488 5.68 -51.13 -2.27
N ARG C 489 6.66 -51.56 -3.06
CA ARG C 489 7.64 -52.56 -2.66
C ARG C 489 8.67 -51.97 -1.70
N ARG D 30 9.38 -36.56 21.23
CA ARG D 30 10.17 -37.77 21.45
C ARG D 30 11.37 -37.53 22.37
N LEU D 31 11.42 -36.36 23.02
CA LEU D 31 12.29 -36.17 24.19
C LEU D 31 11.62 -36.82 25.40
N ARG D 32 12.30 -37.80 25.99
CA ARG D 32 11.72 -38.50 27.14
C ARG D 32 11.95 -37.72 28.42
N SER D 33 11.04 -37.89 29.38
CA SER D 33 11.12 -37.17 30.64
C SER D 33 12.23 -37.74 31.51
N THR D 34 12.83 -36.87 32.35
CA THR D 34 13.79 -37.33 33.34
C THR D 34 13.24 -37.13 34.75
N PRO D 35 13.46 -38.07 35.66
CA PRO D 35 12.88 -37.97 37.01
C PRO D 35 13.24 -36.68 37.74
N GLN D 36 12.23 -36.11 38.41
CA GLN D 36 12.33 -34.83 39.11
C GLN D 36 13.51 -34.75 40.09
N ASP D 37 13.77 -35.80 40.86
CA ASP D 37 14.83 -35.73 41.86
C ASP D 37 16.17 -36.26 41.35
N GLU D 38 16.29 -36.52 40.05
CA GLU D 38 17.53 -36.91 39.42
C GLU D 38 18.32 -35.66 39.05
N LEU D 39 19.63 -35.81 38.89
CA LEU D 39 20.49 -34.69 38.50
C LEU D 39 20.37 -34.41 37.01
N HIS D 40 19.91 -33.22 36.65
CA HIS D 40 19.64 -32.91 35.25
C HIS D 40 20.91 -32.42 34.56
N ASP D 41 20.95 -32.59 33.24
CA ASP D 41 21.99 -31.93 32.46
C ASP D 41 21.69 -30.44 32.26
N LEU D 42 20.45 -30.11 31.94
CA LEU D 42 20.04 -28.73 31.73
C LEU D 42 18.63 -28.54 32.28
N LEU D 43 18.43 -27.41 32.94
CA LEU D 43 17.11 -26.98 33.35
C LEU D 43 16.91 -25.55 32.86
N CYS D 44 15.85 -25.32 32.09
CA CYS D 44 15.52 -23.99 31.62
C CYS D 44 14.38 -23.45 32.44
N VAL D 45 14.53 -22.22 32.93
CA VAL D 45 13.49 -21.53 33.68
C VAL D 45 12.67 -20.72 32.70
N GLY D 46 11.39 -21.05 32.59
CA GLY D 46 10.53 -20.41 31.61
C GLY D 46 10.36 -21.30 30.39
N PHE D 47 9.16 -21.32 29.82
CA PHE D 47 8.89 -22.01 28.57
C PHE D 47 8.13 -21.08 27.64
N GLY D 48 8.74 -19.93 27.34
CA GLY D 48 8.26 -19.05 26.32
C GLY D 48 8.99 -19.32 25.03
N PRO D 49 8.88 -18.39 24.08
CA PRO D 49 9.54 -18.61 22.78
C PRO D 49 11.03 -18.87 22.89
N ALA D 50 11.73 -18.22 23.84
CA ALA D 50 13.17 -18.38 23.92
C ALA D 50 13.55 -19.81 24.34
N SER D 51 12.89 -20.34 25.37
CA SER D 51 13.15 -21.73 25.76
C SER D 51 12.62 -22.70 24.70
N LEU D 52 11.44 -22.42 24.15
CA LEU D 52 10.87 -23.31 23.14
C LEU D 52 11.82 -23.45 21.96
N ALA D 53 12.44 -22.34 21.53
CA ALA D 53 13.40 -22.40 20.42
C ALA D 53 14.59 -23.29 20.77
N ILE D 54 15.01 -23.24 22.04
CA ILE D 54 16.08 -24.13 22.49
C ILE D 54 15.61 -25.58 22.41
N ALA D 55 14.40 -25.84 22.91
CA ALA D 55 13.84 -27.19 22.84
C ALA D 55 13.78 -27.69 21.40
N ILE D 56 13.32 -26.84 20.49
CA ILE D 56 13.19 -27.21 19.08
C ILE D 56 14.56 -27.47 18.48
N ALA D 57 15.54 -26.62 18.79
CA ALA D 57 16.87 -26.80 18.22
C ALA D 57 17.54 -28.06 18.75
N LEU D 58 17.31 -28.41 20.02
CA LEU D 58 17.81 -29.69 20.51
C LEU D 58 17.16 -30.85 19.77
N HIS D 59 15.83 -30.81 19.67
CA HIS D 59 15.13 -31.83 18.90
C HIS D 59 15.74 -31.98 17.51
N ASP D 60 15.99 -30.85 16.85
CA ASP D 60 16.55 -30.89 15.50
C ASP D 60 17.97 -31.42 15.48
N ALA D 61 18.77 -31.12 16.53
CA ALA D 61 20.14 -31.62 16.55
C ALA D 61 20.16 -33.13 16.71
N LEU D 62 19.17 -33.68 17.40
CA LEU D 62 19.05 -35.12 17.62
C LEU D 62 18.35 -35.82 16.48
N ASP D 63 17.83 -35.08 15.50
CA ASP D 63 17.12 -35.64 14.35
C ASP D 63 18.14 -36.12 13.31
N PRO D 64 18.29 -37.43 13.13
CA PRO D 64 19.29 -37.90 12.15
C PRO D 64 18.94 -37.53 10.73
N ARG D 65 17.67 -37.21 10.49
CA ARG D 65 17.24 -36.73 9.19
C ARG D 65 17.78 -35.33 8.88
N LEU D 66 17.83 -34.47 9.89
CA LEU D 66 18.30 -33.10 9.72
C LEU D 66 19.79 -32.97 9.90
N ASN D 67 20.37 -33.75 10.81
CA ASN D 67 21.79 -33.75 11.10
C ASN D 67 22.30 -35.17 10.88
N LYS D 68 23.04 -35.37 9.79
CA LYS D 68 23.50 -36.70 9.41
C LYS D 68 24.33 -37.36 10.52
N SER D 69 25.23 -36.60 11.13
CA SER D 69 26.06 -37.12 12.20
C SER D 69 25.26 -37.60 13.42
N ALA D 70 23.96 -37.35 13.48
CA ALA D 70 23.18 -37.60 14.69
C ALA D 70 22.65 -39.04 14.79
N SER D 71 22.75 -39.83 13.72
CA SER D 71 22.33 -41.24 13.79
C SER D 71 23.10 -41.99 14.86
N ASN D 72 24.38 -41.66 15.04
CA ASN D 72 25.23 -42.26 16.06
C ASN D 72 25.23 -41.43 17.35
N ILE D 73 24.03 -41.10 17.83
CA ILE D 73 23.82 -40.44 19.12
C ILE D 73 22.73 -41.23 19.83
N HIS D 74 23.12 -42.13 20.72
CA HIS D 74 22.20 -43.03 21.41
C HIS D 74 21.90 -42.58 22.84
N ALA D 75 22.03 -41.29 23.13
CA ALA D 75 21.80 -40.78 24.49
C ALA D 75 21.13 -39.41 24.42
N GLN D 76 19.95 -39.30 25.00
CA GLN D 76 19.33 -38.00 25.07
C GLN D 76 19.77 -37.29 26.35
N PRO D 77 20.07 -36.00 26.28
CA PRO D 77 20.37 -35.25 27.50
C PRO D 77 19.19 -35.22 28.46
N LYS D 78 19.50 -35.10 29.75
CA LYS D 78 18.48 -34.99 30.79
C LYS D 78 18.04 -33.52 30.86
N ILE D 79 16.87 -33.21 30.30
CA ILE D 79 16.46 -31.82 30.16
C ILE D 79 15.10 -31.64 30.82
N CYS D 80 14.88 -30.44 31.34
CA CYS D 80 13.63 -30.09 31.99
C CYS D 80 13.39 -28.59 31.86
N PHE D 81 12.11 -28.23 31.65
CA PHE D 81 11.67 -26.85 31.55
C PHE D 81 10.65 -26.56 32.63
N LEU D 82 10.80 -25.45 33.33
CA LEU D 82 9.87 -25.01 34.37
C LEU D 82 9.17 -23.72 33.90
N GLU D 83 7.86 -23.78 33.74
CA GLU D 83 7.08 -22.66 33.25
C GLU D 83 5.99 -22.35 34.27
N ARG D 84 5.87 -21.09 34.65
CA ARG D 84 4.93 -20.75 35.71
C ARG D 84 3.48 -20.84 35.24
N GLN D 85 3.22 -20.58 33.97
CA GLN D 85 1.84 -20.68 33.50
C GLN D 85 1.38 -22.15 33.49
N LYS D 86 0.07 -22.34 33.53
CA LYS D 86 -0.49 -23.68 33.62
C LYS D 86 -0.48 -24.41 32.28
N GLN D 87 -0.28 -23.70 31.18
CA GLN D 87 -0.17 -24.27 29.84
C GLN D 87 0.67 -23.31 29.01
N PHE D 88 1.02 -23.71 27.78
CA PHE D 88 1.78 -22.77 26.97
C PHE D 88 0.92 -21.56 26.62
N ALA D 89 1.51 -20.38 26.77
CA ALA D 89 0.81 -19.15 26.45
C ALA D 89 1.83 -18.08 26.14
N TRP D 90 1.51 -17.22 25.17
CA TRP D 90 2.37 -16.16 24.67
C TRP D 90 1.66 -14.82 24.90
N HIS D 91 2.03 -14.13 25.98
CA HIS D 91 1.52 -12.79 26.27
C HIS D 91 0.00 -12.74 26.18
N SER D 92 -0.67 -13.67 26.88
CA SER D 92 -2.11 -13.81 26.74
C SER D 92 -2.86 -12.60 27.31
N GLY D 93 -2.26 -11.85 28.24
CA GLY D 93 -2.88 -10.61 28.65
C GLY D 93 -3.03 -9.59 27.51
N MET D 94 -2.34 -9.81 26.39
CA MET D 94 -2.41 -8.89 25.27
C MET D 94 -2.88 -9.57 23.99
N LEU D 95 -3.54 -10.74 24.08
CA LEU D 95 -4.13 -11.34 22.89
C LEU D 95 -5.38 -10.56 22.50
N VAL D 96 -5.17 -9.37 22.01
CA VAL D 96 -6.28 -8.49 21.70
C VAL D 96 -6.87 -8.93 20.36
N PRO D 97 -8.19 -8.89 20.18
CA PRO D 97 -8.77 -9.22 18.88
C PRO D 97 -8.14 -8.35 17.79
N GLY D 98 -7.73 -9.00 16.70
CA GLY D 98 -7.12 -8.28 15.60
C GLY D 98 -5.66 -7.94 15.80
N SER D 99 -5.07 -8.30 16.93
CA SER D 99 -3.65 -8.04 17.13
C SER D 99 -2.84 -8.97 16.25
N LYS D 100 -1.78 -8.44 15.67
CA LYS D 100 -0.91 -9.19 14.78
C LYS D 100 0.47 -9.32 15.42
N ALA D 101 1.18 -10.39 15.05
CA ALA D 101 2.60 -10.47 15.36
C ALA D 101 3.38 -9.36 14.63
N GLN D 102 4.35 -8.77 15.31
CA GLN D 102 5.09 -7.64 14.78
C GLN D 102 6.35 -8.05 14.04
N ILE D 103 6.39 -9.28 13.52
CA ILE D 103 7.57 -9.84 12.90
C ILE D 103 7.14 -10.66 11.71
N SER D 104 7.99 -10.72 10.68
CA SER D 104 7.74 -11.63 9.57
C SER D 104 7.73 -13.07 10.06
N PHE D 105 6.80 -13.88 9.52
CA PHE D 105 6.68 -15.25 9.96
C PHE D 105 7.92 -16.07 9.62
N ILE D 106 8.75 -15.63 8.66
CA ILE D 106 10.01 -16.32 8.36
C ILE D 106 10.90 -16.35 9.59
N LYS D 107 10.77 -15.37 10.47
CA LYS D 107 11.47 -15.33 11.75
C LYS D 107 10.77 -16.14 12.82
N ASP D 108 10.29 -17.34 12.45
CA ASP D 108 9.68 -18.26 13.38
C ASP D 108 10.77 -18.94 14.20
N LEU D 109 10.42 -20.03 14.87
CA LEU D 109 11.34 -20.65 15.81
C LEU D 109 12.32 -21.62 15.18
N ALA D 110 12.35 -21.74 13.84
CA ALA D 110 13.24 -22.74 13.23
C ALA D 110 13.81 -22.35 11.88
N THR D 111 13.05 -21.59 11.08
CA THR D 111 13.34 -21.47 9.66
C THR D 111 14.71 -20.85 9.41
N LEU D 112 15.03 -19.75 10.10
CA LEU D 112 16.32 -19.09 9.87
C LEU D 112 17.49 -19.94 10.32
N ARG D 113 17.24 -20.99 11.10
CA ARG D 113 18.28 -21.97 11.39
C ARG D 113 18.30 -23.10 10.37
N ASP D 114 17.13 -23.64 10.04
CA ASP D 114 17.00 -24.73 9.08
C ASP D 114 15.58 -24.77 8.54
N PRO D 115 15.37 -24.30 7.31
CA PRO D 115 14.02 -24.32 6.73
C PRO D 115 13.42 -25.71 6.57
N ARG D 116 14.22 -26.77 6.65
CA ARG D 116 13.71 -28.14 6.54
C ARG D 116 13.07 -28.63 7.83
N SER D 117 13.24 -27.92 8.94
CA SER D 117 12.73 -28.37 10.23
C SER D 117 11.22 -28.53 10.23
N SER D 118 10.75 -29.54 10.94
CA SER D 118 9.32 -29.74 11.11
C SER D 118 8.68 -28.68 11.99
N PHE D 119 9.47 -27.85 12.66
CA PHE D 119 8.93 -26.80 13.54
C PHE D 119 8.80 -25.44 12.88
N THR D 120 8.79 -25.38 11.55
CA THR D 120 8.57 -24.09 10.90
C THR D 120 7.10 -23.71 10.92
N PHE D 121 6.86 -22.41 10.82
CA PHE D 121 5.49 -21.89 10.69
C PHE D 121 4.80 -22.48 9.48
N LEU D 122 5.50 -22.60 8.35
CA LEU D 122 4.86 -23.14 7.16
C LEU D 122 4.49 -24.60 7.33
N ASN D 123 5.36 -25.42 7.93
CA ASN D 123 4.99 -26.82 8.13
C ASN D 123 3.87 -26.95 9.13
N TYR D 124 3.86 -26.09 10.16
CA TYR D 124 2.73 -26.05 11.07
C TYR D 124 1.43 -25.82 10.31
N LEU D 125 1.39 -24.77 9.47
CA LEU D 125 0.21 -24.50 8.65
C LEU D 125 -0.13 -25.71 7.79
N HIS D 126 0.90 -26.34 7.22
CA HIS D 126 0.64 -27.50 6.39
C HIS D 126 -0.03 -28.61 7.18
N GLN D 127 0.46 -28.85 8.40
CA GLN D 127 -0.13 -29.90 9.23
C GLN D 127 -1.56 -29.58 9.61
N LYS D 128 -1.91 -28.30 9.72
CA LYS D 128 -3.26 -27.88 10.04
C LYS D 128 -4.18 -27.84 8.83
N GLY D 129 -3.66 -28.09 7.62
CA GLY D 129 -4.46 -27.94 6.43
C GLY D 129 -4.76 -26.50 6.07
N ARG D 130 -3.88 -25.58 6.47
CA ARG D 130 -4.16 -24.16 6.26
C ARG D 130 -3.12 -23.47 5.38
N LEU D 131 -2.15 -24.19 4.82
CA LEU D 131 -1.01 -23.53 4.19
C LEU D 131 -1.45 -22.67 3.00
N ILE D 132 -2.21 -23.25 2.06
CA ILE D 132 -2.66 -22.47 0.91
C ILE D 132 -3.53 -21.31 1.37
N HIS D 133 -4.35 -21.52 2.40
CA HIS D 133 -5.25 -20.47 2.86
C HIS D 133 -4.48 -19.31 3.46
N PHE D 134 -3.38 -19.59 4.19
CA PHE D 134 -2.54 -18.51 4.66
C PHE D 134 -1.87 -17.81 3.49
N THR D 135 -1.51 -18.56 2.45
CA THR D 135 -0.84 -17.94 1.31
C THR D 135 -1.70 -16.85 0.67
N ASN D 136 -2.99 -17.12 0.50
CA ASN D 136 -3.92 -16.16 -0.09
C ASN D 136 -4.16 -14.94 0.79
N LEU D 137 -3.68 -14.94 2.02
CA LEU D 137 -3.71 -13.72 2.84
C LEU D 137 -2.73 -12.67 2.32
N SER D 138 -1.65 -13.08 1.66
CA SER D 138 -0.61 -12.16 1.19
C SER D 138 -0.08 -11.29 2.33
N THR D 139 0.19 -11.91 3.48
CA THR D 139 0.73 -11.19 4.62
C THR D 139 1.88 -11.95 5.26
N PHE D 140 2.84 -11.18 5.78
CA PHE D 140 3.91 -11.75 6.58
C PHE D 140 3.62 -11.75 8.08
N LEU D 141 2.61 -10.99 8.54
CA LEU D 141 2.34 -10.83 9.95
C LEU D 141 1.09 -11.63 10.31
N PRO D 142 1.24 -12.80 10.92
CA PRO D 142 0.06 -13.56 11.35
C PRO D 142 -0.62 -12.85 12.52
N ALA D 143 -1.92 -13.11 12.67
CA ALA D 143 -2.59 -12.72 13.89
C ALA D 143 -1.83 -13.29 15.08
N ARG D 144 -1.76 -12.52 16.17
CA ARG D 144 -1.11 -13.02 17.37
C ARG D 144 -1.77 -14.31 17.83
N LEU D 145 -3.09 -14.41 17.69
CA LEU D 145 -3.77 -15.66 18.02
C LEU D 145 -3.19 -16.83 17.24
N GLU D 146 -2.85 -16.60 15.97
CA GLU D 146 -2.31 -17.71 15.18
C GLU D 146 -0.85 -18.01 15.53
N PHE D 147 -0.02 -16.99 15.70
CA PHE D 147 1.37 -17.29 16.01
C PHE D 147 1.48 -17.97 17.37
N GLU D 148 0.62 -17.60 18.32
CA GLU D 148 0.58 -18.32 19.57
C GLU D 148 0.21 -19.78 19.35
N ASP D 149 -0.77 -20.05 18.48
CA ASP D 149 -1.15 -21.44 18.28
C ASP D 149 -0.03 -22.23 17.65
N TYR D 150 0.70 -21.61 16.71
CA TYR D 150 1.86 -22.26 16.14
C TYR D 150 2.86 -22.67 17.22
N MET D 151 3.17 -21.76 18.14
CA MET D 151 4.11 -22.13 19.20
C MET D 151 3.47 -23.09 20.20
N ARG D 152 2.15 -22.99 20.42
CA ARG D 152 1.48 -23.99 21.24
C ARG D 152 1.60 -25.37 20.61
N TRP D 153 1.44 -25.45 19.29
CA TRP D 153 1.60 -26.71 18.56
C TRP D 153 3.04 -27.23 18.63
N CYS D 154 4.03 -26.33 18.52
CA CYS D 154 5.41 -26.74 18.77
C CYS D 154 5.59 -27.31 20.18
N ALA D 155 5.05 -26.59 21.18
CA ALA D 155 5.31 -26.93 22.58
C ALA D 155 4.79 -28.31 22.93
N GLN D 156 3.70 -28.74 22.28
CA GLN D 156 3.09 -30.01 22.62
C GLN D 156 4.01 -31.18 22.33
N GLN D 157 4.94 -31.00 21.38
CA GLN D 157 5.88 -32.09 21.11
C GLN D 157 6.91 -32.23 22.24
N PHE D 158 6.92 -31.30 23.22
CA PHE D 158 7.80 -31.38 24.37
C PHE D 158 7.06 -31.56 25.69
N SER D 159 5.84 -32.08 25.67
CA SER D 159 5.03 -32.16 26.89
C SER D 159 5.66 -33.02 27.98
N ASP D 160 6.51 -33.98 27.61
CA ASP D 160 7.14 -34.85 28.61
C ASP D 160 8.27 -34.16 29.38
N VAL D 161 8.78 -33.01 28.92
CA VAL D 161 9.92 -32.40 29.57
C VAL D 161 9.60 -31.01 30.12
N VAL D 162 8.33 -30.61 30.10
CA VAL D 162 7.92 -29.31 30.61
C VAL D 162 7.03 -29.51 31.84
N ALA D 163 7.42 -28.90 32.96
CA ALA D 163 6.59 -28.83 34.15
C ALA D 163 5.90 -27.48 34.14
N TYR D 164 4.59 -27.48 33.88
CA TYR D 164 3.85 -26.22 33.91
C TYR D 164 3.42 -25.90 35.34
N GLY D 165 3.04 -24.64 35.55
CA GLY D 165 2.63 -24.20 36.87
C GLY D 165 3.73 -24.23 37.91
N GLU D 166 4.99 -24.13 37.49
CA GLU D 166 6.12 -24.13 38.40
C GLU D 166 6.79 -22.77 38.30
N GLU D 167 6.66 -21.96 39.37
CA GLU D 167 7.26 -20.64 39.41
C GLU D 167 8.61 -20.76 40.11
N VAL D 168 9.68 -20.63 39.34
CA VAL D 168 11.01 -20.72 39.94
C VAL D 168 11.23 -19.51 40.84
N VAL D 169 11.70 -19.77 42.07
CA VAL D 169 11.91 -18.74 43.06
C VAL D 169 13.39 -18.54 43.40
N GLU D 170 14.22 -19.58 43.30
CA GLU D 170 15.63 -19.41 43.55
C GLU D 170 16.43 -20.55 42.93
N VAL D 171 17.70 -20.25 42.71
CA VAL D 171 18.70 -21.18 42.22
C VAL D 171 19.80 -21.22 43.26
N ILE D 172 20.13 -22.43 43.72
CA ILE D 172 21.04 -22.54 44.85
C ILE D 172 22.31 -23.23 44.38
N PRO D 173 23.49 -22.77 44.80
CA PRO D 173 24.71 -23.47 44.39
C PRO D 173 24.75 -24.83 45.07
N GLY D 174 25.30 -25.81 44.36
CA GLY D 174 25.42 -27.13 44.90
C GLY D 174 26.80 -27.70 44.70
N LYS D 175 27.36 -28.22 45.78
CA LYS D 175 28.66 -28.87 45.78
C LYS D 175 28.45 -30.36 46.04
N SER D 176 28.84 -31.19 45.07
CA SER D 176 28.92 -32.62 45.34
C SER D 176 29.95 -32.91 46.43
N ASP D 177 31.02 -32.10 46.51
CA ASP D 177 32.00 -32.18 47.59
C ASP D 177 31.86 -30.92 48.44
N PRO D 178 30.98 -30.91 49.46
CA PRO D 178 30.82 -29.71 50.29
C PRO D 178 32.11 -29.25 50.97
N SER D 179 33.13 -30.10 51.11
CA SER D 179 34.41 -29.71 51.71
C SER D 179 35.31 -28.94 50.77
N SER D 180 34.95 -28.82 49.49
CA SER D 180 35.71 -28.06 48.50
C SER D 180 35.02 -26.73 48.22
N SER D 181 35.71 -25.87 47.48
CA SER D 181 35.12 -24.61 47.04
C SER D 181 34.46 -24.73 45.66
N VAL D 182 34.54 -25.88 45.01
CA VAL D 182 34.04 -26.03 43.65
C VAL D 182 32.53 -26.31 43.68
N VAL D 183 31.76 -25.40 43.13
CA VAL D 183 30.33 -25.61 42.88
C VAL D 183 30.22 -26.32 41.54
N ASP D 184 29.57 -27.48 41.53
CA ASP D 184 29.47 -28.28 40.32
C ASP D 184 28.04 -28.66 39.95
N PHE D 185 27.03 -28.13 40.63
CA PHE D 185 25.66 -28.23 40.15
C PHE D 185 24.85 -27.11 40.78
N PHE D 186 23.60 -27.01 40.35
CA PHE D 186 22.67 -26.04 40.90
C PHE D 186 21.37 -26.75 41.25
N THR D 187 20.74 -26.27 42.33
CA THR D 187 19.41 -26.70 42.73
C THR D 187 18.43 -25.58 42.43
N VAL D 188 17.42 -25.89 41.62
CA VAL D 188 16.40 -24.92 41.24
C VAL D 188 15.12 -25.25 41.99
N ARG D 189 14.69 -24.32 42.84
CA ARG D 189 13.49 -24.49 43.65
C ARG D 189 12.35 -23.67 43.06
N SER D 190 11.18 -24.30 42.93
CA SER D 190 10.02 -23.67 42.33
C SER D 190 8.78 -23.88 43.19
N ARG D 191 7.92 -22.88 43.18
CA ARG D 191 6.67 -22.89 43.93
C ARG D 191 5.55 -23.26 42.97
N ASN D 192 4.87 -24.36 43.26
CA ASN D 192 3.73 -24.73 42.43
C ASN D 192 2.65 -23.68 42.57
N VAL D 193 2.16 -23.17 41.44
CA VAL D 193 1.20 -22.07 41.51
C VAL D 193 -0.14 -22.54 42.06
N GLU D 194 -0.46 -23.84 41.94
CA GLU D 194 -1.74 -24.33 42.41
C GLU D 194 -1.70 -24.79 43.87
N THR D 195 -0.59 -25.36 44.32
CA THR D 195 -0.49 -25.87 45.69
C THR D 195 0.25 -24.94 46.63
N GLY D 196 1.07 -24.04 46.10
CA GLY D 196 1.98 -23.26 46.92
C GLY D 196 3.20 -24.02 47.37
N GLU D 197 3.24 -25.34 47.17
CA GLU D 197 4.34 -26.16 47.62
C GLU D 197 5.59 -25.90 46.80
N ILE D 198 6.73 -25.82 47.49
CA ILE D 198 8.03 -25.65 46.86
C ILE D 198 8.66 -27.01 46.60
N SER D 199 9.07 -27.23 45.35
CA SER D 199 9.82 -28.41 44.93
C SER D 199 11.15 -27.95 44.35
N ALA D 200 12.14 -28.84 44.41
CA ALA D 200 13.51 -28.58 43.98
C ALA D 200 13.95 -29.56 42.91
N ARG D 201 14.76 -29.09 41.98
CA ARG D 201 15.38 -29.92 40.95
C ARG D 201 16.86 -29.59 40.85
N ARG D 202 17.68 -30.64 40.72
CA ARG D 202 19.12 -30.51 40.66
C ARG D 202 19.58 -30.61 39.21
N THR D 203 20.49 -29.72 38.81
CA THR D 203 20.99 -29.65 37.45
C THR D 203 22.42 -29.12 37.46
N ARG D 204 23.23 -29.56 36.49
CA ARG D 204 24.55 -28.97 36.36
C ARG D 204 24.49 -27.63 35.63
N LYS D 205 23.56 -27.46 34.66
CA LYS D 205 23.50 -26.23 33.87
C LYS D 205 22.10 -25.63 33.92
N VAL D 206 22.04 -24.29 33.98
CA VAL D 206 20.79 -23.54 34.09
C VAL D 206 20.66 -22.56 32.93
N VAL D 207 19.45 -22.43 32.40
CA VAL D 207 19.08 -21.34 31.50
C VAL D 207 17.97 -20.52 32.15
N ILE D 208 18.12 -19.21 32.17
CA ILE D 208 17.10 -18.29 32.64
C ILE D 208 16.55 -17.58 31.42
N ALA D 209 15.33 -17.94 31.02
CA ALA D 209 14.66 -17.37 29.86
C ALA D 209 13.25 -16.97 30.30
N ILE D 210 13.16 -15.91 31.11
CA ILE D 210 11.94 -15.56 31.82
C ILE D 210 11.35 -14.25 31.34
N GLY D 211 11.76 -13.77 30.16
CA GLY D 211 11.16 -12.56 29.60
C GLY D 211 11.31 -11.36 30.50
N GLY D 212 10.23 -10.60 30.65
CA GLY D 212 10.27 -9.37 31.40
C GLY D 212 9.16 -9.32 32.44
N THR D 213 9.39 -8.48 33.44
CA THR D 213 8.39 -8.18 34.47
C THR D 213 7.82 -6.80 34.22
N ALA D 214 6.58 -6.60 34.66
CA ALA D 214 5.89 -5.34 34.41
C ALA D 214 6.66 -4.16 34.98
N LYS D 215 7.02 -3.22 34.11
CA LYS D 215 7.68 -1.98 34.52
C LYS D 215 6.57 -0.98 34.79
N MET D 216 6.38 -0.62 36.06
CA MET D 216 5.39 0.35 36.50
C MET D 216 6.07 1.64 36.92
N PRO D 217 5.55 2.80 36.51
CA PRO D 217 6.10 4.06 37.01
C PRO D 217 6.11 4.06 38.54
N SER D 218 7.21 4.56 39.10
CA SER D 218 7.39 4.52 40.56
C SER D 218 6.34 5.32 41.29
N GLY D 219 5.75 6.31 40.63
CA GLY D 219 4.77 7.14 41.31
C GLY D 219 3.39 6.54 41.44
N LEU D 220 3.08 5.47 40.71
CA LEU D 220 1.73 4.93 40.78
C LEU D 220 1.57 4.09 42.05
N PRO D 221 0.50 4.29 42.81
CA PRO D 221 0.20 3.41 43.94
C PRO D 221 -0.38 2.10 43.46
N GLN D 222 -0.31 1.11 44.34
CA GLN D 222 -0.95 -0.18 44.08
C GLN D 222 -2.45 -0.05 44.29
N ASP D 223 -3.22 -0.51 43.30
CA ASP D 223 -4.66 -0.48 43.36
C ASP D 223 -5.13 -1.47 42.33
N PRO D 224 -6.14 -2.30 42.62
CA PRO D 224 -6.60 -3.27 41.61
C PRO D 224 -7.16 -2.64 40.34
N ARG D 225 -7.48 -1.34 40.36
CA ARG D 225 -7.94 -0.63 39.18
C ARG D 225 -6.78 -0.07 38.34
N ILE D 226 -5.54 -0.23 38.81
CA ILE D 226 -4.34 0.12 38.07
C ILE D 226 -3.71 -1.19 37.59
N ILE D 227 -3.82 -1.46 36.29
CA ILE D 227 -3.51 -2.75 35.71
C ILE D 227 -2.49 -2.57 34.59
N HIS D 228 -1.41 -3.35 34.66
CA HIS D 228 -0.38 -3.35 33.62
C HIS D 228 -0.89 -4.02 32.33
N SER D 229 -0.34 -3.58 31.19
CA SER D 229 -0.80 -4.07 29.89
C SER D 229 -0.74 -5.60 29.80
N SER D 230 0.26 -6.21 30.43
CA SER D 230 0.39 -7.67 30.45
C SER D 230 -0.79 -8.36 31.10
N LYS D 231 -1.65 -7.63 31.81
CA LYS D 231 -2.81 -8.24 32.43
C LYS D 231 -4.12 -7.74 31.83
N TYR D 232 -4.04 -7.06 30.68
CA TYR D 232 -5.22 -6.39 30.12
C TYR D 232 -6.37 -7.37 29.90
N CYS D 233 -6.16 -8.34 29.01
CA CYS D 233 -7.25 -9.23 28.60
C CYS D 233 -7.71 -10.14 29.72
N THR D 234 -6.86 -10.42 30.70
CA THR D 234 -7.19 -11.41 31.72
C THR D 234 -7.75 -10.80 32.99
N THR D 235 -7.42 -9.54 33.28
CA THR D 235 -7.77 -8.90 34.53
C THR D 235 -8.83 -7.83 34.39
N LEU D 236 -8.77 -7.02 33.33
CA LEU D 236 -9.71 -5.92 33.19
C LEU D 236 -11.15 -6.38 33.08
N PRO D 237 -11.50 -7.38 32.25
CA PRO D 237 -12.91 -7.81 32.22
C PRO D 237 -13.43 -8.25 33.57
N ALA D 238 -12.58 -8.85 34.39
CA ALA D 238 -12.99 -9.21 35.73
C ALA D 238 -13.29 -7.97 36.56
N LEU D 239 -12.51 -6.92 36.37
CA LEU D 239 -12.76 -5.70 37.11
C LEU D 239 -13.93 -4.92 36.50
N LEU D 240 -14.01 -4.89 35.18
CA LEU D 240 -15.06 -4.16 34.47
C LEU D 240 -15.94 -5.17 33.71
N LYS D 241 -16.97 -5.66 34.39
CA LYS D 241 -17.76 -6.78 33.91
C LYS D 241 -18.79 -6.40 32.84
N ASP D 242 -19.33 -5.18 32.86
CA ASP D 242 -20.43 -4.78 31.98
C ASP D 242 -19.87 -4.16 30.69
N LYS D 243 -19.87 -4.94 29.59
CA LYS D 243 -19.34 -4.42 28.33
C LYS D 243 -20.06 -3.16 27.86
N SER D 244 -21.25 -2.87 28.40
CA SER D 244 -22.05 -1.74 27.94
C SER D 244 -21.96 -0.51 28.84
N LYS D 245 -21.38 -0.61 30.03
CA LYS D 245 -21.41 0.52 30.95
C LYS D 245 -20.49 1.64 30.44
N PRO D 246 -20.83 2.90 30.75
CA PRO D 246 -20.00 4.03 30.29
C PRO D 246 -18.77 4.24 31.18
N TYR D 247 -17.91 3.23 31.24
CA TYR D 247 -16.70 3.36 32.05
C TYR D 247 -15.82 4.50 31.54
N ASN D 248 -15.09 5.13 32.44
CA ASN D 248 -13.97 5.97 32.07
C ASN D 248 -12.71 5.15 32.29
N ILE D 249 -11.95 4.94 31.22
CA ILE D 249 -10.77 4.09 31.25
C ILE D 249 -9.62 4.87 30.65
N ALA D 250 -8.55 5.04 31.42
CA ALA D 250 -7.34 5.71 30.94
C ALA D 250 -6.30 4.67 30.54
N VAL D 251 -5.45 5.04 29.59
CA VAL D 251 -4.32 4.24 29.14
C VAL D 251 -3.07 5.11 29.21
N LEU D 252 -2.05 4.63 29.91
CA LEU D 252 -0.80 5.35 30.08
C LEU D 252 0.27 4.73 29.20
N GLY D 253 0.84 5.52 28.30
CA GLY D 253 1.91 5.06 27.41
C GLY D 253 1.72 5.50 25.98
N SER D 254 2.70 5.22 25.12
CA SER D 254 2.57 5.61 23.72
C SER D 254 3.12 4.57 22.75
N GLY D 255 3.41 3.36 23.23
CA GLY D 255 3.96 2.31 22.40
C GLY D 255 2.90 1.37 21.86
N GLN D 256 3.38 0.26 21.31
CA GLN D 256 2.51 -0.65 20.57
C GLN D 256 1.37 -1.13 21.46
N SER D 257 1.69 -1.52 22.69
CA SER D 257 0.69 -2.03 23.61
C SER D 257 -0.28 -0.94 24.04
N ALA D 258 0.23 0.27 24.29
CA ALA D 258 -0.67 1.36 24.64
C ALA D 258 -1.69 1.57 23.53
N ALA D 259 -1.23 1.57 22.28
CA ALA D 259 -2.10 1.81 21.13
C ALA D 259 -3.12 0.69 20.96
N GLU D 260 -2.69 -0.57 21.14
CA GLU D 260 -3.59 -1.69 21.00
C GLU D 260 -4.70 -1.66 22.04
N ILE D 261 -4.35 -1.33 23.29
CA ILE D 261 -5.37 -1.28 24.33
C ILE D 261 -6.34 -0.14 24.08
N PHE D 262 -5.80 1.05 23.80
CA PHE D 262 -6.62 2.21 23.51
C PHE D 262 -7.59 1.90 22.37
N HIS D 263 -7.07 1.29 21.29
CA HIS D 263 -7.92 0.93 20.18
C HIS D 263 -8.92 -0.16 20.57
N ASP D 264 -8.46 -1.21 21.26
CA ASP D 264 -9.36 -2.30 21.64
C ASP D 264 -10.44 -1.84 22.60
N LEU D 265 -10.10 -0.97 23.57
CA LEU D 265 -11.10 -0.55 24.55
C LEU D 265 -12.32 0.06 23.88
N GLN D 266 -12.11 0.81 22.82
CA GLN D 266 -13.20 1.51 22.15
C GLN D 266 -14.20 0.53 21.53
N LYS D 267 -13.74 -0.65 21.11
CA LYS D 267 -14.67 -1.66 20.61
C LYS D 267 -15.20 -2.53 21.73
N ARG D 268 -14.35 -2.89 22.71
CA ARG D 268 -14.76 -3.80 23.78
C ARG D 268 -15.75 -3.16 24.74
N TYR D 269 -15.58 -1.87 25.04
CA TYR D 269 -16.51 -1.10 25.87
C TYR D 269 -16.99 0.08 25.04
N PRO D 270 -17.96 -0.14 24.15
CA PRO D 270 -18.29 0.89 23.13
C PRO D 270 -18.85 2.19 23.69
N ASN D 271 -19.44 2.18 24.89
CA ASN D 271 -19.97 3.40 25.49
C ASN D 271 -19.01 4.05 26.47
N SER D 272 -17.79 3.53 26.56
CA SER D 272 -16.82 4.06 27.50
C SER D 272 -16.23 5.37 26.99
N ARG D 273 -15.59 6.10 27.89
CA ARG D 273 -14.81 7.27 27.54
C ARG D 273 -13.36 6.96 27.86
N THR D 274 -12.55 6.77 26.81
CA THR D 274 -11.15 6.37 26.94
C THR D 274 -10.23 7.56 26.69
N THR D 275 -9.13 7.59 27.43
CA THR D 275 -8.16 8.67 27.35
C THR D 275 -6.75 8.10 27.29
N LEU D 276 -6.01 8.43 26.23
CA LEU D 276 -4.61 8.03 26.11
C LEU D 276 -3.72 9.14 26.63
N ILE D 277 -2.95 8.84 27.68
CA ILE D 277 -2.05 9.80 28.31
C ILE D 277 -0.62 9.45 27.94
N MET D 278 0.11 10.41 27.39
CA MET D 278 1.47 10.13 26.97
C MET D 278 2.38 11.30 27.28
N ARG D 279 3.62 10.98 27.65
CA ARG D 279 4.60 12.02 27.86
C ARG D 279 5.05 12.59 26.52
N ASP D 280 5.10 11.75 25.50
CA ASP D 280 5.52 12.20 24.18
C ASP D 280 4.41 13.03 23.53
N SER D 281 4.79 13.76 22.49
CA SER D 281 3.84 14.63 21.80
C SER D 281 2.98 13.86 20.81
N ALA D 282 3.37 12.65 20.43
CA ALA D 282 2.63 11.89 19.44
C ALA D 282 3.01 10.43 19.48
N MET D 283 2.05 9.59 19.14
CA MET D 283 2.33 8.21 18.75
C MET D 283 3.31 8.22 17.56
N ARG D 284 4.35 7.39 17.64
CA ARG D 284 5.35 7.38 16.58
C ARG D 284 5.37 6.04 15.86
N PRO D 285 5.66 6.03 14.56
CA PRO D 285 5.55 4.79 13.80
C PRO D 285 6.78 3.89 13.98
N SER D 286 6.55 2.60 13.90
CA SER D 286 7.67 1.68 13.90
C SER D 286 8.31 1.70 12.52
N ASP D 287 9.64 1.75 12.51
CA ASP D 287 10.44 1.80 11.30
C ASP D 287 10.45 0.43 10.63
N ASP D 288 9.80 0.32 9.47
CA ASP D 288 9.77 -0.92 8.72
C ASP D 288 10.77 -0.94 7.58
N SER D 289 11.64 0.06 7.48
CA SER D 289 12.53 0.16 6.34
C SER D 289 13.65 -0.89 6.39
N PRO D 290 14.07 -1.39 5.24
CA PRO D 290 14.95 -2.58 5.24
C PRO D 290 16.37 -2.35 5.73
N PHE D 291 17.00 -1.21 5.44
CA PHE D 291 18.38 -1.01 5.89
C PHE D 291 18.46 -0.93 7.41
N VAL D 292 17.55 -0.16 8.03
CA VAL D 292 17.50 -0.01 9.48
C VAL D 292 17.28 -1.36 10.16
N ASN D 293 16.32 -2.13 9.65
CA ASN D 293 15.98 -3.39 10.31
C ASN D 293 17.03 -4.48 10.15
N GLU D 294 18.13 -4.23 9.44
CA GLU D 294 19.22 -5.21 9.44
C GLU D 294 19.87 -5.37 10.81
N ILE D 295 19.67 -4.43 11.75
CA ILE D 295 20.20 -4.63 13.11
C ILE D 295 19.61 -5.87 13.77
N PHE D 296 18.44 -6.33 13.29
CA PHE D 296 17.76 -7.52 13.80
C PHE D 296 18.20 -8.81 13.14
N ASN D 297 19.08 -8.73 12.13
CA ASN D 297 19.58 -9.94 11.48
C ASN D 297 20.35 -10.80 12.49
N PRO D 298 20.26 -12.13 12.40
CA PRO D 298 21.00 -12.97 13.36
C PRO D 298 22.50 -12.75 13.32
N GLU D 299 23.08 -12.56 12.13
CA GLU D 299 24.54 -12.42 12.03
C GLU D 299 25.03 -11.08 12.56
N ARG D 300 24.14 -10.14 12.89
CA ARG D 300 24.57 -8.89 13.50
C ARG D 300 24.93 -9.04 14.96
N VAL D 301 24.44 -10.09 15.61
CA VAL D 301 24.79 -10.35 17.00
C VAL D 301 26.29 -10.41 17.16
N ASP D 302 26.99 -11.12 16.25
CA ASP D 302 28.45 -11.12 16.30
C ASP D 302 29.02 -9.71 16.26
N LYS D 303 28.54 -8.90 15.31
CA LYS D 303 29.09 -7.56 15.15
C LYS D 303 28.79 -6.71 16.38
N PHE D 304 27.53 -6.70 16.80
CA PHE D 304 27.14 -5.90 17.96
C PHE D 304 27.91 -6.32 19.20
N TYR D 305 28.02 -7.63 19.45
CA TYR D 305 28.66 -8.08 20.68
C TYR D 305 30.11 -7.64 20.75
N SER D 306 30.81 -7.67 19.62
CA SER D 306 32.22 -7.32 19.63
C SER D 306 32.47 -5.82 19.74
N GLN D 307 31.43 -4.99 19.61
CA GLN D 307 31.60 -3.56 19.78
C GLN D 307 31.89 -3.20 21.23
N SER D 308 32.54 -2.06 21.43
CA SER D 308 32.85 -1.58 22.77
C SER D 308 31.57 -1.21 23.53
N ALA D 309 31.68 -1.17 24.85
CA ALA D 309 30.54 -0.75 25.66
C ALA D 309 30.05 0.62 25.23
N ALA D 310 30.98 1.56 25.03
CA ALA D 310 30.57 2.88 24.56
C ALA D 310 29.87 2.80 23.21
N GLU D 311 30.35 1.95 22.30
CA GLU D 311 29.74 1.92 20.97
C GLU D 311 28.40 1.19 20.98
N ARG D 312 28.27 0.15 21.80
CA ARG D 312 26.97 -0.51 21.94
C ARG D 312 25.96 0.43 22.57
N GLN D 313 26.38 1.16 23.59
CA GLN D 313 25.49 2.11 24.27
C GLN D 313 25.00 3.18 23.30
N ARG D 314 25.92 3.77 22.53
CA ARG D 314 25.53 4.78 21.55
C ARG D 314 24.68 4.17 20.44
N SER D 315 25.03 2.96 20.00
CA SER D 315 24.29 2.32 18.93
C SER D 315 22.85 2.02 19.36
N LEU D 316 22.65 1.64 20.62
CA LEU D 316 21.29 1.37 21.09
C LEU D 316 20.44 2.63 21.09
N LEU D 317 21.03 3.76 21.48
CA LEU D 317 20.28 5.01 21.46
C LEU D 317 19.88 5.38 20.04
N ALA D 318 20.83 5.32 19.12
CA ALA D 318 20.59 5.63 17.72
C ALA D 318 19.84 4.48 17.05
N ASP D 319 20.55 3.70 16.23
CA ASP D 319 20.06 2.54 15.47
C ASP D 319 18.55 2.52 15.30
N LYS D 320 17.80 2.27 16.37
CA LYS D 320 16.34 2.31 16.27
C LYS D 320 15.75 2.62 17.64
N ALA D 321 14.54 3.17 17.62
CA ALA D 321 13.76 3.33 18.84
C ALA D 321 13.52 1.96 19.47
N THR D 322 13.52 1.94 20.81
CA THR D 322 13.46 0.69 21.57
C THR D 322 12.32 -0.20 21.10
N ASN D 323 12.51 -1.51 21.24
CA ASN D 323 11.50 -2.48 20.87
C ASN D 323 10.20 -2.21 21.64
N TYR D 324 9.12 -1.96 20.90
CA TYR D 324 7.73 -1.86 21.33
C TYR D 324 7.41 -0.46 21.86
N SER D 325 8.35 0.48 21.86
CA SER D 325 8.07 1.86 22.25
C SER D 325 7.45 2.67 21.12
N VAL D 326 7.21 2.07 19.96
CA VAL D 326 6.57 2.72 18.83
C VAL D 326 5.42 1.85 18.36
N VAL D 327 4.70 2.31 17.35
CA VAL D 327 3.42 1.74 16.99
C VAL D 327 3.42 1.40 15.52
N ARG D 328 2.87 0.25 15.19
CA ARG D 328 2.69 -0.12 13.79
C ARG D 328 1.92 0.97 13.05
N LEU D 329 2.49 1.43 11.93
CA LEU D 329 1.89 2.54 11.18
C LEU D 329 0.41 2.30 10.90
N GLU D 330 0.07 1.08 10.48
CA GLU D 330 -1.32 0.77 10.15
C GLU D 330 -2.25 1.01 11.36
N LEU D 331 -1.76 0.77 12.57
CA LEU D 331 -2.60 1.01 13.74
C LEU D 331 -2.73 2.50 14.05
N ILE D 332 -1.63 3.25 13.96
CA ILE D 332 -1.72 4.70 14.16
C ILE D 332 -2.76 5.28 13.21
N GLU D 333 -2.73 4.86 11.95
CA GLU D 333 -3.63 5.41 10.96
C GLU D 333 -5.08 5.07 11.28
N GLU D 334 -5.35 3.85 11.77
CA GLU D 334 -6.71 3.51 12.16
C GLU D 334 -7.16 4.37 13.34
N ILE D 335 -6.31 4.53 14.35
CA ILE D 335 -6.67 5.35 15.50
C ILE D 335 -6.90 6.79 15.07
N TYR D 336 -6.02 7.34 14.24
CA TYR D 336 -6.23 8.69 13.75
C TYR D 336 -7.54 8.79 12.97
N ASN D 337 -7.83 7.79 12.13
CA ASN D 337 -9.10 7.83 11.40
C ASN D 337 -10.28 7.86 12.36
N ASP D 338 -10.25 7.03 13.42
CA ASP D 338 -11.32 7.08 14.42
C ASP D 338 -11.41 8.45 15.06
N MET D 339 -10.26 9.03 15.42
CA MET D 339 -10.29 10.36 16.02
C MET D 339 -10.89 11.37 15.05
N TYR D 340 -10.54 11.27 13.77
CA TYR D 340 -11.08 12.19 12.76
C TYR D 340 -12.59 12.06 12.65
N LEU D 341 -13.12 10.84 12.72
CA LEU D 341 -14.56 10.66 12.67
C LEU D 341 -15.25 11.37 13.83
N GLN D 342 -14.66 11.32 15.03
CA GLN D 342 -15.21 12.11 16.13
C GLN D 342 -15.20 13.59 15.77
N ARG D 343 -14.16 14.03 15.05
CA ARG D 343 -14.08 15.43 14.66
C ARG D 343 -15.20 15.81 13.70
N VAL D 344 -15.56 14.91 12.78
CA VAL D 344 -16.69 15.18 11.87
C VAL D 344 -17.96 15.42 12.67
N LYS D 345 -18.17 14.63 13.73
CA LYS D 345 -19.41 14.72 14.50
C LYS D 345 -19.42 15.90 15.47
N ASN D 346 -18.27 16.28 16.01
CA ASN D 346 -18.18 17.36 16.97
C ASN D 346 -16.82 18.02 16.82
N PRO D 347 -16.77 19.30 16.40
CA PRO D 347 -15.47 19.96 16.16
C PRO D 347 -14.70 20.24 17.43
N ASP D 348 -15.33 20.13 18.60
CA ASP D 348 -14.73 20.46 19.89
C ASP D 348 -14.08 19.19 20.47
N GLU D 349 -12.74 19.14 20.38
CA GLU D 349 -11.99 17.97 20.83
C GLU D 349 -12.26 17.62 22.29
N THR D 350 -12.52 18.61 23.14
CA THR D 350 -12.69 18.31 24.57
C THR D 350 -13.96 17.51 24.84
N GLN D 351 -14.92 17.53 23.93
CA GLN D 351 -16.16 16.79 24.12
C GLN D 351 -16.10 15.41 23.50
N TRP D 352 -14.97 14.98 22.95
CA TRP D 352 -14.89 13.69 22.29
C TRP D 352 -14.96 12.56 23.31
N GLN D 353 -15.63 11.49 22.92
CA GLN D 353 -15.68 10.28 23.72
C GLN D 353 -14.28 9.75 24.02
N HIS D 354 -13.44 9.67 22.99
CA HIS D 354 -12.10 9.11 23.11
C HIS D 354 -11.08 10.19 22.78
N ARG D 355 -10.08 10.36 23.65
CA ARG D 355 -9.16 11.48 23.53
C ARG D 355 -7.72 11.00 23.74
N ILE D 356 -6.80 11.76 23.16
CA ILE D 356 -5.38 11.59 23.39
C ILE D 356 -4.88 12.85 24.07
N LEU D 357 -4.14 12.67 25.18
CA LEU D 357 -3.57 13.78 25.93
C LEU D 357 -2.06 13.70 25.82
N PRO D 358 -1.46 14.39 24.85
CA PRO D 358 0.00 14.30 24.67
C PRO D 358 0.76 15.21 25.63
N GLU D 359 2.05 14.91 25.79
CA GLU D 359 2.94 15.69 26.64
C GLU D 359 2.35 15.85 28.04
N ARG D 360 1.94 14.73 28.62
CA ARG D 360 1.40 14.71 29.98
C ARG D 360 2.16 13.71 30.85
N LYS D 361 2.19 13.99 32.15
CA LYS D 361 2.63 13.02 33.15
C LYS D 361 1.64 13.00 34.31
N ILE D 362 1.46 11.82 34.91
CA ILE D 362 0.64 11.69 36.10
C ILE D 362 1.44 12.18 37.29
N THR D 363 0.88 13.11 38.03
CA THR D 363 1.52 13.60 39.24
C THR D 363 0.87 13.12 40.53
N ARG D 364 -0.38 12.68 40.51
CA ARG D 364 -1.06 12.23 41.72
C ARG D 364 -2.26 11.36 41.33
N VAL D 365 -2.49 10.29 42.09
CA VAL D 365 -3.64 9.42 41.90
C VAL D 365 -4.36 9.27 43.24
N GLU D 366 -5.55 9.86 43.38
CA GLU D 366 -6.37 9.62 44.55
C GLU D 366 -7.10 8.30 44.33
N HIS D 367 -6.88 7.35 45.23
CA HIS D 367 -7.45 6.02 45.09
C HIS D 367 -7.96 5.45 46.41
N HIS D 368 -8.28 6.29 47.37
CA HIS D 368 -8.74 5.82 48.67
C HIS D 368 -10.18 6.28 48.81
N GLY D 369 -11.00 5.45 49.45
CA GLY D 369 -12.40 5.75 49.59
C GLY D 369 -13.28 4.90 48.70
N PRO D 370 -14.58 4.92 48.99
CA PRO D 370 -15.51 3.98 48.32
C PRO D 370 -15.84 4.30 46.86
N GLN D 371 -15.68 5.54 46.39
CA GLN D 371 -16.04 5.85 45.00
C GLN D 371 -15.24 4.99 44.04
N SER D 372 -15.95 4.30 43.16
CA SER D 372 -15.31 3.32 42.27
C SER D 372 -14.28 3.96 41.34
N ARG D 373 -14.31 5.28 41.18
CA ARG D 373 -13.36 5.97 40.32
C ARG D 373 -12.19 6.53 41.12
N MET D 374 -11.01 6.48 40.50
CA MET D 374 -9.83 7.19 40.95
C MET D 374 -9.76 8.55 40.27
N ARG D 375 -9.10 9.51 40.91
CA ARG D 375 -8.85 10.80 40.30
C ARG D 375 -7.39 10.88 39.90
N ILE D 376 -7.14 11.06 38.60
CA ILE D 376 -5.80 11.18 38.04
C ILE D 376 -5.49 12.65 37.85
N HIS D 377 -4.37 13.10 38.40
CA HIS D 377 -3.93 14.48 38.25
C HIS D 377 -2.83 14.52 37.20
N LEU D 378 -2.95 15.47 36.26
CA LEU D 378 -2.04 15.56 35.13
C LEU D 378 -1.33 16.89 35.12
N LYS D 379 -0.07 16.86 34.74
CA LYS D 379 0.72 18.05 34.50
C LYS D 379 1.45 17.86 33.19
N SER D 380 1.87 18.98 32.60
CA SER D 380 2.69 18.94 31.42
C SER D 380 3.97 18.14 31.70
N SER D 381 4.48 17.46 30.67
CA SER D 381 5.73 16.75 30.82
C SER D 381 6.93 17.61 30.39
N LYS D 382 6.71 18.84 29.97
CA LYS D 382 7.78 19.78 29.66
C LYS D 382 8.45 20.34 30.93
N GLU D 394 -5.62 20.10 35.77
CA GLU D 394 -6.17 19.07 34.89
C GLU D 394 -6.30 17.73 35.60
N THR D 395 -7.52 17.21 35.71
CA THR D 395 -7.79 15.97 36.43
C THR D 395 -8.71 15.07 35.63
N LEU D 396 -8.46 13.76 35.71
CA LEU D 396 -9.36 12.76 35.14
C LEU D 396 -9.88 11.87 36.26
N GLU D 397 -11.15 11.50 36.15
CA GLU D 397 -11.74 10.50 37.03
C GLU D 397 -12.03 9.25 36.21
N VAL D 398 -11.36 8.15 36.56
CA VAL D 398 -11.35 6.94 35.74
C VAL D 398 -11.73 5.76 36.60
N ASP D 399 -12.43 4.80 35.99
CA ASP D 399 -12.71 3.52 36.62
C ASP D 399 -11.51 2.58 36.56
N ALA D 400 -10.58 2.82 35.65
CA ALA D 400 -9.40 2.00 35.56
C ALA D 400 -8.33 2.74 34.79
N LEU D 401 -7.07 2.43 35.12
CA LEU D 401 -5.91 2.98 34.47
C LEU D 401 -5.09 1.79 33.98
N MET D 402 -5.02 1.61 32.65
CA MET D 402 -4.11 0.65 32.04
C MET D 402 -2.75 1.30 31.87
N VAL D 403 -1.70 0.53 32.18
CA VAL D 403 -0.36 1.05 32.24
C VAL D 403 0.48 0.26 31.23
N ALA D 404 0.77 0.87 30.09
CA ALA D 404 1.48 0.20 29.01
C ALA D 404 2.87 0.81 28.86
N THR D 405 3.67 0.61 29.90
CA THR D 405 4.97 1.24 30.03
C THR D 405 6.10 0.22 29.91
N GLY D 406 5.83 -0.94 29.32
CA GLY D 406 6.89 -1.88 29.03
C GLY D 406 7.31 -2.73 30.21
N TYR D 407 8.52 -3.27 30.10
CA TYR D 407 8.97 -4.35 30.97
C TYR D 407 10.39 -4.09 31.45
N ASN D 408 10.69 -4.63 32.63
CA ASN D 408 12.06 -4.80 33.12
C ASN D 408 12.51 -6.21 32.81
N ARG D 409 13.77 -6.36 32.47
CA ARG D 409 14.28 -7.68 32.13
C ARG D 409 15.51 -7.98 32.98
N ASN D 410 15.35 -7.84 34.29
CA ASN D 410 16.42 -8.13 35.24
C ASN D 410 15.95 -8.99 36.39
N ALA D 411 14.85 -9.74 36.21
CA ALA D 411 14.37 -10.61 37.28
C ALA D 411 15.34 -11.75 37.59
N HIS D 412 16.28 -12.03 36.70
CA HIS D 412 17.25 -13.09 36.94
C HIS D 412 18.18 -12.74 38.09
N GLU D 413 18.36 -11.45 38.38
CA GLU D 413 19.24 -11.07 39.50
C GLU D 413 18.66 -11.54 40.81
N ARG D 414 17.34 -11.40 40.98
CA ARG D 414 16.68 -11.94 42.16
C ARG D 414 16.79 -13.45 42.20
N LEU D 415 16.46 -14.12 41.09
CA LEU D 415 16.51 -15.58 41.05
C LEU D 415 17.92 -16.11 41.30
N LEU D 416 18.95 -15.38 40.89
CA LEU D 416 20.32 -15.85 40.99
C LEU D 416 21.06 -15.24 42.17
N SER D 417 20.35 -14.55 43.08
CA SER D 417 21.06 -13.83 44.14
C SER D 417 21.89 -14.78 45.01
N LYS D 418 21.44 -16.01 45.20
CA LYS D 418 22.20 -16.93 46.05
C LYS D 418 23.36 -17.58 45.31
N VAL D 419 23.56 -17.31 44.02
CA VAL D 419 24.74 -17.80 43.34
C VAL D 419 25.69 -16.70 42.92
N GLN D 420 25.39 -15.44 43.24
CA GLN D 420 26.16 -14.35 42.66
C GLN D 420 27.55 -14.23 43.24
N HIS D 421 27.81 -14.87 44.38
CA HIS D 421 29.16 -14.92 44.91
C HIS D 421 30.09 -15.78 44.07
N LEU D 422 29.57 -16.54 43.09
CA LEU D 422 30.40 -17.36 42.21
C LEU D 422 30.92 -16.61 40.99
N ARG D 423 30.50 -15.37 40.77
CA ARG D 423 31.04 -14.55 39.71
C ARG D 423 32.50 -14.22 40.00
N PRO D 424 33.28 -13.88 38.97
CA PRO D 424 34.64 -13.41 39.20
C PRO D 424 34.67 -12.26 40.19
N THR D 425 35.77 -12.16 40.93
CA THR D 425 35.93 -11.17 41.98
C THR D 425 35.48 -9.79 41.52
N GLY D 426 34.62 -9.17 42.32
CA GLY D 426 34.27 -7.79 42.08
C GLY D 426 33.20 -7.56 41.06
N GLN D 427 32.69 -8.59 40.40
CA GLN D 427 31.58 -8.39 39.47
C GLN D 427 30.29 -8.24 40.25
N ASP D 428 29.59 -7.13 40.03
CA ASP D 428 28.29 -6.92 40.64
C ASP D 428 27.17 -7.04 39.64
N GLN D 429 27.47 -7.48 38.43
CA GLN D 429 26.48 -7.75 37.41
C GLN D 429 26.78 -9.08 36.75
N TRP D 430 25.75 -9.70 36.21
CA TRP D 430 25.92 -10.92 35.44
C TRP D 430 26.40 -10.53 34.03
N LYS D 431 27.53 -11.11 33.61
CA LYS D 431 28.17 -10.76 32.35
C LYS D 431 28.08 -11.95 31.41
N PRO D 432 27.26 -11.91 30.36
CA PRO D 432 27.17 -13.05 29.45
C PRO D 432 28.27 -13.01 28.41
N HIS D 433 28.85 -14.16 28.10
CA HIS D 433 29.73 -14.26 26.95
C HIS D 433 28.91 -14.20 25.67
N ARG D 434 29.60 -14.24 24.53
CA ARG D 434 28.90 -14.24 23.24
C ARG D 434 27.84 -15.34 23.20
N ASP D 435 28.13 -16.50 23.80
CA ASP D 435 27.23 -17.65 23.79
C ASP D 435 26.30 -17.67 24.99
N TYR D 436 26.14 -16.55 25.69
CA TYR D 436 25.10 -16.32 26.70
C TYR D 436 25.43 -17.00 28.02
N ARG D 437 26.55 -17.71 28.11
CA ARG D 437 27.00 -18.25 29.38
C ARG D 437 27.57 -17.12 30.22
N VAL D 438 27.13 -17.03 31.48
CA VAL D 438 27.62 -15.96 32.35
C VAL D 438 29.03 -16.28 32.82
N GLU D 439 29.81 -15.23 33.03
CA GLU D 439 31.16 -15.39 33.55
C GLU D 439 31.11 -15.97 34.95
N MET D 440 31.97 -16.95 35.21
CA MET D 440 32.15 -17.48 36.55
C MET D 440 33.63 -17.51 36.91
N ASP D 441 33.89 -17.37 38.20
CA ASP D 441 35.21 -17.61 38.74
C ASP D 441 35.60 -19.06 38.49
N PRO D 442 36.66 -19.32 37.70
CA PRO D 442 37.02 -20.72 37.38
C PRO D 442 37.50 -21.53 38.56
N SER D 443 37.95 -20.91 39.65
CA SER D 443 38.32 -21.66 40.83
C SER D 443 37.15 -22.00 41.74
N LYS D 444 35.97 -21.41 41.49
CA LYS D 444 34.80 -21.69 42.31
C LYS D 444 33.76 -22.56 41.62
N VAL D 445 33.75 -22.63 40.30
CA VAL D 445 32.71 -23.32 39.55
C VAL D 445 33.38 -24.33 38.63
N SER D 446 32.89 -25.57 38.67
CA SER D 446 33.32 -26.56 37.71
C SER D 446 33.00 -26.09 36.30
N SER D 447 33.87 -26.44 35.37
CA SER D 447 33.61 -26.11 33.98
C SER D 447 32.48 -26.94 33.39
N GLU D 448 32.11 -28.04 34.03
CA GLU D 448 30.95 -28.79 33.59
C GLU D 448 29.65 -28.17 34.08
N ALA D 449 29.71 -27.07 34.82
CA ALA D 449 28.54 -26.39 35.32
C ALA D 449 28.56 -24.94 34.83
N GLY D 450 27.39 -24.35 34.73
CA GLY D 450 27.30 -22.95 34.34
C GLY D 450 25.86 -22.51 34.25
N ILE D 451 25.69 -21.21 34.01
CA ILE D 451 24.38 -20.59 33.91
C ILE D 451 24.35 -19.72 32.66
N TRP D 452 23.28 -19.84 31.87
CA TRP D 452 23.06 -19.06 30.66
C TRP D 452 21.90 -18.10 30.82
N LEU D 453 22.00 -16.92 30.22
CA LEU D 453 20.92 -15.94 30.21
C LEU D 453 20.37 -15.80 28.80
N GLN D 454 19.03 -15.75 28.68
CA GLN D 454 18.33 -15.59 27.42
C GLN D 454 17.32 -14.46 27.53
N GLY D 455 17.33 -13.53 26.56
CA GLY D 455 16.28 -12.55 26.40
C GLY D 455 16.51 -11.25 27.15
N CYS D 456 17.52 -11.19 28.02
CA CYS D 456 17.76 -10.01 28.84
C CYS D 456 19.11 -9.37 28.56
N ASN D 457 19.68 -9.60 27.38
CA ASN D 457 21.07 -9.20 27.13
C ASN D 457 21.16 -8.16 26.02
N GLU D 458 20.10 -7.38 25.84
CA GLU D 458 20.11 -6.30 24.84
C GLU D 458 21.41 -5.49 24.89
N ARG D 459 21.87 -5.13 26.09
CA ARG D 459 23.02 -4.26 26.21
C ARG D 459 24.29 -4.86 25.58
N THR D 460 24.42 -6.19 25.60
CA THR D 460 25.58 -6.85 25.01
C THR D 460 25.30 -7.48 23.65
N HIS D 461 24.04 -7.80 23.33
CA HIS D 461 23.74 -8.58 22.14
C HIS D 461 22.80 -7.90 21.17
N GLY D 462 22.21 -6.77 21.53
CA GLY D 462 21.44 -5.95 20.61
C GLY D 462 19.95 -6.01 20.87
N LEU D 463 19.24 -5.10 20.19
CA LEU D 463 17.81 -4.98 20.34
C LEU D 463 17.07 -6.27 20.01
N SER D 464 17.65 -7.14 19.18
CA SER D 464 16.98 -8.37 18.80
C SER D 464 16.89 -9.38 19.94
N ASP D 465 17.55 -9.12 21.07
CA ASP D 465 17.72 -10.16 22.07
C ASP D 465 16.40 -10.56 22.71
N SER D 466 15.52 -9.60 22.94
CA SER D 466 14.24 -9.85 23.62
C SER D 466 13.10 -10.18 22.66
N LEU D 467 13.36 -10.28 21.37
CA LEU D 467 12.31 -10.44 20.38
C LEU D 467 12.31 -11.88 19.87
N LEU D 468 11.37 -12.16 18.96
CA LEU D 468 11.42 -13.41 18.21
C LEU D 468 12.55 -13.43 17.19
N SER D 469 13.22 -12.29 16.97
CA SER D 469 14.03 -12.06 15.78
C SER D 469 15.07 -13.16 15.54
N VAL D 470 15.87 -13.49 16.54
CA VAL D 470 16.98 -14.40 16.31
C VAL D 470 16.82 -15.70 17.07
N LEU D 471 15.61 -16.03 17.52
CA LEU D 471 15.44 -17.19 18.39
C LEU D 471 15.82 -18.49 17.69
N ALA D 472 15.44 -18.65 16.42
CA ALA D 472 15.76 -19.89 15.72
C ALA D 472 17.25 -20.12 15.67
N VAL D 473 18.01 -19.10 15.25
CA VAL D 473 19.45 -19.24 15.14
C VAL D 473 20.07 -19.33 16.53
N ARG D 474 19.59 -18.51 17.45
CA ARG D 474 20.12 -18.52 18.81
C ARG D 474 19.88 -19.87 19.49
N GLY D 475 18.72 -20.48 19.22
CA GLY D 475 18.44 -21.80 19.76
C GLY D 475 19.49 -22.82 19.37
N GLY D 476 19.93 -22.79 18.12
CA GLY D 476 20.99 -23.68 17.70
C GLY D 476 22.30 -23.36 18.40
N GLU D 477 22.63 -22.08 18.50
CA GLU D 477 23.86 -21.70 19.20
C GLU D 477 23.83 -22.22 20.62
N MET D 478 22.67 -22.10 21.28
CA MET D 478 22.55 -22.56 22.66
C MET D 478 22.78 -24.06 22.76
N VAL D 479 22.21 -24.83 21.83
CA VAL D 479 22.40 -26.28 21.85
C VAL D 479 23.87 -26.63 21.69
N GLN D 480 24.57 -25.90 20.82
CA GLN D 480 26.01 -26.10 20.70
C GLN D 480 26.74 -25.71 21.98
N SER D 481 26.40 -24.57 22.56
CA SER D 481 27.12 -24.09 23.74
C SER D 481 26.97 -25.03 24.92
N ILE D 482 25.77 -25.55 25.15
CA ILE D 482 25.44 -26.35 26.33
C ILE D 482 25.71 -27.84 26.11
N PHE D 483 25.43 -28.36 24.91
CA PHE D 483 25.51 -29.79 24.64
C PHE D 483 26.56 -30.15 23.60
N GLY D 484 27.31 -29.17 23.08
CA GLY D 484 28.24 -29.42 22.00
C GLY D 484 29.17 -30.58 22.26
N GLU D 485 29.94 -30.48 23.35
CA GLU D 485 30.84 -31.56 23.72
C GLU D 485 30.06 -32.84 23.97
N GLN D 486 28.96 -32.72 24.72
CA GLN D 486 28.17 -33.89 25.11
C GLN D 486 27.68 -34.70 23.91
N LEU D 487 27.36 -34.03 22.80
CA LEU D 487 26.85 -34.74 21.62
C LEU D 487 27.97 -35.38 20.80
N GLU D 488 29.11 -34.69 20.66
CA GLU D 488 30.24 -35.20 19.89
C GLU D 488 31.09 -36.21 20.68
PA FAD E . 13.70 28.77 -2.59
O1A FAD E . 15.11 28.17 -2.58
O2A FAD E . 12.66 27.97 -3.18
O5B FAD E . 13.59 30.07 -3.28
C5B FAD E . 14.50 31.11 -3.03
C4B FAD E . 14.58 32.01 -4.26
O4B FAD E . 15.32 33.18 -4.02
C3B FAD E . 15.20 31.30 -5.44
O3B FAD E . 14.33 31.35 -6.53
C2B FAD E . 16.50 32.01 -5.66
O2B FAD E . 16.87 32.11 -6.97
C1B FAD E . 16.17 33.37 -5.14
N9A FAD E . 17.29 34.12 -4.68
C8A FAD E . 18.28 33.68 -3.82
N7A FAD E . 19.16 34.64 -3.59
C5A FAD E . 18.77 35.78 -4.28
C6A FAD E . 19.28 37.07 -4.41
N6A FAD E . 20.49 37.46 -3.72
N1A FAD E . 18.64 37.96 -5.19
C2A FAD E . 17.48 37.65 -5.85
N3A FAD E . 16.96 36.40 -5.73
C4A FAD E . 17.57 35.47 -4.99
N1 FAD E . 14.12 22.41 2.60
C2 FAD E . 15.00 22.23 3.74
O2 FAD E . 14.71 22.74 4.97
N3 FAD E . 16.20 21.60 3.58
C4 FAD E . 16.59 21.06 2.39
O4 FAD E . 17.78 20.42 2.31
C4X FAD E . 15.65 21.07 1.24
N5 FAD E . 15.95 20.36 0.08
C5X FAD E . 15.05 20.35 -0.98
C6 FAD E . 15.38 19.66 -2.16
C7 FAD E . 14.49 19.63 -3.21
C7M FAD E . 14.84 18.87 -4.46
C8 FAD E . 13.26 20.27 -3.10
C8M FAD E . 12.29 20.26 -4.22
C9 FAD E . 12.92 20.96 -1.94
C9A FAD E . 13.82 21.01 -0.88
N10 FAD E . 13.48 21.73 0.32
C10 FAD E . 14.39 21.75 1.40
C1' FAD E . 12.19 22.44 0.42
C2' FAD E . 12.31 23.82 -0.23
O2' FAD E . 13.06 24.69 0.56
C3' FAD E . 10.90 24.36 -0.51
O3' FAD E . 10.28 23.44 -1.33
C4' FAD E . 10.82 25.71 -1.22
O4' FAD E . 11.66 25.71 -2.31
C5' FAD E . 11.11 26.89 -0.29
O5' FAD E . 10.76 28.10 -0.94
P FAD E . 11.63 29.39 -0.59
O1P FAD E . 11.70 29.82 0.92
O2P FAD E . 10.99 30.40 -1.63
O3P FAD E . 13.11 29.06 -1.23
C1 PGE F . 24.05 29.83 -7.66
O1 PGE F . 24.35 29.61 -9.04
C2 PGE F . 22.58 29.56 -7.44
O2 PGE F . 22.34 28.17 -7.29
C3 PGE F . 20.97 27.90 -7.00
C4 PGE F . 20.52 26.62 -7.68
O4 PGE F . 21.24 26.46 -11.90
C6 PGE F . 20.10 25.91 -11.26
C5 PGE F . 20.40 25.61 -9.80
O3 PGE F . 20.45 26.82 -9.07
C ACT G . 4.20 18.37 5.12
O ACT G . 3.64 17.26 5.19
OXT ACT G . 3.70 19.54 5.25
CH3 ACT G . 5.72 18.34 4.84
CA CA H . -6.72 4.26 -9.24
PA FAD I . -30.11 9.38 -5.43
O1A FAD I . -28.85 9.51 -4.50
O2A FAD I . -30.87 8.15 -5.46
O5B FAD I . -31.19 10.38 -5.17
C5B FAD I . -32.50 10.37 -5.71
C4B FAD I . -33.42 11.18 -4.80
O4B FAD I . -34.72 11.34 -5.29
C3B FAD I . -33.55 10.53 -3.44
O3B FAD I . -33.23 11.43 -2.44
C2B FAD I . -34.96 10.08 -3.34
O2B FAD I . -35.42 10.18 -2.06
C1B FAD I . -35.63 11.05 -4.24
N9A FAD I . -36.83 10.57 -4.86
C8A FAD I . -37.05 9.35 -5.46
N7A FAD I . -38.29 9.30 -5.95
C5A FAD I . -38.93 10.49 -5.68
C6A FAD I . -40.20 11.01 -5.94
N6A FAD I . -41.20 10.26 -6.66
N1A FAD I . -40.49 12.24 -5.51
C2A FAD I . -39.59 13.01 -4.85
N3A FAD I . -38.36 12.55 -4.58
C4A FAD I . -38.00 11.32 -4.97
N1 FAD I . -25.29 3.35 -8.44
C2 FAD I . -25.61 2.34 -9.41
O2 FAD I . -25.53 2.60 -10.74
N3 FAD I . -26.04 1.10 -9.02
C4 FAD I . -26.14 0.79 -7.70
O4 FAD I . -26.58 -0.46 -7.37
C4X FAD I . -25.73 1.78 -6.65
N5 FAD I . -25.71 1.45 -5.29
C5X FAD I . -25.29 2.38 -4.35
C6 FAD I . -25.30 2.03 -2.98
C7 FAD I . -24.87 2.94 -2.02
C7M FAD I . -24.85 2.58 -0.55
C8 FAD I . -24.44 4.20 -2.39
C8M FAD I . -23.97 5.19 -1.35
C9 FAD I . -24.44 4.54 -3.75
C9A FAD I . -24.86 3.64 -4.72
N10 FAD I . -24.86 4.00 -6.12
C10 FAD I . -25.28 3.08 -7.09
C1' FAD I . -24.39 5.35 -6.53
C2' FAD I . -25.49 6.39 -6.33
O2' FAD I . -26.46 6.26 -7.30
C3' FAD I . -24.88 7.80 -6.31
O3' FAD I . -23.95 7.85 -5.29
C4' FAD I . -25.88 8.94 -6.10
O4' FAD I . -26.65 8.66 -4.99
C5' FAD I . -26.75 9.21 -7.32
O5' FAD I . -27.50 10.39 -7.13
P FAD I . -28.93 10.48 -7.82
O1P FAD I . -29.00 10.26 -9.36
O2P FAD I . -29.29 11.90 -7.29
O3P FAD I . -29.83 9.44 -6.90
C1 PGE J . -33.89 4.82 4.18
O1 PGE J . -35.18 4.35 4.56
C2 PGE J . -33.79 5.14 2.69
O2 PGE J . -34.74 4.46 1.89
C3 PGE J . -34.74 4.88 0.52
C4 PGE J . -35.76 4.06 -0.25
O4 PGE J . -39.72 3.67 1.06
C6 PGE J . -39.48 4.34 -0.17
C5 PGE J . -38.10 3.99 -0.72
O3 PGE J . -37.08 4.42 0.16
C ACT K . -15.34 6.89 -10.63
O ACT K . -14.14 6.56 -10.54
OXT ACT K . -15.82 7.93 -11.14
CH3 ACT K . -16.36 5.90 -10.03
PA FAD L . 8.20 -24.24 -19.46
O1A FAD L . 8.73 -23.22 -18.41
O2A FAD L . 7.89 -23.75 -20.80
O5B FAD L . 9.05 -25.44 -19.77
C5B FAD L . 8.99 -26.22 -20.95
C4B FAD L . 10.35 -26.89 -21.27
O4B FAD L . 10.27 -27.85 -22.29
C3B FAD L . 11.36 -25.87 -21.70
O3B FAD L . 12.50 -25.95 -20.91
C2B FAD L . 11.64 -26.21 -23.14
O2B FAD L . 12.94 -26.00 -23.53
C1B FAD L . 11.35 -27.65 -23.17
N9A FAD L . 10.96 -28.17 -24.45
C8A FAD L . 10.00 -27.68 -25.30
N7A FAD L . 9.91 -28.44 -26.38
C5A FAD L . 10.83 -29.47 -26.29
C6A FAD L . 11.18 -30.54 -27.09
N6A FAD L . 10.51 -30.75 -28.34
N1A FAD L . 12.14 -31.39 -26.70
C2A FAD L . 12.80 -31.24 -25.54
N3A FAD L . 12.50 -30.20 -24.72
C4A FAD L . 11.51 -29.33 -25.06
N1 FAD L . 1.67 -19.18 -18.85
C2 FAD L . 0.49 -19.02 -19.66
O2 FAD L . -0.57 -19.84 -19.48
N3 FAD L . 0.43 -18.12 -20.70
C4 FAD L . 1.48 -17.28 -20.96
O4 FAD L . 1.43 -16.36 -21.98
C4X FAD L . 2.63 -17.26 -20.03
N5 FAD L . 3.59 -16.29 -20.17
C5X FAD L . 4.65 -16.26 -19.28
C6 FAD L . 5.63 -15.26 -19.43
C7 FAD L . 6.69 -15.21 -18.53
C7M FAD L . 7.73 -14.13 -18.71
C8 FAD L . 6.79 -16.14 -17.51
C8M FAD L . 7.91 -16.14 -16.53
C9 FAD L . 5.81 -17.11 -17.36
C9A FAD L . 4.75 -17.18 -18.25
N10 FAD L . 3.75 -18.19 -18.08
C10 FAD L . 2.68 -18.24 -18.97
C1' FAD L . 3.85 -19.17 -16.97
C2' FAD L . 4.78 -20.32 -17.38
O2' FAD L . 4.19 -21.18 -18.27
C3' FAD L . 5.23 -21.05 -16.11
O3' FAD L . 5.87 -20.10 -15.37
C4' FAD L . 6.21 -22.18 -16.31
O4' FAD L . 7.23 -21.77 -17.14
C5' FAD L . 5.54 -23.46 -16.83
O5' FAD L . 6.46 -24.54 -16.73
P FAD L . 6.34 -25.64 -17.86
O1P FAD L . 4.93 -26.34 -18.01
O2P FAD L . 7.58 -26.51 -17.44
O3P FAD L . 6.87 -24.84 -19.19
C ACT M . -1.02 -17.92 -8.16
O ACT M . -0.90 -19.17 -8.00
OXT ACT M . -1.14 -17.03 -7.27
CH3 ACT M . -1.03 -17.41 -9.65
CA CA N . 10.06 -4.03 5.56
PA FAD O . 8.50 -14.62 27.10
O1A FAD O . 7.58 -14.71 25.85
O2A FAD O . 8.30 -13.60 28.10
O5B FAD O . 8.62 -15.86 27.92
C5B FAD O . 9.03 -15.87 29.27
C4B FAD O . 8.44 -17.09 29.98
O4B FAD O . 8.99 -17.31 31.24
C3B FAD O . 6.95 -16.99 30.15
O3B FAD O . 6.31 -18.09 29.59
C2B FAD O . 6.72 -16.88 31.62
O2B FAD O . 5.56 -17.47 32.09
C1B FAD O . 7.94 -17.60 32.13
N9A FAD O . 8.43 -17.22 33.43
C8A FAD O . 8.66 -15.94 33.87
N7A FAD O . 9.13 -15.97 35.13
C5A FAD O . 9.23 -17.29 35.54
C6A FAD O . 9.66 -17.91 36.71
N6A FAD O . 10.11 -17.11 37.81
N1A FAD O . 9.64 -19.25 36.80
C2A FAD O . 9.21 -20.03 35.77
N3A FAD O . 8.80 -19.46 34.61
C4A FAD O . 8.78 -18.12 34.46
N1 FAD O . 9.80 -7.04 23.82
C2 FAD O . 10.47 -5.90 24.35
O2 FAD O . 11.83 -5.81 24.22
N3 FAD O . 9.79 -4.92 25.06
C4 FAD O . 8.43 -5.01 25.22
O4 FAD O . 7.74 -4.04 25.92
C4X FAD O . 7.67 -6.11 24.55
N5 FAD O . 6.29 -6.14 24.57
C5X FAD O . 5.59 -7.15 23.91
C6 FAD O . 4.19 -7.15 23.94
C7 FAD O . 3.48 -8.15 23.28
C7M FAD O . 1.98 -8.14 23.33
C8 FAD O . 4.16 -9.13 22.58
C8M FAD O . 3.42 -10.21 21.87
C9 FAD O . 5.56 -9.13 22.53
C9A FAD O . 6.27 -8.14 23.20
N10 FAD O . 7.71 -8.13 23.16
C10 FAD O . 8.41 -7.10 23.83
C1' FAD O . 8.44 -9.17 22.42
C2' FAD O . 8.59 -10.42 23.26
O2' FAD O . 9.55 -10.26 24.25
C3' FAD O . 8.90 -11.61 22.36
O3' FAD O . 7.86 -11.71 21.48
C4' FAD O . 8.99 -12.93 23.10
O4' FAD O . 7.90 -13.05 23.93
C5' FAD O . 10.27 -13.17 23.88
O5' FAD O . 10.32 -14.52 24.28
P FAD O . 10.97 -14.84 25.72
O1P FAD O . 12.43 -14.30 25.91
O2P FAD O . 10.68 -16.38 25.74
O3P FAD O . 9.90 -14.25 26.81
C ACT P . 12.45 -8.06 13.20
O ACT P . 13.28 -9.00 13.33
OXT ACT P . 12.08 -7.51 12.16
CH3 ACT P . 11.79 -7.50 14.51
#